data_3RHH
#
_entry.id   3RHH
#
_cell.length_a   84.649
_cell.length_b   130.753
_cell.length_c   86.918
_cell.angle_alpha   90.00
_cell.angle_beta   102.69
_cell.angle_gamma   90.00
#
_symmetry.space_group_name_H-M   'P 1 21 1'
#
loop_
_entity.id
_entity.type
_entity.pdbx_description
1 polymer 'NADP-dependent glyceraldehyde-3-phosphate dehydrogenase'
2 non-polymer 'NADP NICOTINAMIDE-ADENINE-DINUCLEOTIDE PHOSPHATE'
3 non-polymer 'SULFATE ION'
4 water water
#
_entity_poly.entity_id   1
_entity_poly.type   'polypeptide(L)'
_entity_poly.pdbx_seq_one_letter_code
;MVMALQTEQFNANILRNGEWVESRTGERISISAPASGVALGSIPALSQEEVNDAIQGAKDAQKIWKIRPIHERVDLLYAW
ADLLEERKEIIGELIMHEVAKPKKSAIGEVSRTADIIRHTADEALRLNGETLKGDQFKGGSSKKIALVEREPLGVVLAIS
PFNYPVNLAAAKIAPALVTGNTVVFKPATQGSLSGIKMVEALADAGAPEGIIQVVTGRGSVIGDHLVEHPGIDMITFTGG
TTTGERISEKAKMIPVVLELGGKDPAIVLDDADLKLTASQIVSGAFSYSGQRCTAIKRVFVQDSVADQLVANIKELVEQL
TVGSPEDDADITPVIDEKSAAFIQGLIDDALENGATLLSGNKRQGNLLSPTLLDDVTPAMRVAWEEPFGPVLPIIRVKDA
NEAISLSNQSDYGLQASIFTKDTDRAINIGKHLEVGTVHINAKTERGPDHFPFLGVKKSGLGVQGIKPSLLSMTRERVTV
LNLAENLYFQSHHHHHHWSHPQFEK
;
_entity_poly.pdbx_strand_id   A,B,C,D
#
loop_
_chem_comp.id
_chem_comp.type
_chem_comp.name
_chem_comp.formula
NAP non-polymer 'NADP NICOTINAMIDE-ADENINE-DINUCLEOTIDE PHOSPHATE' 'C21 H28 N7 O17 P3'
SO4 non-polymer 'SULFATE ION' 'O4 S -2'
#
# COMPACT_ATOMS: atom_id res chain seq x y z
N GLN A 9 -33.67 20.88 34.75
CA GLN A 9 -33.37 20.38 33.37
C GLN A 9 -31.95 20.78 32.93
N PHE A 10 -31.73 20.89 31.63
CA PHE A 10 -30.40 21.17 31.05
C PHE A 10 -30.44 22.36 30.11
N ASN A 11 -30.25 23.56 30.67
CA ASN A 11 -30.15 24.77 29.85
C ASN A 11 -28.72 25.03 29.45
N ALA A 12 -28.41 24.70 28.20
CA ALA A 12 -27.04 24.55 27.74
C ALA A 12 -26.47 25.77 27.02
N ASN A 13 -25.17 25.96 27.19
CA ASN A 13 -24.41 26.96 26.48
C ASN A 13 -23.71 26.33 25.27
N ILE A 14 -22.93 27.11 24.52
CA ILE A 14 -22.15 26.57 23.39
C ILE A 14 -20.70 27.01 23.48
N LEU A 15 -19.82 26.26 22.83
CA LEU A 15 -18.39 26.52 22.93
C LEU A 15 -17.91 27.41 21.79
N ARG A 16 -17.34 28.56 22.14
CA ARG A 16 -16.64 29.41 21.18
C ARG A 16 -15.33 29.91 21.80
N ASN A 17 -14.24 29.63 21.11
CA ASN A 17 -12.91 29.99 21.59
C ASN A 17 -12.67 29.66 23.07
N GLY A 18 -13.09 28.46 23.48
CA GLY A 18 -12.77 27.95 24.81
C GLY A 18 -13.64 28.38 25.97
N GLU A 19 -14.67 29.16 25.72
CA GLU A 19 -15.63 29.46 26.80
C GLU A 19 -17.06 29.08 26.43
N TRP A 20 -17.87 28.80 27.44
CA TRP A 20 -19.26 28.41 27.25
C TRP A 20 -20.18 29.62 27.32
N VAL A 21 -20.79 29.93 26.18
CA VAL A 21 -21.57 31.15 26.03
C VAL A 21 -22.97 30.93 25.48
N GLU A 22 -23.80 31.96 25.62
CA GLU A 22 -25.16 31.98 25.11
C GLU A 22 -25.15 32.85 23.86
N SER A 23 -26.31 32.93 23.21
CA SER A 23 -26.50 33.91 22.16
C SER A 23 -26.54 35.29 22.80
N ARG A 24 -25.80 36.23 22.19
CA ARG A 24 -25.91 37.66 22.53
C ARG A 24 -27.36 38.12 22.39
N THR A 25 -28.04 37.49 21.43
CA THR A 25 -29.44 37.76 21.13
C THR A 25 -30.36 37.34 22.29
N GLY A 26 -29.87 36.44 23.14
CA GLY A 26 -30.60 35.99 24.34
C GLY A 26 -31.67 34.93 24.11
N GLU A 27 -31.78 34.43 22.88
CA GLU A 27 -32.89 33.54 22.57
C GLU A 27 -32.50 32.08 22.40
N ARG A 28 -33.37 31.22 22.93
CA ARG A 28 -33.15 29.79 22.91
C ARG A 28 -34.19 29.02 22.10
N ILE A 29 -33.96 27.73 21.95
CA ILE A 29 -34.91 26.80 21.37
C ILE A 29 -35.16 25.66 22.37
N SER A 30 -36.43 25.29 22.57
CA SER A 30 -36.75 24.28 23.59
C SER A 30 -36.63 22.85 23.07
N ILE A 31 -36.10 21.98 23.93
CA ILE A 31 -35.88 20.58 23.57
C ILE A 31 -36.60 19.66 24.56
N SER A 32 -37.51 18.87 24.00
CA SER A 32 -38.31 17.93 24.76
C SER A 32 -37.92 16.50 24.41
N ALA A 33 -38.35 15.55 25.25
CA ALA A 33 -38.19 14.14 24.96
C ALA A 33 -39.37 13.68 24.10
N PRO A 34 -39.09 13.15 22.88
CA PRO A 34 -40.11 12.71 21.92
C PRO A 34 -41.02 11.57 22.39
N ALA A 35 -40.58 10.82 23.40
CA ALA A 35 -41.36 9.68 23.90
C ALA A 35 -42.42 10.09 24.92
N SER A 36 -42.05 10.99 25.80
CA SER A 36 -42.90 11.41 26.92
C SER A 36 -43.44 12.83 26.75
N GLY A 37 -42.75 13.63 25.95
CA GLY A 37 -43.17 15.02 25.70
C GLY A 37 -42.67 15.98 26.75
N VAL A 38 -41.70 15.52 27.55
CA VAL A 38 -41.23 16.21 28.75
C VAL A 38 -40.01 17.09 28.49
N ALA A 39 -39.88 18.19 29.23
CA ALA A 39 -38.83 19.18 29.01
C ALA A 39 -37.47 18.70 29.45
N LEU A 40 -36.53 18.73 28.50
CA LEU A 40 -35.16 18.34 28.78
C LEU A 40 -34.23 19.55 28.94
N GLY A 41 -34.48 20.59 28.17
CA GLY A 41 -33.64 21.77 28.22
C GLY A 41 -33.83 22.71 27.05
N SER A 42 -32.78 23.45 26.73
CA SER A 42 -32.80 24.43 25.67
C SER A 42 -31.39 24.57 25.07
N ILE A 43 -31.30 25.27 23.94
CA ILE A 43 -30.03 25.56 23.29
C ILE A 43 -30.08 26.98 22.74
N PRO A 44 -28.93 27.69 22.68
CA PRO A 44 -29.02 29.02 22.11
C PRO A 44 -29.32 28.96 20.61
N ALA A 45 -30.16 29.86 20.14
CA ALA A 45 -30.35 30.05 18.70
C ALA A 45 -29.36 31.13 18.28
N LEU A 46 -28.31 30.74 17.56
CA LEU A 46 -27.23 31.68 17.24
C LEU A 46 -27.53 32.45 15.96
N SER A 47 -27.11 33.71 15.93
CA SER A 47 -27.26 34.55 14.74
C SER A 47 -26.25 34.14 13.69
N GLN A 48 -26.31 34.76 12.52
CA GLN A 48 -25.32 34.60 11.46
C GLN A 48 -23.98 35.23 11.88
N GLU A 49 -24.07 36.24 12.73
CA GLU A 49 -22.91 36.97 13.18
C GLU A 49 -22.13 36.11 14.17
N GLU A 50 -22.85 35.38 15.01
CA GLU A 50 -22.22 34.45 15.95
C GLU A 50 -21.63 33.24 15.20
N VAL A 51 -22.24 32.91 14.06
CA VAL A 51 -21.71 31.90 13.14
C VAL A 51 -20.46 32.41 12.40
N ASN A 52 -20.38 33.71 12.18
CA ASN A 52 -19.16 34.30 11.64
C ASN A 52 -18.04 34.27 12.66
N ASP A 53 -18.39 34.39 13.94
CA ASP A 53 -17.42 34.37 15.03
C ASP A 53 -16.82 32.99 15.24
N ALA A 54 -17.66 31.99 15.17
CA ALA A 54 -17.23 30.65 15.23
C ALA A 54 -16.24 30.37 14.13
N ILE A 55 -16.62 30.70 12.91
CA ILE A 55 -15.83 30.33 11.76
C ILE A 55 -14.51 31.03 11.75
N GLN A 56 -14.50 32.29 12.15
CA GLN A 56 -13.26 33.02 12.15
C GLN A 56 -12.28 32.55 13.22
N GLY A 57 -12.77 32.31 14.42
CA GLY A 57 -12.01 31.68 15.46
C GLY A 57 -11.37 30.36 15.05
N ALA A 58 -12.13 29.45 14.51
CA ALA A 58 -11.58 28.19 14.12
C ALA A 58 -10.46 28.35 13.10
N LYS A 59 -10.69 29.13 12.07
CA LYS A 59 -9.67 29.52 11.09
C LYS A 59 -8.33 29.90 11.74
N ASP A 60 -8.40 30.71 12.79
CA ASP A 60 -7.19 31.24 13.44
C ASP A 60 -6.57 30.19 14.35
N ALA A 61 -7.41 29.37 14.99
CA ALA A 61 -6.96 28.26 15.82
C ALA A 61 -6.27 27.13 15.01
N GLN A 62 -6.67 26.98 13.74
CA GLN A 62 -6.10 25.95 12.87
C GLN A 62 -4.64 26.21 12.55
N LYS A 63 -4.30 27.48 12.34
CA LYS A 63 -2.92 27.88 12.03
C LYS A 63 -1.93 27.49 13.15
N ILE A 64 -2.39 27.55 14.39
CA ILE A 64 -1.65 27.05 15.55
C ILE A 64 -1.76 25.52 15.65
N TRP A 65 -2.95 24.99 15.35
CA TRP A 65 -3.24 23.55 15.46
C TRP A 65 -2.51 22.64 14.45
N LYS A 66 -2.45 23.06 13.18
CA LYS A 66 -1.75 22.27 12.16
C LYS A 66 -0.29 22.05 12.52
N ILE A 67 0.28 23.00 13.27
CA ILE A 67 1.70 22.99 13.62
C ILE A 67 2.05 22.01 14.75
N ARG A 68 1.10 21.73 15.62
CA ARG A 68 1.28 20.75 16.70
C ARG A 68 1.76 19.41 16.12
N PRO A 69 2.71 18.74 16.78
CA PRO A 69 3.11 17.41 16.32
C PRO A 69 1.97 16.39 16.38
N ILE A 70 2.02 15.43 15.47
CA ILE A 70 0.96 14.47 15.26
C ILE A 70 0.54 13.69 16.51
N HIS A 71 1.49 13.43 17.40
CA HIS A 71 1.25 12.67 18.63
C HIS A 71 0.50 13.53 19.65
N GLU A 72 0.63 14.84 19.54
CA GLU A 72 -0.07 15.76 20.43
C GLU A 72 -1.58 15.74 20.14
N ARG A 73 -1.90 15.72 18.84
CA ARG A 73 -3.29 15.72 18.41
C ARG A 73 -3.97 14.38 18.75
N VAL A 74 -3.27 13.27 18.53
CA VAL A 74 -3.80 11.95 18.92
C VAL A 74 -3.97 11.77 20.45
N ASP A 75 -3.05 12.35 21.23
CA ASP A 75 -3.17 12.33 22.69
C ASP A 75 -4.46 13.01 23.12
N LEU A 76 -4.91 14.00 22.33
CA LEU A 76 -6.16 14.68 22.64
C LEU A 76 -7.36 13.76 22.36
N LEU A 77 -7.42 13.17 21.16
CA LEU A 77 -8.47 12.23 20.84
C LEU A 77 -8.56 11.12 21.91
N TYR A 78 -7.41 10.67 22.37
CA TYR A 78 -7.32 9.67 23.43
C TYR A 78 -7.95 10.15 24.72
N ALA A 79 -7.58 11.35 25.14
CA ALA A 79 -8.08 11.92 26.40
C ALA A 79 -9.58 12.17 26.34
N TRP A 80 -10.05 12.51 25.14
CA TRP A 80 -11.47 12.75 24.86
C TRP A 80 -12.24 11.43 24.91
N ALA A 81 -11.71 10.38 24.29
CA ALA A 81 -12.35 9.05 24.28
C ALA A 81 -12.45 8.39 25.66
N ASP A 82 -11.40 8.54 26.46
CA ASP A 82 -11.42 8.09 27.85
C ASP A 82 -12.55 8.77 28.59
N LEU A 83 -12.65 10.09 28.43
CA LEU A 83 -13.70 10.87 29.10
C LEU A 83 -15.11 10.51 28.65
N LEU A 84 -15.28 10.29 27.35
CA LEU A 84 -16.58 9.88 26.83
C LEU A 84 -17.04 8.57 27.45
N GLU A 85 -16.13 7.61 27.56
CA GLU A 85 -16.43 6.31 28.15
C GLU A 85 -16.92 6.31 29.61
N GLU A 86 -16.30 7.11 30.48
CA GLU A 86 -16.76 7.16 31.88
C GLU A 86 -18.04 8.02 32.00
N ARG A 87 -18.38 8.70 30.91
CA ARG A 87 -19.62 9.46 30.86
C ARG A 87 -20.69 8.73 30.05
N LYS A 88 -20.40 7.49 29.66
CA LYS A 88 -21.32 6.68 28.85
C LYS A 88 -22.71 6.58 29.48
N GLU A 89 -22.77 6.30 30.79
CA GLU A 89 -24.06 6.16 31.46
C GLU A 89 -24.85 7.45 31.35
N ILE A 90 -24.17 8.57 31.61
CA ILE A 90 -24.84 9.87 31.65
C ILE A 90 -25.12 10.41 30.24
N ILE A 91 -24.12 10.42 29.37
CA ILE A 91 -24.35 10.80 27.97
C ILE A 91 -25.37 9.84 27.35
N GLY A 92 -25.27 8.57 27.75
CA GLY A 92 -26.23 7.54 27.40
C GLY A 92 -27.65 7.87 27.80
N GLU A 93 -27.87 8.23 29.07
CA GLU A 93 -29.21 8.61 29.50
C GLU A 93 -29.74 9.77 28.67
N LEU A 94 -28.90 10.79 28.43
CA LEU A 94 -29.34 11.95 27.66
C LEU A 94 -29.82 11.58 26.27
N ILE A 95 -28.99 10.86 25.52
CA ILE A 95 -29.31 10.47 24.14
C ILE A 95 -30.68 9.80 24.10
N MET A 96 -30.91 8.88 25.02
CA MET A 96 -32.11 8.05 24.98
C MET A 96 -33.36 8.87 25.19
N HIS A 97 -33.24 9.90 26.03
CA HIS A 97 -34.33 10.81 26.26
C HIS A 97 -34.45 11.76 25.07
N GLU A 98 -33.36 12.40 24.68
CA GLU A 98 -33.41 13.42 23.64
C GLU A 98 -33.98 12.93 22.31
N VAL A 99 -33.59 11.73 21.89
CA VAL A 99 -33.98 11.18 20.57
C VAL A 99 -34.70 9.81 20.66
N ALA A 100 -35.10 9.45 21.88
CA ALA A 100 -35.90 8.26 22.14
C ALA A 100 -35.25 6.94 21.76
N LYS A 101 -33.94 6.85 21.92
CA LYS A 101 -33.22 5.63 21.54
C LYS A 101 -33.20 4.68 22.72
N PRO A 102 -33.55 3.40 22.49
CA PRO A 102 -33.57 2.43 23.59
C PRO A 102 -32.29 2.52 24.40
N LYS A 103 -32.42 2.47 25.71
CA LYS A 103 -31.31 2.70 26.65
C LYS A 103 -29.97 2.06 26.28
N LYS A 104 -29.99 0.76 25.98
CA LYS A 104 -28.75 0.00 25.79
C LYS A 104 -28.02 0.35 24.50
N SER A 105 -28.73 0.57 23.39
CA SER A 105 -28.04 0.93 22.15
C SER A 105 -27.72 2.43 22.13
N ALA A 106 -28.14 3.10 23.21
CA ALA A 106 -27.82 4.50 23.46
C ALA A 106 -26.61 4.61 24.39
N ILE A 107 -26.47 3.69 25.32
CA ILE A 107 -25.25 3.63 26.12
C ILE A 107 -24.17 3.07 25.21
N GLY A 108 -24.53 2.05 24.44
CA GLY A 108 -23.66 1.46 23.44
C GLY A 108 -23.25 2.41 22.34
N GLU A 109 -23.91 3.57 22.23
CA GLU A 109 -23.52 4.58 21.24
C GLU A 109 -22.29 5.32 21.70
N VAL A 110 -22.21 5.58 22.99
CA VAL A 110 -21.11 6.33 23.56
C VAL A 110 -19.82 5.49 23.52
N SER A 111 -19.91 4.23 23.97
CA SER A 111 -18.80 3.28 23.94
C SER A 111 -18.23 3.17 22.52
N ARG A 112 -19.11 2.90 21.57
CA ARG A 112 -18.73 2.82 20.17
C ARG A 112 -18.04 4.09 19.68
N THR A 113 -18.56 5.25 20.09
CA THR A 113 -17.95 6.53 19.72
C THR A 113 -16.49 6.59 20.22
N ALA A 114 -16.31 6.26 21.50
CA ALA A 114 -14.98 6.20 22.09
C ALA A 114 -14.02 5.31 21.31
N ASP A 115 -14.57 4.23 20.75
CA ASP A 115 -13.80 3.24 20.03
C ASP A 115 -13.41 3.81 18.68
N ILE A 116 -14.37 4.45 18.03
CA ILE A 116 -14.14 5.12 16.75
C ILE A 116 -13.07 6.19 16.90
N ILE A 117 -13.04 6.83 18.07
CA ILE A 117 -12.15 7.95 18.32
C ILE A 117 -10.69 7.48 18.38
N ARG A 118 -10.47 6.38 19.12
CA ARG A 118 -9.11 5.81 19.36
C ARG A 118 -8.56 5.17 18.10
N HIS A 119 -9.41 4.39 17.44
CA HIS A 119 -9.04 3.78 16.19
C HIS A 119 -8.70 4.85 15.15
N THR A 120 -9.41 5.99 15.22
CA THR A 120 -9.17 7.12 14.30
C THR A 120 -7.82 7.76 14.59
N ALA A 121 -7.51 7.90 15.87
CA ALA A 121 -6.23 8.42 16.30
C ALA A 121 -5.12 7.47 15.84
N ASP A 122 -5.33 6.17 16.07
CA ASP A 122 -4.34 5.15 15.75
C ASP A 122 -4.01 5.16 14.26
N GLU A 123 -5.05 5.26 13.43
CA GLU A 123 -4.87 5.23 11.98
C GLU A 123 -4.23 6.51 11.43
N ALA A 124 -4.47 7.62 12.11
CA ALA A 124 -3.85 8.89 11.74
C ALA A 124 -2.35 8.74 11.89
N LEU A 125 -1.97 8.24 13.07
CA LEU A 125 -0.61 7.99 13.51
C LEU A 125 0.23 7.10 12.58
N ARG A 126 -0.39 6.47 11.60
CA ARG A 126 0.41 5.72 10.64
C ARG A 126 0.09 6.04 9.17
N LEU A 127 -0.41 7.24 8.93
CA LEU A 127 -0.39 7.80 7.59
C LEU A 127 1.05 8.18 7.33
N ASN A 128 1.66 7.48 6.38
CA ASN A 128 3.05 7.76 6.01
C ASN A 128 3.07 8.55 4.73
N GLY A 129 4.19 9.19 4.47
CA GLY A 129 4.43 9.81 3.18
C GLY A 129 4.95 8.80 2.19
N GLU A 130 5.22 9.27 0.97
CA GLU A 130 5.83 8.46 -0.07
C GLU A 130 6.78 9.28 -0.92
N THR A 131 7.83 8.64 -1.43
CA THR A 131 8.77 9.30 -2.34
C THR A 131 8.67 8.69 -3.74
N LEU A 132 8.80 9.55 -4.75
CA LEU A 132 8.74 9.12 -6.12
C LEU A 132 9.94 9.72 -6.84
N LYS A 133 10.64 8.93 -7.63
CA LYS A 133 11.72 9.45 -8.48
C LYS A 133 11.13 9.91 -9.80
N GLY A 134 11.74 10.95 -10.37
CA GLY A 134 11.31 11.51 -11.64
C GLY A 134 11.22 10.47 -12.73
N ASP A 135 12.25 9.63 -12.81
CA ASP A 135 12.38 8.66 -13.90
C ASP A 135 11.47 7.41 -13.86
N GLN A 136 10.58 7.35 -12.88
CA GLN A 136 9.56 6.29 -12.83
C GLN A 136 8.46 6.55 -13.87
N PHE A 137 8.75 7.41 -14.84
CA PHE A 137 7.89 7.77 -15.96
C PHE A 137 8.80 8.15 -17.13
N LYS A 138 8.46 7.72 -18.34
CA LYS A 138 9.34 7.92 -19.49
C LYS A 138 9.56 9.41 -19.73
N GLY A 139 10.80 9.77 -20.01
CA GLY A 139 11.17 11.18 -20.06
C GLY A 139 11.71 11.54 -18.69
N GLY A 140 10.79 11.72 -17.73
CA GLY A 140 11.09 11.99 -16.32
C GLY A 140 12.56 11.82 -15.95
N SER A 141 13.15 12.90 -15.44
CA SER A 141 14.59 12.95 -15.21
C SER A 141 15.04 12.12 -14.02
N SER A 142 16.19 11.47 -14.19
CA SER A 142 16.78 10.59 -13.19
C SER A 142 16.97 11.26 -11.82
N LYS A 143 17.05 12.59 -11.80
CA LYS A 143 17.55 13.34 -10.63
C LYS A 143 16.56 14.28 -9.91
N LYS A 144 15.27 13.99 -9.98
CA LYS A 144 14.30 14.70 -9.14
C LYS A 144 13.47 13.74 -8.32
N ILE A 145 13.17 14.13 -7.09
CA ILE A 145 12.37 13.28 -6.22
C ILE A 145 11.20 14.04 -5.58
N ALA A 146 10.04 13.41 -5.55
CA ALA A 146 8.84 14.02 -4.97
C ALA A 146 8.56 13.48 -3.58
N LEU A 147 8.48 14.38 -2.62
CA LEU A 147 8.10 14.02 -1.26
C LEU A 147 6.64 14.41 -1.07
N VAL A 148 5.79 13.42 -0.84
CA VAL A 148 4.36 13.62 -0.81
C VAL A 148 3.86 13.36 0.60
N GLU A 149 3.46 14.43 1.29
CA GLU A 149 2.90 14.32 2.63
C GLU A 149 1.40 14.59 2.57
N ARG A 150 0.76 14.66 3.72
CA ARG A 150 -0.67 14.95 3.76
C ARG A 150 -0.97 16.22 4.57
N GLU A 151 -1.75 17.11 3.98
CA GLU A 151 -2.01 18.42 4.57
C GLU A 151 -3.49 18.60 4.90
N PRO A 152 -3.82 19.16 6.08
CA PRO A 152 -5.20 19.46 6.44
C PRO A 152 -5.77 20.56 5.56
N LEU A 153 -7.09 20.52 5.35
CA LEU A 153 -7.76 21.43 4.44
C LEU A 153 -7.99 22.82 5.02
N GLY A 154 -8.15 22.90 6.34
CA GLY A 154 -8.50 24.15 6.99
C GLY A 154 -9.60 23.95 8.03
N VAL A 155 -10.76 24.55 7.77
CA VAL A 155 -11.91 24.46 8.70
C VAL A 155 -12.99 23.51 8.18
N VAL A 156 -13.33 22.51 9.00
CA VAL A 156 -14.35 21.51 8.67
C VAL A 156 -15.72 21.89 9.22
N LEU A 157 -16.70 22.00 8.31
CA LEU A 157 -18.10 22.11 8.70
C LEU A 157 -18.69 20.72 8.80
N ALA A 158 -19.09 20.34 10.02
CA ALA A 158 -19.59 19.01 10.26
C ALA A 158 -21.01 19.09 10.79
N ILE A 159 -21.92 18.48 10.04
CA ILE A 159 -23.36 18.55 10.32
C ILE A 159 -23.87 17.14 10.44
N SER A 160 -24.49 16.88 11.60
CA SER A 160 -24.93 15.55 12.01
C SER A 160 -26.47 15.46 12.26
N PRO A 161 -27.08 14.25 12.12
CA PRO A 161 -28.52 14.08 12.25
C PRO A 161 -28.94 13.77 13.69
N PHE A 162 -30.22 13.46 13.88
CA PHE A 162 -30.76 13.23 15.19
C PHE A 162 -30.49 11.83 15.71
N ASN A 163 -30.41 10.86 14.80
CA ASN A 163 -30.45 9.44 15.18
C ASN A 163 -29.17 8.87 15.79
N TYR A 164 -28.06 9.56 15.57
CA TYR A 164 -26.78 9.22 16.16
C TYR A 164 -26.10 10.51 16.54
N PRO A 165 -26.64 11.19 17.57
CA PRO A 165 -26.24 12.55 17.92
C PRO A 165 -24.79 12.66 18.39
N VAL A 166 -24.19 11.54 18.78
CA VAL A 166 -22.82 11.52 19.28
C VAL A 166 -21.89 10.80 18.31
N ASN A 167 -22.30 9.62 17.91
CA ASN A 167 -21.56 8.77 17.01
C ASN A 167 -21.34 9.45 15.65
N LEU A 168 -22.41 9.97 15.06
CA LEU A 168 -22.26 10.65 13.77
C LEU A 168 -21.58 12.03 13.84
N ALA A 169 -21.48 12.57 15.06
CA ALA A 169 -20.80 13.85 15.28
C ALA A 169 -19.30 13.62 15.41
N ALA A 170 -18.94 12.75 16.34
CA ALA A 170 -17.54 12.38 16.60
C ALA A 170 -16.83 11.74 15.41
N ALA A 171 -17.54 10.93 14.63
CA ALA A 171 -16.95 10.24 13.47
C ALA A 171 -16.54 11.22 12.37
N LYS A 172 -17.00 12.46 12.49
CA LYS A 172 -16.65 13.52 11.56
C LYS A 172 -15.59 14.42 12.18
N ILE A 173 -15.84 14.79 13.43
CA ILE A 173 -14.99 15.66 14.21
C ILE A 173 -13.58 15.05 14.34
N ALA A 174 -13.52 13.84 14.88
CA ALA A 174 -12.25 13.17 15.19
C ALA A 174 -11.25 13.00 14.02
N PRO A 175 -11.70 12.55 12.82
CA PRO A 175 -10.75 12.52 11.71
C PRO A 175 -10.36 13.91 11.22
N ALA A 176 -11.25 14.88 11.35
CA ALA A 176 -10.93 16.27 11.06
C ALA A 176 -9.89 16.84 12.04
N LEU A 177 -10.11 16.65 13.33
CA LEU A 177 -9.22 17.24 14.33
C LEU A 177 -7.81 16.63 14.38
N VAL A 178 -7.73 15.30 14.33
CA VAL A 178 -6.47 14.60 14.46
C VAL A 178 -5.53 14.82 13.25
N THR A 179 -6.10 15.27 12.13
CA THR A 179 -5.34 15.51 10.89
C THR A 179 -4.95 16.99 10.70
N GLY A 180 -5.15 17.79 11.75
CA GLY A 180 -4.76 19.20 11.73
C GLY A 180 -5.81 20.18 11.29
N ASN A 181 -7.03 19.72 11.03
CA ASN A 181 -8.12 20.63 10.72
C ASN A 181 -8.70 21.19 12.00
N THR A 182 -9.48 22.27 11.91
CA THR A 182 -10.41 22.67 12.97
C THR A 182 -11.85 22.46 12.55
N VAL A 183 -12.75 22.40 13.52
CA VAL A 183 -14.14 22.10 13.22
C VAL A 183 -15.17 23.14 13.69
N VAL A 184 -16.06 23.50 12.78
CA VAL A 184 -17.34 24.08 13.17
C VAL A 184 -18.42 23.00 13.03
N PHE A 185 -19.10 22.77 14.14
CA PHE A 185 -19.92 21.59 14.38
C PHE A 185 -21.36 21.98 14.58
N LYS A 186 -22.21 21.52 13.67
CA LYS A 186 -23.64 21.79 13.74
C LYS A 186 -24.42 20.50 13.99
N PRO A 187 -24.86 20.30 15.24
CA PRO A 187 -25.71 19.15 15.47
C PRO A 187 -27.14 19.44 15.02
N ALA A 188 -27.86 18.40 14.59
CA ALA A 188 -29.31 18.51 14.51
C ALA A 188 -29.82 19.08 15.84
N THR A 189 -30.92 19.83 15.76
CA THR A 189 -31.50 20.49 16.91
C THR A 189 -31.93 19.45 17.95
N GLN A 190 -32.81 18.54 17.56
CA GLN A 190 -33.08 17.34 18.34
C GLN A 190 -31.83 16.46 18.27
N GLY A 191 -31.07 16.44 19.35
CA GLY A 191 -29.73 15.84 19.34
C GLY A 191 -28.64 16.79 19.84
N SER A 192 -28.92 18.09 19.83
CA SER A 192 -27.92 19.10 20.22
C SER A 192 -27.37 18.90 21.62
N LEU A 193 -28.26 18.61 22.57
CA LEU A 193 -27.86 18.48 23.97
C LEU A 193 -26.86 17.35 24.16
N SER A 194 -27.09 16.24 23.46
CA SER A 194 -26.16 15.13 23.44
C SER A 194 -24.88 15.48 22.68
N GLY A 195 -25.00 16.20 21.56
CA GLY A 195 -23.82 16.70 20.87
C GLY A 195 -22.97 17.57 21.79
N ILE A 196 -23.62 18.50 22.48
CA ILE A 196 -22.94 19.43 23.35
C ILE A 196 -22.20 18.70 24.50
N LYS A 197 -22.88 17.79 25.20
CA LYS A 197 -22.24 17.04 26.31
C LYS A 197 -21.10 16.15 25.81
N MET A 198 -21.15 15.75 24.54
CA MET A 198 -20.02 15.08 23.91
C MET A 198 -18.85 16.05 23.73
N VAL A 199 -19.11 17.22 23.14
CA VAL A 199 -18.12 18.31 23.12
C VAL A 199 -17.65 18.77 24.53
N GLU A 200 -18.54 18.76 25.53
CA GLU A 200 -18.11 19.03 26.94
C GLU A 200 -16.85 18.25 27.30
N ALA A 201 -16.88 16.95 27.00
CA ALA A 201 -15.80 16.06 27.36
C ALA A 201 -14.53 16.29 26.53
N LEU A 202 -14.70 16.76 25.30
CA LEU A 202 -13.58 17.05 24.41
C LEU A 202 -12.77 18.23 24.97
N ALA A 203 -13.49 19.16 25.63
CA ALA A 203 -12.90 20.36 26.24
C ALA A 203 -12.39 20.13 27.66
N ASP A 204 -13.04 19.26 28.43
CA ASP A 204 -12.46 18.86 29.73
C ASP A 204 -11.17 18.06 29.49
N ALA A 205 -11.08 17.47 28.30
CA ALA A 205 -9.87 16.77 27.88
C ALA A 205 -8.78 17.73 27.36
N GLY A 206 -9.06 19.03 27.45
CA GLY A 206 -8.04 20.07 27.28
C GLY A 206 -7.91 20.58 25.88
N ALA A 207 -8.95 20.40 25.08
CA ALA A 207 -8.94 20.87 23.70
C ALA A 207 -8.59 22.35 23.64
N PRO A 208 -7.76 22.78 22.65
CA PRO A 208 -7.41 24.20 22.59
C PRO A 208 -8.54 25.06 22.07
N GLU A 209 -8.59 26.31 22.54
CA GLU A 209 -9.61 27.29 22.16
C GLU A 209 -9.77 27.50 20.65
N GLY A 210 -10.98 27.26 20.15
CA GLY A 210 -11.29 27.51 18.75
C GLY A 210 -11.20 26.33 17.80
N ILE A 211 -10.56 25.25 18.24
CA ILE A 211 -10.40 24.04 17.42
C ILE A 211 -11.73 23.33 17.21
N ILE A 212 -12.56 23.34 18.25
CA ILE A 212 -13.93 22.86 18.15
C ILE A 212 -14.91 24.00 18.48
N GLN A 213 -15.72 24.36 17.49
CA GLN A 213 -16.74 25.40 17.64
C GLN A 213 -18.12 24.78 17.41
N VAL A 214 -18.99 24.93 18.41
CA VAL A 214 -20.35 24.42 18.33
C VAL A 214 -21.31 25.54 17.95
N VAL A 215 -22.08 25.31 16.89
CA VAL A 215 -23.13 26.25 16.51
C VAL A 215 -24.50 25.59 16.63
N THR A 216 -25.44 26.27 17.28
CA THR A 216 -26.76 25.72 17.51
C THR A 216 -27.85 26.64 16.96
N GLY A 217 -28.95 26.01 16.56
CA GLY A 217 -30.16 26.72 16.22
C GLY A 217 -30.79 26.38 14.90
N ARG A 218 -32.09 26.67 14.83
CA ARG A 218 -32.83 26.84 13.59
C ARG A 218 -32.04 26.42 12.36
N GLY A 219 -31.99 25.12 12.13
CA GLY A 219 -31.25 24.55 11.00
C GLY A 219 -31.76 25.07 9.67
N SER A 220 -33.03 25.48 9.67
CA SER A 220 -33.65 26.14 8.53
C SER A 220 -33.28 27.62 8.41
N VAL A 221 -32.83 28.24 9.50
CA VAL A 221 -32.49 29.66 9.48
C VAL A 221 -31.02 29.91 9.18
N ILE A 222 -30.13 29.25 9.92
CA ILE A 222 -28.68 29.42 9.75
C ILE A 222 -28.07 28.46 8.75
N GLY A 223 -28.82 27.43 8.38
CA GLY A 223 -28.31 26.35 7.56
C GLY A 223 -27.43 26.77 6.41
N ASP A 224 -27.98 27.57 5.50
CA ASP A 224 -27.26 27.97 4.28
C ASP A 224 -26.09 28.91 4.58
N HIS A 225 -26.27 29.79 5.56
CA HIS A 225 -25.21 30.69 5.93
C HIS A 225 -23.92 29.91 6.25
N LEU A 226 -24.08 28.79 6.95
CA LEU A 226 -22.99 27.87 7.24
C LEU A 226 -22.44 27.24 5.97
N VAL A 227 -23.33 26.67 5.16
CA VAL A 227 -22.90 25.88 4.00
C VAL A 227 -22.24 26.74 2.92
N GLU A 228 -22.62 28.01 2.85
CA GLU A 228 -22.13 28.88 1.78
C GLU A 228 -20.94 29.73 2.19
N HIS A 229 -20.57 29.65 3.46
CA HIS A 229 -19.59 30.56 4.07
C HIS A 229 -18.20 30.33 3.52
N PRO A 230 -17.47 31.43 3.20
CA PRO A 230 -16.12 31.35 2.58
C PRO A 230 -15.05 30.75 3.49
N GLY A 231 -15.24 30.87 4.80
CA GLY A 231 -14.29 30.29 5.75
C GLY A 231 -14.37 28.79 5.89
N ILE A 232 -15.38 28.17 5.29
CA ILE A 232 -15.57 26.73 5.33
C ILE A 232 -14.80 26.01 4.20
N ASP A 233 -13.94 25.08 4.60
CA ASP A 233 -13.00 24.47 3.67
C ASP A 233 -13.43 23.11 3.17
N MET A 234 -14.20 22.41 4.01
CA MET A 234 -14.85 21.18 3.64
C MET A 234 -16.06 20.91 4.54
N ILE A 235 -17.06 20.23 3.96
CA ILE A 235 -18.28 19.85 4.70
C ILE A 235 -18.50 18.34 4.81
N THR A 236 -18.75 17.86 6.05
CA THR A 236 -19.24 16.48 6.25
C THR A 236 -20.67 16.59 6.72
N PHE A 237 -21.55 15.84 6.08
CA PHE A 237 -22.98 15.92 6.40
C PHE A 237 -23.62 14.54 6.34
N THR A 238 -24.41 14.24 7.36
CA THR A 238 -25.20 13.03 7.40
C THR A 238 -26.64 13.41 7.70
N GLY A 239 -27.54 13.11 6.77
CA GLY A 239 -28.94 13.44 6.95
C GLY A 239 -29.90 12.96 5.87
N GLY A 240 -30.96 13.73 5.68
CA GLY A 240 -31.92 13.48 4.62
C GLY A 240 -31.38 13.90 3.27
N THR A 241 -32.00 13.36 2.22
CA THR A 241 -31.53 13.53 0.86
C THR A 241 -31.82 14.94 0.38
N THR A 242 -33.00 15.44 0.75
CA THR A 242 -33.43 16.79 0.42
C THR A 242 -32.37 17.78 0.89
N THR A 243 -32.12 17.82 2.20
CA THR A 243 -31.13 18.72 2.76
C THR A 243 -29.75 18.43 2.20
N GLY A 244 -29.43 17.16 2.05
CA GLY A 244 -28.26 16.72 1.31
C GLY A 244 -28.08 17.35 -0.07
N GLU A 245 -29.14 17.41 -0.88
CA GLU A 245 -29.01 17.94 -2.25
C GLU A 245 -28.85 19.47 -2.29
N ARG A 246 -29.43 20.14 -1.30
CA ARG A 246 -29.36 21.61 -1.20
C ARG A 246 -27.96 22.08 -0.83
N ILE A 247 -27.31 21.35 0.09
CA ILE A 247 -25.91 21.59 0.46
C ILE A 247 -24.98 21.45 -0.75
N SER A 248 -25.08 20.33 -1.44
CA SER A 248 -24.34 20.07 -2.66
C SER A 248 -24.50 21.21 -3.67
N GLU A 249 -25.73 21.71 -3.79
CA GLU A 249 -26.09 22.79 -4.69
C GLU A 249 -25.50 24.13 -4.22
N LYS A 250 -25.57 24.39 -2.92
CA LYS A 250 -25.21 25.70 -2.38
C LYS A 250 -23.78 25.89 -1.84
N ALA A 251 -23.09 24.79 -1.56
CA ALA A 251 -21.63 24.84 -1.33
C ALA A 251 -20.97 25.00 -2.70
N LYS A 252 -19.78 25.58 -2.75
CA LYS A 252 -19.01 25.64 -4.01
C LYS A 252 -17.50 25.61 -3.80
N MET A 253 -16.80 25.03 -4.76
CA MET A 253 -15.33 24.98 -4.78
C MET A 253 -14.68 24.32 -3.56
N ILE A 254 -15.44 23.48 -2.87
CA ILE A 254 -14.89 22.75 -1.72
C ILE A 254 -15.27 21.28 -1.75
N PRO A 255 -14.39 20.41 -1.24
CA PRO A 255 -14.78 19.02 -1.05
C PRO A 255 -15.99 18.94 -0.16
N VAL A 256 -16.93 18.06 -0.53
CA VAL A 256 -18.18 17.90 0.20
C VAL A 256 -18.54 16.42 0.28
N VAL A 257 -18.67 15.91 1.51
CA VAL A 257 -19.06 14.53 1.71
C VAL A 257 -20.48 14.44 2.27
N LEU A 258 -21.30 13.61 1.62
CA LEU A 258 -22.69 13.38 2.03
C LEU A 258 -23.04 11.90 2.23
N GLU A 259 -23.64 11.57 3.37
CA GLU A 259 -24.29 10.27 3.55
C GLU A 259 -25.76 10.55 3.83
N LEU A 260 -26.63 9.99 3.00
CA LEU A 260 -28.03 10.42 2.98
C LEU A 260 -28.98 9.24 3.21
N GLY A 261 -30.22 9.37 2.73
CA GLY A 261 -31.21 8.30 2.88
C GLY A 261 -30.86 6.99 2.17
N GLY A 262 -31.47 5.91 2.64
CA GLY A 262 -31.29 4.61 2.02
C GLY A 262 -32.61 3.89 1.79
N LYS A 263 -32.59 2.92 0.89
CA LYS A 263 -33.72 2.02 0.70
C LYS A 263 -33.16 0.63 0.45
N ASP A 264 -32.43 0.13 1.45
CA ASP A 264 -31.60 -1.06 1.30
C ASP A 264 -32.41 -2.29 1.00
N PRO A 265 -32.20 -2.87 -0.20
CA PRO A 265 -32.87 -4.09 -0.64
C PRO A 265 -32.27 -5.34 -0.02
N ALA A 266 -33.14 -6.28 0.33
CA ALA A 266 -32.73 -7.62 0.73
C ALA A 266 -33.25 -8.59 -0.33
N ILE A 267 -32.32 -9.17 -1.08
CA ILE A 267 -32.67 -10.18 -2.05
C ILE A 267 -32.56 -11.53 -1.37
N VAL A 268 -33.70 -12.20 -1.23
CA VAL A 268 -33.75 -13.53 -0.64
C VAL A 268 -34.01 -14.53 -1.76
N LEU A 269 -33.16 -15.55 -1.87
CA LEU A 269 -33.31 -16.49 -2.97
C LEU A 269 -33.85 -17.86 -2.56
N ASP A 270 -33.99 -18.69 -3.59
CA ASP A 270 -34.59 -20.02 -3.55
C ASP A 270 -34.07 -20.87 -2.41
N ASP A 271 -32.77 -20.83 -2.24
CA ASP A 271 -32.04 -21.73 -1.40
C ASP A 271 -31.45 -20.96 -0.24
N ALA A 272 -32.20 -20.01 0.31
CA ALA A 272 -31.75 -19.28 1.48
C ALA A 272 -32.07 -20.07 2.74
N ASP A 273 -31.25 -19.90 3.78
CA ASP A 273 -31.66 -20.34 5.11
C ASP A 273 -32.72 -19.34 5.54
N LEU A 274 -33.98 -19.78 5.53
CA LEU A 274 -35.08 -18.85 5.76
C LEU A 274 -35.19 -18.38 7.22
N LYS A 275 -34.74 -19.21 8.16
CA LYS A 275 -34.67 -18.82 9.57
C LYS A 275 -33.69 -17.65 9.77
N LEU A 276 -32.49 -17.78 9.20
CA LEU A 276 -31.47 -16.73 9.29
C LEU A 276 -31.85 -15.51 8.45
N THR A 277 -32.43 -15.74 7.28
CA THR A 277 -32.94 -14.64 6.50
C THR A 277 -33.94 -13.82 7.32
N ALA A 278 -34.95 -14.48 7.90
CA ALA A 278 -35.94 -13.82 8.75
C ALA A 278 -35.33 -13.04 9.92
N SER A 279 -34.40 -13.66 10.66
CA SER A 279 -33.79 -13.00 11.82
C SER A 279 -33.08 -11.72 11.42
N GLN A 280 -32.31 -11.83 10.34
CA GLN A 280 -31.51 -10.72 9.88
C GLN A 280 -32.36 -9.61 9.27
N ILE A 281 -33.44 -9.98 8.58
CA ILE A 281 -34.31 -8.96 7.98
C ILE A 281 -34.94 -8.12 9.08
N VAL A 282 -35.60 -8.79 10.01
CA VAL A 282 -36.23 -8.09 11.11
C VAL A 282 -35.19 -7.20 11.79
N SER A 283 -34.10 -7.80 12.26
CA SER A 283 -33.12 -7.06 13.05
C SER A 283 -32.63 -5.79 12.35
N GLY A 284 -32.50 -5.87 11.03
CA GLY A 284 -32.06 -4.74 10.21
C GLY A 284 -33.13 -3.71 9.92
N ALA A 285 -34.36 -4.16 9.69
CA ALA A 285 -35.46 -3.26 9.39
C ALA A 285 -36.00 -2.54 10.62
N PHE A 286 -35.98 -3.20 11.78
CA PHE A 286 -36.69 -2.68 12.95
C PHE A 286 -35.81 -2.15 14.09
N SER A 287 -34.49 -2.21 13.93
CA SER A 287 -33.54 -1.52 14.81
C SER A 287 -33.82 -0.01 14.83
N TYR A 288 -33.90 0.53 16.05
CA TYR A 288 -34.28 1.93 16.28
C TYR A 288 -35.49 2.26 15.37
N SER A 289 -36.45 1.35 15.40
CA SER A 289 -37.76 1.53 14.80
C SER A 289 -37.73 2.12 13.38
N GLY A 290 -36.82 1.62 12.56
CA GLY A 290 -36.72 1.94 11.14
C GLY A 290 -35.98 3.24 10.84
N GLN A 291 -35.56 3.94 11.90
CA GLN A 291 -35.01 5.28 11.77
C GLN A 291 -33.49 5.25 11.54
N ARG A 292 -33.09 4.51 10.50
CA ARG A 292 -31.68 4.37 10.17
C ARG A 292 -31.50 4.42 8.66
N CYS A 293 -30.49 5.17 8.23
CA CYS A 293 -30.18 5.36 6.81
C CYS A 293 -29.74 4.04 6.17
N THR A 294 -28.93 3.30 6.93
CA THR A 294 -28.50 1.95 6.61
C THR A 294 -29.37 1.00 7.42
N ALA A 295 -30.25 0.30 6.71
CA ALA A 295 -31.22 -0.64 7.26
C ALA A 295 -31.98 -1.28 6.11
N ILE A 296 -32.52 -2.48 6.34
CA ILE A 296 -33.33 -3.13 5.31
C ILE A 296 -34.68 -2.41 5.28
N LYS A 297 -35.03 -1.89 4.10
CA LYS A 297 -36.30 -1.17 3.94
C LYS A 297 -37.16 -1.82 2.86
N ARG A 298 -36.62 -2.87 2.26
CA ARG A 298 -37.18 -3.49 1.08
C ARG A 298 -36.80 -4.95 1.10
N VAL A 299 -37.76 -5.85 0.85
CA VAL A 299 -37.43 -7.26 0.66
C VAL A 299 -37.94 -7.70 -0.73
N PHE A 300 -37.05 -8.26 -1.54
CA PHE A 300 -37.44 -8.91 -2.79
C PHE A 300 -37.24 -10.42 -2.66
N VAL A 301 -38.34 -11.15 -2.43
CA VAL A 301 -38.29 -12.59 -2.20
C VAL A 301 -38.89 -13.39 -3.37
N GLN A 302 -38.18 -14.43 -3.81
CA GLN A 302 -38.68 -15.36 -4.82
C GLN A 302 -39.98 -16.02 -4.37
N ASP A 303 -40.92 -16.14 -5.30
CA ASP A 303 -42.26 -16.65 -4.99
C ASP A 303 -42.29 -17.99 -4.26
N SER A 304 -41.42 -18.92 -4.68
CA SER A 304 -41.39 -20.27 -4.13
C SER A 304 -41.18 -20.31 -2.62
N VAL A 305 -40.39 -19.38 -2.10
CA VAL A 305 -40.07 -19.34 -0.66
C VAL A 305 -40.82 -18.26 0.12
N ALA A 306 -41.49 -17.36 -0.62
CA ALA A 306 -42.20 -16.23 -0.05
C ALA A 306 -42.99 -16.56 1.23
N ASP A 307 -43.99 -17.43 1.12
CA ASP A 307 -44.88 -17.74 2.24
C ASP A 307 -44.13 -18.15 3.49
N GLN A 308 -43.11 -18.97 3.31
CA GLN A 308 -42.26 -19.43 4.41
C GLN A 308 -41.57 -18.22 5.06
N LEU A 309 -40.85 -17.43 4.27
CA LEU A 309 -40.17 -16.25 4.80
C LEU A 309 -41.12 -15.30 5.52
N VAL A 310 -42.26 -15.03 4.91
CA VAL A 310 -43.20 -14.03 5.42
C VAL A 310 -43.81 -14.43 6.78
N ALA A 311 -44.02 -15.73 6.96
CA ALA A 311 -44.46 -16.29 8.24
C ALA A 311 -43.31 -16.26 9.25
N ASN A 312 -42.11 -16.61 8.78
CA ASN A 312 -40.89 -16.54 9.59
C ASN A 312 -40.65 -15.14 10.12
N ILE A 313 -40.87 -14.14 9.26
CA ILE A 313 -40.76 -12.72 9.62
C ILE A 313 -41.88 -12.25 10.54
N LYS A 314 -43.13 -12.60 10.21
CA LYS A 314 -44.30 -12.19 11.00
C LYS A 314 -44.18 -12.67 12.44
N GLU A 315 -43.67 -13.88 12.60
CA GLU A 315 -43.47 -14.49 13.91
C GLU A 315 -42.52 -13.67 14.79
N LEU A 316 -41.47 -13.11 14.17
CA LEU A 316 -40.48 -12.28 14.87
C LEU A 316 -40.95 -10.83 15.12
N VAL A 317 -41.77 -10.32 14.20
CA VAL A 317 -42.36 -8.98 14.35
C VAL A 317 -43.34 -8.95 15.54
N GLU A 318 -44.01 -10.09 15.77
CA GLU A 318 -44.90 -10.28 16.92
C GLU A 318 -44.13 -10.44 18.23
N GLN A 319 -42.90 -10.94 18.13
CA GLN A 319 -42.03 -11.08 19.29
C GLN A 319 -41.58 -9.72 19.85
N LEU A 320 -41.26 -8.79 18.94
CA LEU A 320 -40.72 -7.45 19.25
C LEU A 320 -41.49 -6.67 20.29
N THR A 321 -40.75 -6.11 21.25
CA THR A 321 -41.34 -5.22 22.25
C THR A 321 -41.57 -3.85 21.63
N VAL A 322 -42.62 -3.17 22.09
CA VAL A 322 -42.90 -1.79 21.66
C VAL A 322 -43.32 -0.96 22.89
N GLY A 323 -42.59 0.13 23.15
CA GLY A 323 -42.80 0.90 24.37
C GLY A 323 -41.72 1.93 24.65
N SER A 324 -41.37 2.05 25.93
CA SER A 324 -40.46 3.11 26.41
C SER A 324 -38.98 2.83 26.14
N PRO A 325 -38.21 3.88 25.77
CA PRO A 325 -36.76 3.79 25.60
C PRO A 325 -36.06 3.47 26.91
N GLU A 326 -36.64 3.93 28.02
CA GLU A 326 -36.10 3.69 29.36
C GLU A 326 -36.29 2.21 29.76
N ASP A 327 -36.98 1.46 28.90
CA ASP A 327 -37.31 0.06 29.15
C ASP A 327 -36.51 -0.87 28.23
N ASP A 328 -35.81 -0.28 27.27
CA ASP A 328 -35.14 -1.02 26.18
C ASP A 328 -36.14 -1.77 25.30
N ALA A 329 -37.20 -1.05 24.93
CA ALA A 329 -38.15 -1.55 23.94
C ALA A 329 -37.47 -1.75 22.59
N ASP A 330 -37.91 -2.74 21.83
CA ASP A 330 -37.40 -2.95 20.48
C ASP A 330 -37.86 -1.79 19.61
N ILE A 331 -39.17 -1.56 19.64
CA ILE A 331 -39.78 -0.44 18.95
C ILE A 331 -40.05 0.66 19.97
N THR A 332 -39.55 1.85 19.67
CA THR A 332 -39.85 3.02 20.48
C THR A 332 -40.52 4.05 19.57
N PRO A 333 -41.06 5.14 20.16
CA PRO A 333 -41.79 6.10 19.34
C PRO A 333 -40.87 6.81 18.36
N VAL A 334 -41.37 7.12 17.18
CA VAL A 334 -40.57 7.81 16.18
C VAL A 334 -40.35 9.28 16.60
N ILE A 335 -39.54 10.01 15.84
CA ILE A 335 -39.02 11.32 16.25
C ILE A 335 -40.03 12.47 16.51
N ASP A 336 -41.08 12.59 15.68
CA ASP A 336 -42.12 13.63 15.85
C ASP A 336 -43.42 13.30 15.09
N GLU A 337 -44.36 14.26 15.03
CA GLU A 337 -45.61 14.10 14.29
C GLU A 337 -45.39 14.12 12.78
N LYS A 338 -44.47 14.98 12.33
CA LYS A 338 -44.10 15.08 10.93
C LYS A 338 -43.82 13.65 10.42
N SER A 339 -42.96 12.95 11.14
CA SER A 339 -42.50 11.61 10.77
C SER A 339 -43.61 10.58 10.89
N ALA A 340 -44.29 10.59 12.04
CA ALA A 340 -45.37 9.62 12.33
C ALA A 340 -46.53 9.67 11.32
N ALA A 341 -46.91 10.87 10.89
CA ALA A 341 -47.95 11.02 9.87
C ALA A 341 -47.44 10.68 8.46
N PHE A 342 -46.13 10.83 8.24
CA PHE A 342 -45.54 10.46 6.96
C PHE A 342 -45.55 8.95 6.79
N ILE A 343 -45.18 8.25 7.88
CA ILE A 343 -45.20 6.80 7.93
C ILE A 343 -46.61 6.29 7.66
N GLN A 344 -47.56 6.82 8.43
CA GLN A 344 -48.98 6.44 8.37
C GLN A 344 -49.52 6.64 6.95
N GLY A 345 -49.11 7.73 6.31
CA GLY A 345 -49.49 8.03 4.93
C GLY A 345 -48.89 7.07 3.91
N LEU A 346 -47.79 6.42 4.28
CA LEU A 346 -47.18 5.42 3.42
C LEU A 346 -47.88 4.07 3.49
N ILE A 347 -48.31 3.70 4.71
CA ILE A 347 -49.06 2.47 4.93
C ILE A 347 -50.37 2.60 4.19
N ASP A 348 -50.87 3.83 4.13
CA ASP A 348 -52.17 4.16 3.55
C ASP A 348 -52.18 3.86 2.07
N ASP A 349 -51.21 4.42 1.34
CA ASP A 349 -51.11 4.20 -0.10
C ASP A 349 -51.00 2.71 -0.39
N ALA A 350 -50.31 2.00 0.50
CA ALA A 350 -50.08 0.57 0.33
C ALA A 350 -51.36 -0.22 0.48
N LEU A 351 -52.07 0.02 1.57
CA LEU A 351 -53.28 -0.73 1.87
C LEU A 351 -54.35 -0.57 0.78
N GLU A 352 -54.68 0.67 0.45
CA GLU A 352 -55.74 0.93 -0.51
C GLU A 352 -55.30 0.65 -1.95
N ASN A 353 -54.25 -0.15 -2.11
CA ASN A 353 -53.81 -0.58 -3.43
C ASN A 353 -53.61 -2.09 -3.60
N GLY A 354 -53.92 -2.85 -2.55
CA GLY A 354 -53.88 -4.31 -2.65
C GLY A 354 -53.00 -5.01 -1.63
N ALA A 355 -52.15 -4.23 -0.96
CA ALA A 355 -51.22 -4.78 0.03
C ALA A 355 -51.94 -5.53 1.16
N THR A 356 -51.34 -6.63 1.56
CA THR A 356 -51.85 -7.42 2.67
C THR A 356 -51.13 -6.99 3.94
N LEU A 357 -51.91 -6.61 4.94
CA LEU A 357 -51.33 -6.32 6.24
C LEU A 357 -51.12 -7.63 6.98
N LEU A 358 -49.87 -7.95 7.29
CA LEU A 358 -49.56 -9.16 8.06
C LEU A 358 -49.48 -8.89 9.55
N SER A 359 -49.12 -7.66 9.92
CA SER A 359 -49.03 -7.26 11.34
C SER A 359 -49.09 -5.75 11.63
N GLY A 360 -49.65 -5.44 12.79
CA GLY A 360 -49.57 -4.15 13.48
C GLY A 360 -49.65 -2.81 12.76
N ASN A 361 -50.83 -2.48 12.24
CA ASN A 361 -51.08 -1.14 11.71
C ASN A 361 -51.64 -0.24 12.81
N LYS A 362 -50.95 -0.22 13.95
CA LYS A 362 -51.39 0.53 15.12
C LYS A 362 -50.53 1.78 15.37
N ARG A 363 -51.14 2.78 16.00
CA ARG A 363 -50.48 4.07 16.24
C ARG A 363 -50.97 4.70 17.54
N GLN A 364 -50.06 4.85 18.52
CA GLN A 364 -50.36 5.46 19.82
C GLN A 364 -49.61 6.79 19.98
N GLY A 365 -50.05 7.80 19.23
CA GLY A 365 -49.32 9.06 19.12
C GLY A 365 -48.12 8.85 18.21
N ASN A 366 -46.93 8.91 18.81
CA ASN A 366 -45.68 8.69 18.08
C ASN A 366 -45.21 7.24 18.09
N LEU A 367 -45.78 6.44 18.98
CA LEU A 367 -45.49 5.02 19.02
C LEU A 367 -46.22 4.34 17.87
N LEU A 368 -45.45 3.82 16.92
CA LEU A 368 -46.00 3.17 15.75
C LEU A 368 -45.67 1.70 15.86
N SER A 369 -46.70 0.87 15.76
CA SER A 369 -46.50 -0.56 15.89
C SER A 369 -45.71 -1.10 14.70
N PRO A 370 -44.97 -2.21 14.91
CA PRO A 370 -44.19 -2.80 13.84
C PRO A 370 -45.10 -3.26 12.69
N THR A 371 -45.07 -2.53 11.60
CA THR A 371 -45.96 -2.84 10.47
C THR A 371 -45.23 -3.69 9.43
N LEU A 372 -45.79 -4.85 9.14
CA LEU A 372 -45.28 -5.70 8.08
C LEU A 372 -46.29 -5.75 6.95
N LEU A 373 -45.81 -5.70 5.71
CA LEU A 373 -46.69 -5.64 4.55
C LEU A 373 -46.30 -6.64 3.49
N ASP A 374 -47.27 -7.39 2.97
CA ASP A 374 -47.01 -8.33 1.90
C ASP A 374 -47.63 -7.85 0.57
N ASP A 375 -47.26 -8.52 -0.52
CA ASP A 375 -47.84 -8.25 -1.85
C ASP A 375 -47.68 -6.80 -2.30
N VAL A 376 -46.53 -6.21 -1.98
CA VAL A 376 -46.22 -4.83 -2.35
C VAL A 376 -45.74 -4.78 -3.81
N THR A 377 -46.06 -3.67 -4.47
CA THR A 377 -45.86 -3.52 -5.90
C THR A 377 -45.15 -2.20 -6.25
N PRO A 378 -44.54 -2.13 -7.45
CA PRO A 378 -44.03 -0.88 -8.03
C PRO A 378 -45.00 0.30 -7.93
N ALA A 379 -46.31 0.02 -8.03
CA ALA A 379 -47.36 1.04 -7.99
C ALA A 379 -47.43 1.79 -6.66
N MET A 380 -46.87 1.19 -5.61
CA MET A 380 -47.01 1.69 -4.25
C MET A 380 -45.83 2.58 -3.85
N ARG A 381 -46.12 3.54 -2.99
CA ARG A 381 -45.10 4.49 -2.51
C ARG A 381 -44.10 3.84 -1.57
N VAL A 382 -44.59 3.03 -0.64
CA VAL A 382 -43.74 2.32 0.33
C VAL A 382 -42.65 1.47 -0.33
N ALA A 383 -42.87 1.12 -1.59
CA ALA A 383 -41.87 0.42 -2.40
C ALA A 383 -40.59 1.25 -2.60
N TRP A 384 -40.70 2.58 -2.61
CA TRP A 384 -39.58 3.42 -3.02
C TRP A 384 -39.09 4.45 -2.00
N GLU A 385 -40.01 5.01 -1.22
CA GLU A 385 -39.71 6.17 -0.40
C GLU A 385 -39.19 5.73 0.97
N GLU A 386 -38.07 6.30 1.39
CA GLU A 386 -37.53 6.06 2.72
C GLU A 386 -38.54 6.49 3.78
N PRO A 387 -39.15 5.54 4.50
CA PRO A 387 -40.14 5.92 5.51
C PRO A 387 -39.50 6.52 6.75
N PHE A 388 -38.45 5.87 7.26
CA PHE A 388 -37.83 6.24 8.53
C PHE A 388 -38.76 5.94 9.67
N GLY A 389 -39.37 4.77 9.62
CA GLY A 389 -40.25 4.28 10.67
C GLY A 389 -40.33 2.78 10.64
N PRO A 390 -41.05 2.18 11.61
CA PRO A 390 -41.12 0.73 11.69
C PRO A 390 -42.18 0.11 10.77
N VAL A 391 -41.94 0.24 9.47
CA VAL A 391 -42.75 -0.42 8.45
C VAL A 391 -41.85 -1.15 7.46
N LEU A 392 -42.10 -2.43 7.25
CA LEU A 392 -41.38 -3.20 6.25
C LEU A 392 -42.31 -3.74 5.17
N PRO A 393 -41.95 -3.52 3.89
CA PRO A 393 -42.65 -4.05 2.73
C PRO A 393 -41.95 -5.24 2.06
N ILE A 394 -42.73 -6.26 1.75
CA ILE A 394 -42.29 -7.48 1.05
C ILE A 394 -42.79 -7.45 -0.40
N ILE A 395 -41.87 -7.56 -1.35
CA ILE A 395 -42.24 -7.67 -2.74
C ILE A 395 -41.95 -9.09 -3.22
N ARG A 396 -42.90 -9.66 -3.95
CA ARG A 396 -42.77 -11.00 -4.51
C ARG A 396 -42.21 -10.95 -5.93
N VAL A 397 -41.20 -11.77 -6.16
CA VAL A 397 -40.36 -11.74 -7.36
C VAL A 397 -40.22 -13.12 -8.06
N LYS A 398 -40.11 -13.11 -9.39
CA LYS A 398 -39.95 -14.34 -10.20
C LYS A 398 -38.56 -14.96 -10.08
N ASP A 399 -37.53 -14.11 -10.08
CA ASP A 399 -36.12 -14.56 -10.07
C ASP A 399 -35.17 -13.41 -9.75
N ALA A 400 -33.88 -13.72 -9.63
CA ALA A 400 -32.88 -12.73 -9.25
C ALA A 400 -32.87 -11.53 -10.19
N ASN A 401 -33.15 -11.78 -11.47
CA ASN A 401 -33.17 -10.73 -12.49
C ASN A 401 -34.18 -9.64 -12.18
N GLU A 402 -35.36 -10.05 -11.72
CA GLU A 402 -36.37 -9.10 -11.29
C GLU A 402 -35.94 -8.37 -10.02
N ALA A 403 -35.27 -9.07 -9.11
CA ALA A 403 -34.82 -8.46 -7.85
C ALA A 403 -33.76 -7.37 -8.06
N ILE A 404 -32.84 -7.59 -8.99
CA ILE A 404 -31.79 -6.62 -9.38
C ILE A 404 -32.37 -5.38 -10.09
N SER A 405 -33.26 -5.62 -11.04
CA SER A 405 -33.87 -4.53 -11.80
C SER A 405 -34.60 -3.56 -10.87
N LEU A 406 -35.39 -4.10 -9.96
CA LEU A 406 -36.16 -3.30 -9.01
C LEU A 406 -35.26 -2.69 -7.94
N SER A 407 -34.12 -3.31 -7.69
CA SER A 407 -33.12 -2.73 -6.78
C SER A 407 -32.57 -1.49 -7.42
N ASN A 408 -32.13 -1.64 -8.66
CA ASN A 408 -31.49 -0.54 -9.37
C ASN A 408 -32.43 0.56 -9.84
N GLN A 409 -33.74 0.31 -9.73
CA GLN A 409 -34.75 1.32 -10.04
C GLN A 409 -34.88 2.39 -8.96
N SER A 410 -34.45 2.05 -7.75
CA SER A 410 -34.40 3.02 -6.67
C SER A 410 -33.39 4.13 -6.99
N ASP A 411 -33.68 5.34 -6.51
CA ASP A 411 -32.76 6.45 -6.65
C ASP A 411 -31.75 6.39 -5.53
N TYR A 412 -32.04 5.54 -4.56
CA TYR A 412 -31.12 5.30 -3.45
C TYR A 412 -30.14 4.17 -3.82
N GLY A 413 -29.09 4.01 -3.02
CA GLY A 413 -28.02 3.05 -3.31
C GLY A 413 -27.00 3.02 -2.20
N LEU A 414 -27.43 2.62 -1.01
CA LEU A 414 -26.51 2.64 0.10
C LEU A 414 -25.93 1.26 0.32
N GLN A 415 -26.75 0.33 0.77
CA GLN A 415 -26.31 -1.03 1.01
C GLN A 415 -27.38 -2.01 0.53
N ALA A 416 -26.98 -3.24 0.26
CA ALA A 416 -27.89 -4.28 -0.19
C ALA A 416 -27.50 -5.59 0.48
N SER A 417 -28.48 -6.44 0.72
CA SER A 417 -28.22 -7.78 1.26
C SER A 417 -28.60 -8.85 0.23
N ILE A 418 -27.82 -9.93 0.14
CA ILE A 418 -28.21 -11.11 -0.64
C ILE A 418 -28.24 -12.33 0.28
N PHE A 419 -29.38 -13.05 0.27
CA PHE A 419 -29.56 -14.26 1.05
C PHE A 419 -29.68 -15.49 0.16
N THR A 420 -28.68 -16.35 0.23
CA THR A 420 -28.54 -17.50 -0.65
C THR A 420 -27.40 -18.39 -0.11
N LYS A 421 -27.59 -19.71 -0.16
CA LYS A 421 -26.54 -20.66 0.27
C LYS A 421 -25.42 -20.68 -0.77
N ASP A 422 -25.77 -20.31 -2.00
CA ASP A 422 -24.85 -20.29 -3.13
C ASP A 422 -24.00 -19.01 -3.15
N THR A 423 -22.95 -19.01 -2.32
CA THR A 423 -22.03 -17.88 -2.16
C THR A 423 -21.49 -17.30 -3.48
N ASP A 424 -21.10 -18.16 -4.42
CA ASP A 424 -20.55 -17.69 -5.70
C ASP A 424 -21.51 -16.78 -6.48
N ARG A 425 -22.74 -17.24 -6.68
CA ARG A 425 -23.77 -16.42 -7.30
C ARG A 425 -24.08 -15.14 -6.47
N ALA A 426 -24.15 -15.26 -5.15
CA ALA A 426 -24.41 -14.08 -4.31
C ALA A 426 -23.42 -12.93 -4.57
N ILE A 427 -22.16 -13.28 -4.76
CA ILE A 427 -21.13 -12.29 -5.08
C ILE A 427 -21.35 -11.68 -6.49
N ASN A 428 -21.78 -12.51 -7.43
CA ASN A 428 -21.94 -12.07 -8.83
C ASN A 428 -23.24 -11.30 -9.06
N ILE A 429 -24.22 -11.56 -8.20
CA ILE A 429 -25.46 -10.80 -8.16
C ILE A 429 -25.14 -9.40 -7.62
N GLY A 430 -24.31 -9.36 -6.57
CA GLY A 430 -23.88 -8.13 -5.92
C GLY A 430 -23.19 -7.16 -6.87
N LYS A 431 -22.28 -7.69 -7.67
CA LYS A 431 -21.65 -6.89 -8.73
C LYS A 431 -22.68 -6.15 -9.59
N HIS A 432 -23.85 -6.76 -9.80
CA HIS A 432 -24.90 -6.15 -10.63
C HIS A 432 -25.72 -5.07 -9.89
N LEU A 433 -25.61 -5.02 -8.56
CA LEU A 433 -26.30 -4.04 -7.71
C LEU A 433 -25.53 -2.72 -7.68
N GLU A 434 -26.23 -1.61 -7.64
CA GLU A 434 -25.52 -0.34 -7.77
C GLU A 434 -25.63 0.36 -6.43
N VAL A 435 -24.83 -0.14 -5.49
CA VAL A 435 -24.78 0.30 -4.09
C VAL A 435 -23.33 0.33 -3.60
N GLY A 436 -23.11 0.92 -2.42
CA GLY A 436 -21.76 0.97 -1.87
C GLY A 436 -21.27 -0.39 -1.42
N THR A 437 -22.07 -1.02 -0.57
CA THR A 437 -21.73 -2.25 0.07
C THR A 437 -22.87 -3.26 -0.13
N VAL A 438 -22.51 -4.47 -0.55
CA VAL A 438 -23.39 -5.65 -0.54
C VAL A 438 -23.09 -6.50 0.70
N HIS A 439 -24.12 -7.05 1.33
CA HIS A 439 -23.91 -7.97 2.44
C HIS A 439 -24.47 -9.33 2.08
N ILE A 440 -23.61 -10.32 1.90
CA ILE A 440 -24.06 -11.68 1.63
C ILE A 440 -24.44 -12.42 2.92
N ASN A 441 -25.71 -12.83 2.97
CA ASN A 441 -26.25 -13.63 4.06
C ASN A 441 -26.26 -12.94 5.41
N ALA A 442 -26.33 -11.61 5.38
CA ALA A 442 -26.43 -10.80 6.58
C ALA A 442 -27.12 -9.46 6.29
N LYS A 443 -27.64 -8.85 7.35
CA LYS A 443 -28.27 -7.53 7.29
C LYS A 443 -27.26 -6.45 6.94
N THR A 444 -27.73 -5.37 6.32
CA THR A 444 -26.87 -4.24 6.00
C THR A 444 -26.52 -3.50 7.29
N GLU A 445 -25.36 -2.85 7.30
CA GLU A 445 -24.92 -2.03 8.45
C GLU A 445 -23.70 -1.16 8.16
N ARG A 446 -23.60 -0.04 8.88
CA ARG A 446 -22.48 0.89 8.72
C ARG A 446 -21.20 0.31 9.31
N GLY A 447 -21.31 -0.21 10.52
CA GLY A 447 -20.20 -0.84 11.23
C GLY A 447 -19.90 -2.22 10.67
N PRO A 448 -18.79 -2.85 11.10
CA PRO A 448 -17.77 -2.27 11.97
C PRO A 448 -17.07 -1.09 11.27
N ASP A 449 -16.60 -0.15 12.08
CA ASP A 449 -16.31 1.20 11.61
C ASP A 449 -15.05 1.41 10.76
N HIS A 450 -14.25 0.36 10.63
CA HIS A 450 -13.04 0.42 9.84
C HIS A 450 -13.29 0.09 8.37
N PHE A 451 -14.45 -0.53 8.12
CA PHE A 451 -14.91 -0.85 6.77
C PHE A 451 -15.30 0.43 6.05
N PRO A 452 -14.96 0.56 4.74
CA PRO A 452 -15.40 1.78 4.04
C PRO A 452 -16.92 1.87 4.14
N PHE A 453 -17.46 3.08 4.23
CA PHE A 453 -18.89 3.26 4.24
C PHE A 453 -19.26 4.32 3.24
N LEU A 454 -20.03 3.94 2.22
CA LEU A 454 -20.49 4.91 1.22
C LEU A 454 -21.82 4.52 0.59
N GLY A 455 -22.50 5.53 0.07
CA GLY A 455 -23.62 5.33 -0.83
C GLY A 455 -23.35 5.99 -2.16
N VAL A 456 -24.11 5.60 -3.17
CA VAL A 456 -24.01 6.24 -4.46
C VAL A 456 -25.42 6.65 -4.93
N LYS A 457 -25.54 7.11 -6.18
CA LYS A 457 -26.78 7.74 -6.64
C LYS A 457 -27.21 8.86 -5.67
N LYS A 458 -28.45 8.82 -5.20
CA LYS A 458 -28.92 9.88 -4.32
C LYS A 458 -28.65 9.54 -2.86
N SER A 459 -27.90 8.47 -2.61
CA SER A 459 -27.62 8.07 -1.22
C SER A 459 -26.39 8.75 -0.64
N GLY A 460 -25.53 9.30 -1.51
CA GLY A 460 -24.35 9.97 -1.00
C GLY A 460 -23.28 10.39 -1.97
N LEU A 461 -22.25 10.99 -1.39
CA LEU A 461 -21.07 11.43 -2.10
C LEU A 461 -19.90 11.38 -1.11
N GLY A 462 -18.77 10.87 -1.57
CA GLY A 462 -17.62 10.64 -0.72
C GLY A 462 -17.69 9.29 -0.02
N VAL A 463 -16.67 9.00 0.80
CA VAL A 463 -16.52 7.70 1.44
C VAL A 463 -16.13 7.94 2.88
N GLN A 464 -16.78 7.23 3.81
CA GLN A 464 -16.43 7.28 5.24
C GLN A 464 -15.90 5.95 5.76
N GLY A 465 -15.95 5.76 7.08
CA GLY A 465 -15.15 4.73 7.73
C GLY A 465 -13.83 5.36 8.16
N ILE A 466 -13.24 4.81 9.20
CA ILE A 466 -12.07 5.39 9.84
C ILE A 466 -11.04 6.01 8.90
N LYS A 467 -10.50 5.21 7.99
CA LYS A 467 -9.40 5.65 7.16
C LYS A 467 -9.90 6.47 5.96
N PRO A 468 -11.00 6.06 5.31
CA PRO A 468 -11.51 7.01 4.31
C PRO A 468 -11.89 8.37 4.87
N SER A 469 -12.31 8.46 6.14
CA SER A 469 -12.61 9.77 6.74
C SER A 469 -11.35 10.65 6.85
N LEU A 470 -10.26 10.08 7.35
CA LEU A 470 -8.97 10.79 7.45
C LEU A 470 -8.43 11.25 6.07
N LEU A 471 -8.52 10.37 5.09
CA LEU A 471 -8.04 10.65 3.72
C LEU A 471 -8.73 11.82 3.03
N SER A 472 -10.00 12.08 3.37
CA SER A 472 -10.81 13.07 2.66
C SER A 472 -10.72 14.45 3.30
N MET A 473 -10.15 14.49 4.49
CA MET A 473 -10.00 15.72 5.25
C MET A 473 -8.56 16.23 5.21
N THR A 474 -7.86 15.78 4.17
CA THR A 474 -6.51 16.19 3.89
C THR A 474 -6.29 16.26 2.37
N ARG A 475 -5.22 16.93 1.96
CA ARG A 475 -4.83 16.88 0.56
C ARG A 475 -3.33 16.59 0.45
N GLU A 476 -2.91 16.13 -0.72
CA GLU A 476 -1.51 15.80 -0.96
C GLU A 476 -0.70 17.08 -1.07
N ARG A 477 0.42 17.12 -0.37
CA ARG A 477 1.38 18.20 -0.51
C ARG A 477 2.68 17.63 -1.03
N VAL A 478 3.22 18.26 -2.06
CA VAL A 478 4.40 17.72 -2.74
C VAL A 478 5.57 18.70 -2.64
N THR A 479 6.73 18.19 -2.27
CA THR A 479 7.98 18.93 -2.37
C THR A 479 8.87 18.16 -3.33
N VAL A 480 9.31 18.82 -4.40
CA VAL A 480 10.14 18.18 -5.42
C VAL A 480 11.60 18.64 -5.30
N LEU A 481 12.44 17.77 -4.76
CA LEU A 481 13.88 18.02 -4.63
C LEU A 481 14.60 17.75 -5.94
N ASN A 482 15.75 18.38 -6.10
CA ASN A 482 16.53 18.20 -7.32
C ASN A 482 18.00 17.94 -6.99
N LEU A 483 18.32 16.65 -6.86
CA LEU A 483 19.64 16.17 -6.44
C LEU A 483 20.69 16.31 -7.53
N GLN B 9 16.87 -14.35 47.24
CA GLN B 9 17.46 -14.22 45.87
C GLN B 9 16.76 -15.09 44.80
N PHE B 10 17.05 -14.84 43.53
CA PHE B 10 16.21 -15.29 42.40
C PHE B 10 16.61 -16.61 41.72
N ASN B 11 16.18 -17.74 42.30
CA ASN B 11 16.36 -19.07 41.70
C ASN B 11 15.28 -19.41 40.64
N ALA B 12 15.47 -18.91 39.42
CA ALA B 12 14.46 -19.03 38.38
C ALA B 12 14.12 -20.46 37.89
N ASN B 13 12.82 -20.71 37.73
CA ASN B 13 12.31 -21.88 37.05
C ASN B 13 11.98 -21.46 35.59
N ILE B 14 11.90 -22.40 34.65
CA ILE B 14 11.52 -21.99 33.28
C ILE B 14 10.12 -22.43 32.84
N LEU B 15 9.63 -21.86 31.76
CA LEU B 15 8.26 -22.12 31.37
C LEU B 15 8.15 -23.16 30.29
N ARG B 16 7.50 -24.27 30.62
CA ARG B 16 7.13 -25.26 29.62
C ARG B 16 5.67 -25.66 29.74
N ASN B 17 4.97 -25.58 28.61
CA ASN B 17 3.58 -26.02 28.54
C ASN B 17 2.71 -25.48 29.68
N GLY B 18 2.99 -24.25 30.13
CA GLY B 18 2.20 -23.57 31.17
C GLY B 18 2.59 -23.89 32.59
N GLU B 19 3.56 -24.79 32.75
CA GLU B 19 4.07 -25.07 34.06
C GLU B 19 5.47 -24.50 34.27
N TRP B 20 5.77 -24.17 35.52
CA TRP B 20 7.06 -23.60 35.88
C TRP B 20 7.96 -24.66 36.50
N VAL B 21 9.02 -25.01 35.77
CA VAL B 21 9.88 -26.13 36.09
C VAL B 21 11.37 -25.83 36.21
N GLU B 22 12.06 -26.64 37.01
CA GLU B 22 13.52 -26.72 36.98
C GLU B 22 13.91 -27.84 35.97
N SER B 23 15.21 -28.07 35.79
CA SER B 23 15.67 -29.09 34.85
C SER B 23 15.56 -30.53 35.38
N ARG B 24 15.45 -31.45 34.47
CA ARG B 24 15.49 -32.83 34.78
C ARG B 24 16.93 -33.26 35.00
N THR B 25 17.87 -32.61 34.35
CA THR B 25 19.29 -32.83 34.60
C THR B 25 19.66 -32.58 36.09
N GLY B 26 18.95 -31.65 36.73
CA GLY B 26 19.19 -31.31 38.14
C GLY B 26 20.27 -30.26 38.26
N GLU B 27 20.68 -29.73 37.12
CA GLU B 27 21.80 -28.81 37.12
C GLU B 27 21.31 -27.38 37.08
N ARG B 28 22.14 -26.47 37.59
CA ARG B 28 21.82 -25.06 37.55
C ARG B 28 23.01 -24.21 37.14
N ILE B 29 22.72 -22.96 36.83
CA ILE B 29 23.74 -22.02 36.42
C ILE B 29 23.58 -20.80 37.28
N SER B 30 24.68 -20.41 37.91
CA SER B 30 24.71 -19.30 38.82
C SER B 30 24.87 -18.00 38.03
N ILE B 31 24.06 -17.00 38.37
CA ILE B 31 24.11 -15.68 37.76
C ILE B 31 24.54 -14.66 38.82
N SER B 32 25.53 -13.85 38.46
CA SER B 32 26.11 -12.88 39.37
C SER B 32 25.95 -11.45 38.88
N ALA B 33 25.76 -10.53 39.82
CA ALA B 33 25.69 -9.10 39.50
C ALA B 33 27.07 -8.57 39.11
N PRO B 34 27.24 -8.15 37.84
CA PRO B 34 28.50 -7.65 37.25
C PRO B 34 29.07 -6.40 37.89
N ALA B 35 28.24 -5.61 38.54
CA ALA B 35 28.74 -4.46 39.29
C ALA B 35 29.48 -4.87 40.57
N SER B 36 29.07 -5.98 41.18
CA SER B 36 29.60 -6.35 42.50
C SER B 36 30.17 -7.76 42.64
N GLY B 37 30.02 -8.56 41.58
CA GLY B 37 30.43 -9.97 41.58
C GLY B 37 29.73 -10.86 42.61
N VAL B 38 28.56 -10.42 43.07
CA VAL B 38 27.79 -11.12 44.08
C VAL B 38 26.69 -11.96 43.40
N ALA B 39 26.27 -13.03 44.08
CA ALA B 39 25.23 -13.91 43.56
C ALA B 39 23.86 -13.24 43.54
N LEU B 40 23.22 -13.29 42.38
CA LEU B 40 21.89 -12.76 42.21
C LEU B 40 20.87 -13.88 42.26
N GLY B 41 21.14 -14.92 41.49
CA GLY B 41 20.23 -16.04 41.37
C GLY B 41 20.82 -17.10 40.46
N SER B 42 19.93 -17.86 39.84
CA SER B 42 20.28 -19.05 39.06
C SER B 42 19.17 -19.47 38.10
N ILE B 43 19.53 -20.33 37.17
CA ILE B 43 18.62 -20.79 36.14
C ILE B 43 18.88 -22.26 35.82
N PRO B 44 17.89 -22.98 35.26
CA PRO B 44 18.16 -24.38 34.94
C PRO B 44 18.91 -24.54 33.63
N ALA B 45 19.90 -25.44 33.63
CA ALA B 45 20.56 -25.81 32.37
C ALA B 45 19.81 -27.00 31.78
N LEU B 46 19.04 -26.74 30.73
CA LEU B 46 18.17 -27.76 30.19
C LEU B 46 18.98 -28.77 29.41
N SER B 47 18.38 -29.93 29.16
CA SER B 47 18.99 -30.97 28.35
C SER B 47 18.54 -30.76 26.90
N GLN B 48 19.12 -31.54 25.99
CA GLN B 48 18.65 -31.58 24.61
C GLN B 48 17.21 -32.06 24.51
N GLU B 49 16.83 -32.96 25.43
CA GLU B 49 15.49 -33.51 25.48
C GLU B 49 14.46 -32.52 26.02
N GLU B 50 14.84 -31.69 26.99
CA GLU B 50 13.95 -30.62 27.48
C GLU B 50 13.75 -29.54 26.39
N VAL B 51 14.78 -29.33 25.57
CA VAL B 51 14.66 -28.41 24.46
C VAL B 51 13.68 -28.99 23.44
N ASN B 52 13.70 -30.31 23.30
CA ASN B 52 12.80 -31.04 22.41
C ASN B 52 11.35 -30.97 22.89
N ASP B 53 11.13 -31.08 24.19
CA ASP B 53 9.81 -30.96 24.74
C ASP B 53 9.34 -29.59 24.47
N ALA B 54 10.14 -28.61 24.83
CA ALA B 54 9.83 -27.23 24.52
C ALA B 54 9.35 -27.05 23.07
N ILE B 55 10.15 -27.50 22.09
CA ILE B 55 9.79 -27.33 20.67
C ILE B 55 8.46 -27.99 20.33
N GLN B 56 8.29 -29.24 20.80
CA GLN B 56 7.05 -30.01 20.61
C GLN B 56 5.83 -29.37 21.28
N GLY B 57 6.03 -28.89 22.50
CA GLY B 57 4.97 -28.22 23.25
C GLY B 57 4.46 -26.99 22.52
N ALA B 58 5.38 -26.22 21.95
CA ALA B 58 5.02 -25.02 21.21
C ALA B 58 4.41 -25.33 19.83
N LYS B 59 4.90 -26.41 19.21
CA LYS B 59 4.37 -26.91 17.93
C LYS B 59 2.88 -27.30 18.05
N ASP B 60 2.54 -28.06 19.11
CA ASP B 60 1.17 -28.43 19.47
C ASP B 60 0.32 -27.17 19.69
N ALA B 61 0.75 -26.34 20.65
CA ALA B 61 0.04 -25.12 21.03
C ALA B 61 -0.19 -24.15 19.85
N GLN B 62 0.74 -24.13 18.91
CA GLN B 62 0.62 -23.28 17.73
C GLN B 62 -0.65 -23.58 16.93
N LYS B 63 -1.00 -24.86 16.86
CA LYS B 63 -2.16 -25.31 16.08
C LYS B 63 -3.48 -24.75 16.62
N ILE B 64 -3.51 -24.44 17.91
CA ILE B 64 -4.71 -23.91 18.55
C ILE B 64 -4.63 -22.39 18.56
N TRP B 65 -3.40 -21.88 18.69
CA TRP B 65 -3.13 -20.45 18.77
C TRP B 65 -3.31 -19.77 17.42
N LYS B 66 -2.91 -20.42 16.33
CA LYS B 66 -3.05 -19.80 15.00
C LYS B 66 -4.52 -19.58 14.64
N ILE B 67 -5.38 -20.37 15.29
CA ILE B 67 -6.81 -20.40 15.10
C ILE B 67 -7.54 -19.21 15.74
N ARG B 68 -7.04 -18.74 16.88
CA ARG B 68 -7.64 -17.60 17.59
C ARG B 68 -7.87 -16.40 16.67
N PRO B 69 -9.06 -15.77 16.74
CA PRO B 69 -9.29 -14.47 16.12
C PRO B 69 -8.21 -13.43 16.45
N ILE B 70 -7.78 -12.70 15.43
CA ILE B 70 -6.74 -11.66 15.62
C ILE B 70 -6.91 -10.84 16.89
N HIS B 71 -8.13 -10.40 17.18
CA HIS B 71 -8.34 -9.50 18.33
C HIS B 71 -7.98 -10.12 19.65
N GLU B 72 -8.02 -11.44 19.73
CA GLU B 72 -7.74 -12.18 20.97
C GLU B 72 -6.25 -12.20 21.26
N ARG B 73 -5.48 -12.38 20.19
CA ARG B 73 -4.03 -12.33 20.20
C ARG B 73 -3.53 -10.96 20.63
N VAL B 74 -3.95 -9.95 19.87
CA VAL B 74 -3.74 -8.53 20.18
C VAL B 74 -4.04 -8.20 21.64
N ASP B 75 -5.13 -8.76 22.15
CA ASP B 75 -5.58 -8.49 23.51
C ASP B 75 -4.62 -9.01 24.55
N LEU B 76 -3.90 -10.07 24.24
CA LEU B 76 -2.97 -10.62 25.18
C LEU B 76 -1.75 -9.78 25.28
N LEU B 77 -1.28 -9.30 24.16
CA LEU B 77 -0.15 -8.39 24.12
C LEU B 77 -0.37 -7.17 24.97
N TYR B 78 -1.60 -6.67 24.95
CA TYR B 78 -1.95 -5.50 25.70
C TYR B 78 -1.92 -5.80 27.18
N ALA B 79 -2.55 -6.85 27.61
CA ALA B 79 -2.53 -7.17 29.01
C ALA B 79 -1.12 -7.38 29.51
N TRP B 80 -0.28 -7.94 28.66
CA TRP B 80 1.12 -8.23 28.98
C TRP B 80 1.91 -6.94 29.23
N ALA B 81 1.68 -5.94 28.38
CA ALA B 81 2.34 -4.63 28.46
C ALA B 81 1.89 -3.83 29.68
N ASP B 82 0.62 -3.92 30.03
CA ASP B 82 0.11 -3.16 31.15
C ASP B 82 0.74 -3.68 32.44
N LEU B 83 0.94 -5.00 32.49
CA LEU B 83 1.56 -5.69 33.62
C LEU B 83 3.06 -5.40 33.74
N LEU B 84 3.73 -5.26 32.59
CA LEU B 84 5.15 -4.90 32.55
C LEU B 84 5.35 -3.47 33.01
N GLU B 85 4.43 -2.59 32.60
CA GLU B 85 4.44 -1.21 33.06
C GLU B 85 4.24 -1.22 34.57
N GLU B 86 3.16 -1.83 35.01
CA GLU B 86 2.90 -1.98 36.44
C GLU B 86 4.18 -2.47 37.13
N ARG B 87 4.96 -3.27 36.41
CA ARG B 87 6.09 -3.97 37.00
C ARG B 87 7.46 -3.38 36.70
N LYS B 88 7.47 -2.16 36.12
CA LYS B 88 8.71 -1.55 35.61
C LYS B 88 9.71 -1.24 36.71
N GLU B 89 9.22 -1.01 37.92
CA GLU B 89 10.11 -0.68 39.04
C GLU B 89 10.91 -1.88 39.52
N ILE B 90 10.33 -3.07 39.40
CA ILE B 90 10.99 -4.30 39.87
C ILE B 90 11.79 -4.98 38.74
N ILE B 91 11.22 -5.06 37.54
CA ILE B 91 11.98 -5.60 36.41
C ILE B 91 13.19 -4.72 36.05
N GLY B 92 13.01 -3.41 36.13
CA GLY B 92 14.11 -2.47 35.88
C GLY B 92 15.23 -2.62 36.88
N GLU B 93 14.88 -2.76 38.15
CA GLU B 93 15.85 -3.09 39.19
C GLU B 93 16.58 -4.40 38.86
N LEU B 94 15.85 -5.40 38.39
CA LEU B 94 16.47 -6.69 38.06
C LEU B 94 17.41 -6.60 36.84
N ILE B 95 16.99 -5.89 35.79
CA ILE B 95 17.90 -5.55 34.67
C ILE B 95 19.14 -4.81 35.21
N MET B 96 18.93 -3.84 36.10
CA MET B 96 20.03 -3.04 36.67
C MET B 96 21.13 -3.91 37.30
N HIS B 97 20.73 -4.82 38.20
CA HIS B 97 21.66 -5.75 38.86
C HIS B 97 22.18 -6.86 37.96
N GLU B 98 21.38 -7.32 36.99
CA GLU B 98 21.82 -8.44 36.18
C GLU B 98 22.87 -8.05 35.14
N VAL B 99 22.72 -6.86 34.57
CA VAL B 99 23.59 -6.47 33.47
C VAL B 99 24.36 -5.14 33.72
N ALA B 100 24.26 -4.61 34.94
CA ALA B 100 24.89 -3.33 35.28
C ALA B 100 24.48 -2.28 34.25
N LYS B 101 23.19 -2.02 34.22
CA LYS B 101 22.60 -1.00 33.39
C LYS B 101 22.14 0.12 34.33
N PRO B 102 22.54 1.37 34.02
CA PRO B 102 22.21 2.48 34.89
C PRO B 102 20.74 2.43 35.26
N LYS B 103 20.46 2.57 36.54
CA LYS B 103 19.14 2.38 37.09
C LYS B 103 17.98 2.89 36.25
N LYS B 104 17.96 4.19 35.96
CA LYS B 104 16.84 4.77 35.25
C LYS B 104 16.68 4.22 33.85
N SER B 105 17.79 4.00 33.15
CA SER B 105 17.70 3.54 31.75
C SER B 105 17.26 2.07 31.67
N ALA B 106 17.43 1.31 32.76
CA ALA B 106 16.92 -0.07 32.83
C ALA B 106 15.39 -0.12 32.91
N ILE B 107 14.86 0.74 33.78
CA ILE B 107 13.43 0.96 33.94
C ILE B 107 12.83 1.47 32.64
N GLY B 108 13.54 2.42 32.02
CA GLY B 108 13.16 2.98 30.74
C GLY B 108 13.10 1.90 29.69
N GLU B 109 14.01 0.92 29.79
CA GLU B 109 13.98 -0.24 28.90
C GLU B 109 12.62 -0.99 28.97
N VAL B 110 12.12 -1.18 30.20
CA VAL B 110 10.81 -1.83 30.38
C VAL B 110 9.69 -0.98 29.78
N SER B 111 9.73 0.33 30.03
CA SER B 111 8.80 1.28 29.42
C SER B 111 8.87 1.24 27.89
N ARG B 112 10.08 1.12 27.35
CA ARG B 112 10.27 0.99 25.91
C ARG B 112 9.69 -0.32 25.40
N THR B 113 9.75 -1.36 26.23
CA THR B 113 9.23 -2.68 25.90
C THR B 113 7.69 -2.68 25.80
N ALA B 114 7.02 -2.13 26.81
CA ALA B 114 5.58 -1.94 26.77
C ALA B 114 5.12 -1.16 25.53
N ASP B 115 5.76 -0.02 25.27
CA ASP B 115 5.46 0.75 24.06
C ASP B 115 5.62 -0.10 22.79
N ILE B 116 6.69 -0.88 22.70
CA ILE B 116 6.94 -1.69 21.48
C ILE B 116 5.85 -2.77 21.30
N ILE B 117 5.40 -3.34 22.40
CA ILE B 117 4.40 -4.40 22.38
C ILE B 117 3.03 -3.87 21.91
N ARG B 118 2.59 -2.78 22.52
CA ARG B 118 1.32 -2.12 22.20
C ARG B 118 1.25 -1.69 20.75
N HIS B 119 2.34 -1.11 20.27
CA HIS B 119 2.43 -0.64 18.89
C HIS B 119 2.45 -1.82 17.94
N THR B 120 3.14 -2.86 18.35
CA THR B 120 3.20 -4.07 17.60
C THR B 120 1.78 -4.59 17.42
N ALA B 121 1.09 -4.78 18.51
CA ALA B 121 -0.26 -5.24 18.47
C ALA B 121 -1.14 -4.37 17.58
N ASP B 122 -0.95 -3.06 17.62
CA ASP B 122 -1.74 -2.15 16.83
C ASP B 122 -1.46 -2.28 15.35
N GLU B 123 -0.23 -2.61 15.04
CA GLU B 123 0.20 -2.76 13.68
C GLU B 123 -0.39 -4.04 13.12
N ALA B 124 -0.44 -5.06 13.96
CA ALA B 124 -0.98 -6.37 13.61
C ALA B 124 -2.47 -6.28 13.29
N LEU B 125 -3.15 -5.36 13.96
CA LEU B 125 -4.56 -5.08 13.78
C LEU B 125 -4.83 -4.38 12.44
N ARG B 126 -3.77 -3.95 11.77
CA ARG B 126 -3.93 -3.17 10.56
C ARG B 126 -3.35 -3.90 9.35
N LEU B 127 -3.03 -5.18 9.55
CA LEU B 127 -2.59 -6.02 8.45
C LEU B 127 -3.83 -6.47 7.67
N ASN B 128 -3.93 -5.99 6.44
CA ASN B 128 -5.07 -6.28 5.59
C ASN B 128 -4.58 -7.12 4.44
N GLY B 129 -5.43 -8.01 3.95
CA GLY B 129 -5.09 -8.81 2.79
C GLY B 129 -5.26 -8.04 1.50
N GLU B 130 -5.03 -8.71 0.38
CA GLU B 130 -5.32 -8.12 -0.91
C GLU B 130 -5.94 -9.11 -1.88
N THR B 131 -6.79 -8.59 -2.76
CA THR B 131 -7.40 -9.42 -3.74
C THR B 131 -6.75 -9.12 -5.07
N LEU B 132 -6.38 -10.19 -5.77
CA LEU B 132 -5.85 -10.06 -7.11
C LEU B 132 -6.76 -10.82 -8.05
N LYS B 133 -6.88 -10.29 -9.26
CA LYS B 133 -7.76 -10.84 -10.26
C LYS B 133 -6.94 -11.45 -11.39
N GLY B 134 -7.51 -12.46 -12.04
CA GLY B 134 -6.80 -13.23 -13.04
C GLY B 134 -6.20 -12.42 -14.17
N ASP B 135 -6.99 -11.56 -14.80
CA ASP B 135 -6.49 -10.86 -15.98
C ASP B 135 -5.69 -9.59 -15.64
N GLN B 136 -5.27 -9.46 -14.38
CA GLN B 136 -4.28 -8.45 -13.99
C GLN B 136 -2.90 -8.77 -14.57
N PHE B 137 -2.73 -10.01 -15.05
CA PHE B 137 -1.59 -10.41 -15.88
C PHE B 137 -2.11 -10.89 -17.23
N LYS B 138 -1.38 -10.55 -18.30
CA LYS B 138 -1.82 -10.93 -19.64
C LYS B 138 -2.05 -12.43 -19.76
N GLY B 139 -3.21 -12.80 -20.30
CA GLY B 139 -3.58 -14.20 -20.47
C GLY B 139 -4.45 -14.72 -19.34
N GLY B 140 -4.25 -14.17 -18.14
CA GLY B 140 -5.00 -14.57 -16.95
C GLY B 140 -6.50 -14.53 -17.13
N SER B 141 -7.18 -15.51 -16.53
CA SER B 141 -8.63 -15.63 -16.61
C SER B 141 -9.33 -14.53 -15.82
N SER B 142 -10.27 -13.86 -16.48
CA SER B 142 -11.07 -12.81 -15.89
C SER B 142 -11.90 -13.28 -14.70
N LYS B 143 -12.16 -14.59 -14.66
CA LYS B 143 -13.15 -15.13 -13.73
C LYS B 143 -12.63 -15.81 -12.45
N LYS B 144 -11.35 -15.62 -12.12
CA LYS B 144 -10.84 -16.13 -10.85
C LYS B 144 -10.20 -15.03 -9.99
N ILE B 145 -10.16 -15.25 -8.68
CA ILE B 145 -9.74 -14.22 -7.74
C ILE B 145 -8.94 -14.75 -6.53
N ALA B 146 -7.69 -14.29 -6.41
CA ALA B 146 -6.82 -14.65 -5.30
C ALA B 146 -7.06 -13.79 -4.05
N LEU B 147 -7.37 -14.42 -2.93
CA LEU B 147 -7.42 -13.76 -1.62
C LEU B 147 -6.12 -14.06 -0.91
N VAL B 148 -5.37 -13.02 -0.58
CA VAL B 148 -4.01 -13.16 -0.06
C VAL B 148 -3.92 -12.62 1.36
N GLU B 149 -3.94 -13.51 2.35
CA GLU B 149 -3.70 -13.14 3.74
C GLU B 149 -2.28 -13.53 4.18
N ARG B 150 -1.89 -13.07 5.34
CA ARG B 150 -0.60 -13.44 5.93
C ARG B 150 -0.83 -14.62 6.88
N GLU B 151 -0.07 -15.70 6.72
CA GLU B 151 -0.17 -16.87 7.59
C GLU B 151 1.12 -17.02 8.39
N PRO B 152 0.99 -17.25 9.73
CA PRO B 152 2.12 -17.52 10.62
C PRO B 152 3.07 -18.58 10.11
N LEU B 153 4.35 -18.46 10.48
CA LEU B 153 5.38 -19.41 10.05
C LEU B 153 5.36 -20.74 10.82
N GLY B 154 5.04 -20.69 12.12
CA GLY B 154 4.98 -21.89 12.95
C GLY B 154 5.53 -21.63 14.34
N VAL B 155 6.63 -22.29 14.64
CA VAL B 155 7.36 -22.07 15.90
C VAL B 155 8.59 -21.20 15.63
N VAL B 156 8.61 -20.04 16.29
CA VAL B 156 9.73 -19.13 16.18
C VAL B 156 10.76 -19.35 17.27
N LEU B 157 12.02 -19.46 16.84
CA LEU B 157 13.12 -19.46 17.77
C LEU B 157 13.66 -18.03 17.89
N ALA B 158 13.53 -17.49 19.09
CA ALA B 158 13.99 -16.13 19.39
C ALA B 158 15.16 -16.15 20.36
N ILE B 159 16.30 -15.68 19.87
CA ILE B 159 17.52 -15.69 20.66
C ILE B 159 17.96 -14.26 20.94
N SER B 160 18.02 -13.91 22.24
CA SER B 160 18.31 -12.54 22.68
C SER B 160 19.67 -12.36 23.37
N PRO B 161 20.24 -11.14 23.34
CA PRO B 161 21.51 -10.87 23.95
C PRO B 161 21.35 -10.29 25.37
N PHE B 162 22.49 -9.97 25.98
CA PHE B 162 22.56 -9.55 27.37
C PHE B 162 22.17 -8.08 27.58
N ASN B 163 22.43 -7.24 26.57
CA ASN B 163 22.40 -5.80 26.77
C ASN B 163 21.04 -5.13 26.59
N TYR B 164 20.05 -5.92 26.18
CA TYR B 164 18.67 -5.50 26.20
C TYR B 164 17.87 -6.76 26.51
N PRO B 165 18.08 -7.31 27.72
CA PRO B 165 17.57 -8.63 28.05
C PRO B 165 16.05 -8.71 27.96
N VAL B 166 15.36 -7.57 27.89
CA VAL B 166 13.91 -7.55 27.78
C VAL B 166 13.41 -6.94 26.46
N ASN B 167 13.87 -5.74 26.16
CA ASN B 167 13.43 -5.02 24.96
C ASN B 167 13.70 -5.84 23.70
N LEU B 168 14.90 -6.40 23.62
CA LEU B 168 15.32 -7.19 22.45
C LEU B 168 14.83 -8.63 22.47
N ALA B 169 14.22 -9.03 23.59
CA ALA B 169 13.51 -10.29 23.65
C ALA B 169 12.10 -10.07 23.12
N ALA B 170 11.33 -9.29 23.88
CA ALA B 170 10.00 -8.84 23.49
C ALA B 170 9.87 -8.36 22.03
N ALA B 171 10.84 -7.62 21.52
CA ALA B 171 10.76 -7.16 20.12
C ALA B 171 10.66 -8.33 19.15
N LYS B 172 11.06 -9.51 19.61
CA LYS B 172 10.98 -10.74 18.84
C LYS B 172 9.72 -11.49 19.17
N ILE B 173 9.49 -11.71 20.48
CA ILE B 173 8.38 -12.48 20.98
C ILE B 173 7.06 -11.81 20.57
N ALA B 174 6.95 -10.52 20.84
CA ALA B 174 5.68 -9.82 20.67
C ALA B 174 5.06 -9.97 19.26
N PRO B 175 5.82 -9.71 18.19
CA PRO B 175 5.23 -9.91 16.86
C PRO B 175 5.15 -11.37 16.39
N ALA B 176 5.86 -12.27 17.05
CA ALA B 176 5.77 -13.67 16.71
C ALA B 176 4.37 -14.13 17.06
N LEU B 177 4.00 -13.87 18.31
CA LEU B 177 2.77 -14.39 18.87
C LEU B 177 1.54 -13.76 18.23
N VAL B 178 1.59 -12.44 18.10
CA VAL B 178 0.42 -11.70 17.68
C VAL B 178 -0.01 -12.15 16.28
N THR B 179 0.95 -12.52 15.43
CA THR B 179 0.62 -13.02 14.08
C THR B 179 0.43 -14.52 14.07
N GLY B 180 0.42 -15.14 15.27
CA GLY B 180 0.05 -16.54 15.43
C GLY B 180 1.13 -17.61 15.35
N ASN B 181 2.39 -17.22 15.45
CA ASN B 181 3.44 -18.18 15.72
C ASN B 181 3.38 -18.54 17.23
N THR B 182 4.15 -19.54 17.64
CA THR B 182 4.53 -19.64 19.05
C THR B 182 6.02 -19.42 19.14
N VAL B 183 6.53 -19.36 20.35
CA VAL B 183 7.90 -18.94 20.54
C VAL B 183 8.63 -19.91 21.45
N VAL B 184 9.77 -20.38 20.96
CA VAL B 184 10.78 -20.93 21.85
C VAL B 184 11.85 -19.86 22.04
N PHE B 185 12.17 -19.61 23.31
CA PHE B 185 12.94 -18.42 23.62
C PHE B 185 14.17 -18.69 24.46
N LYS B 186 15.32 -18.45 23.81
CA LYS B 186 16.64 -18.55 24.40
C LYS B 186 17.24 -17.18 24.69
N PRO B 187 17.10 -16.72 25.95
CA PRO B 187 17.69 -15.49 26.40
C PRO B 187 19.17 -15.70 26.69
N ALA B 188 19.95 -14.63 26.72
CA ALA B 188 21.31 -14.76 27.14
C ALA B 188 21.31 -15.25 28.58
N THR B 189 22.26 -16.12 28.91
CA THR B 189 22.42 -16.64 30.26
C THR B 189 22.48 -15.44 31.20
N GLN B 190 23.44 -14.54 30.96
CA GLN B 190 23.48 -13.28 31.66
C GLN B 190 22.37 -12.42 31.08
N GLY B 191 21.32 -12.24 31.87
CA GLY B 191 20.06 -11.61 31.41
C GLY B 191 18.89 -12.58 31.38
N SER B 192 19.13 -13.84 31.73
CA SER B 192 18.06 -14.86 31.73
C SER B 192 17.05 -14.63 32.83
N LEU B 193 17.45 -13.91 33.87
CA LEU B 193 16.55 -13.63 34.99
C LEU B 193 15.56 -12.53 34.58
N SER B 194 16.06 -11.53 33.86
CA SER B 194 15.22 -10.44 33.37
C SER B 194 14.15 -11.00 32.47
N GLY B 195 14.58 -11.78 31.48
CA GLY B 195 13.69 -12.41 30.53
C GLY B 195 12.63 -13.22 31.22
N ILE B 196 13.05 -14.11 32.11
CA ILE B 196 12.10 -14.94 32.85
C ILE B 196 11.02 -14.09 33.50
N LYS B 197 11.42 -12.99 34.12
CA LYS B 197 10.46 -12.06 34.73
C LYS B 197 9.59 -11.37 33.67
N MET B 198 10.21 -10.92 32.57
CA MET B 198 9.47 -10.43 31.39
C MET B 198 8.39 -11.44 30.98
N VAL B 199 8.78 -12.71 30.92
CA VAL B 199 7.87 -13.81 30.57
C VAL B 199 6.85 -14.12 31.69
N GLU B 200 7.22 -13.88 32.93
CA GLU B 200 6.32 -14.16 34.05
C GLU B 200 5.03 -13.36 33.88
N ALA B 201 5.17 -12.11 33.45
CA ALA B 201 4.04 -11.19 33.26
C ALA B 201 3.14 -11.65 32.10
N LEU B 202 3.78 -12.18 31.06
CA LEU B 202 3.11 -12.74 29.90
C LEU B 202 2.22 -13.93 30.27
N ALA B 203 2.75 -14.82 31.10
CA ALA B 203 1.95 -15.91 31.69
C ALA B 203 0.87 -15.37 32.62
N ASP B 204 1.26 -14.49 33.55
CA ASP B 204 0.31 -13.76 34.38
C ASP B 204 -0.76 -13.06 33.53
N ALA B 205 -0.41 -12.64 32.30
CA ALA B 205 -1.39 -12.02 31.40
C ALA B 205 -2.41 -13.02 30.86
N GLY B 206 -2.10 -14.31 30.94
CA GLY B 206 -3.03 -15.38 30.55
C GLY B 206 -2.67 -15.95 29.18
N ALA B 207 -1.38 -16.16 28.94
CA ALA B 207 -0.91 -16.77 27.71
C ALA B 207 -1.31 -18.24 27.78
N PRO B 208 -2.04 -18.75 26.77
CA PRO B 208 -2.42 -20.17 26.85
C PRO B 208 -1.17 -21.05 26.91
N GLU B 209 -1.34 -22.29 27.35
CA GLU B 209 -0.21 -23.16 27.59
C GLU B 209 0.58 -23.50 26.32
N GLY B 210 1.88 -23.27 26.39
CA GLY B 210 2.78 -23.63 25.30
C GLY B 210 3.06 -22.64 24.18
N ILE B 211 2.41 -21.47 24.20
CA ILE B 211 2.67 -20.45 23.15
C ILE B 211 4.01 -19.74 23.33
N ILE B 212 4.45 -19.69 24.59
CA ILE B 212 5.75 -19.15 24.96
C ILE B 212 6.53 -20.19 25.77
N GLN B 213 7.67 -20.63 25.24
CA GLN B 213 8.56 -21.52 26.00
C GLN B 213 9.93 -20.87 26.22
N VAL B 214 10.45 -21.01 27.43
CA VAL B 214 11.76 -20.49 27.81
C VAL B 214 12.77 -21.61 27.97
N VAL B 215 13.84 -21.55 27.19
CA VAL B 215 14.93 -22.52 27.33
C VAL B 215 16.22 -21.87 27.84
N THR B 216 16.62 -22.26 29.04
CA THR B 216 17.86 -21.76 29.62
C THR B 216 18.94 -22.81 29.68
N GLY B 217 20.18 -22.35 29.55
CA GLY B 217 21.35 -23.20 29.44
C GLY B 217 22.45 -22.55 28.63
N ARG B 218 23.59 -23.20 28.60
CA ARG B 218 24.74 -22.72 27.84
C ARG B 218 24.51 -22.75 26.34
N GLY B 219 24.62 -21.58 25.71
CA GLY B 219 24.56 -21.46 24.26
C GLY B 219 25.62 -22.31 23.58
N SER B 220 26.78 -22.40 24.23
CA SER B 220 27.85 -23.27 23.83
C SER B 220 27.40 -24.73 23.82
N VAL B 221 26.57 -25.11 24.80
CA VAL B 221 26.03 -26.48 24.93
C VAL B 221 24.75 -26.74 24.14
N ILE B 222 23.68 -25.99 24.43
CA ILE B 222 22.36 -26.29 23.86
C ILE B 222 22.02 -25.53 22.58
N GLY B 223 22.87 -24.55 22.24
CA GLY B 223 22.60 -23.66 21.13
C GLY B 223 22.51 -24.31 19.76
N ASP B 224 23.47 -25.18 19.46
CA ASP B 224 23.53 -25.86 18.16
C ASP B 224 22.32 -26.77 17.88
N HIS B 225 21.93 -27.56 18.87
CA HIS B 225 20.85 -28.54 18.73
C HIS B 225 19.55 -27.80 18.45
N LEU B 226 19.36 -26.76 19.23
CA LEU B 226 18.25 -25.84 19.12
C LEU B 226 18.15 -25.22 17.71
N VAL B 227 19.24 -24.65 17.21
CA VAL B 227 19.27 -24.01 15.89
C VAL B 227 19.06 -25.00 14.73
N GLU B 228 19.33 -26.28 14.97
CA GLU B 228 19.29 -27.31 13.92
C GLU B 228 18.03 -28.18 13.96
N HIS B 229 17.22 -28.00 15.00
CA HIS B 229 16.04 -28.81 15.24
C HIS B 229 14.99 -28.55 14.18
N PRO B 230 14.55 -29.61 13.44
CA PRO B 230 13.54 -29.41 12.38
C PRO B 230 12.17 -28.93 12.89
N GLY B 231 11.95 -28.92 14.21
CA GLY B 231 10.72 -28.32 14.76
C GLY B 231 10.69 -26.80 14.66
N ILE B 232 11.83 -26.21 14.29
CA ILE B 232 12.00 -24.76 14.21
C ILE B 232 11.72 -24.25 12.80
N ASP B 233 10.84 -23.26 12.74
CA ASP B 233 10.25 -22.76 11.52
C ASP B 233 10.83 -21.42 11.11
N MET B 234 11.37 -20.73 12.12
CA MET B 234 12.11 -19.49 11.92
C MET B 234 13.05 -19.19 13.09
N ILE B 235 14.17 -18.53 12.80
CA ILE B 235 15.05 -18.00 13.86
C ILE B 235 15.26 -16.49 13.72
N THR B 236 15.13 -15.79 14.86
CA THR B 236 15.52 -14.39 14.98
C THR B 236 16.52 -14.21 16.12
N PHE B 237 17.65 -13.60 15.79
CA PHE B 237 18.83 -13.55 16.63
C PHE B 237 19.45 -12.15 16.70
N THR B 238 19.76 -11.71 17.92
CA THR B 238 20.61 -10.54 18.13
C THR B 238 21.72 -10.95 19.08
N GLY B 239 22.96 -10.72 18.64
CA GLY B 239 24.17 -11.00 19.41
C GLY B 239 25.39 -10.69 18.57
N GLY B 240 26.52 -11.33 18.89
CA GLY B 240 27.77 -11.10 18.19
C GLY B 240 27.75 -11.64 16.78
N THR B 241 28.66 -11.16 15.94
CA THR B 241 28.76 -11.61 14.56
C THR B 241 29.18 -13.08 14.47
N THR B 242 30.09 -13.50 15.36
CA THR B 242 30.62 -14.87 15.37
C THR B 242 29.56 -15.94 15.65
N THR B 243 28.69 -15.70 16.64
CA THR B 243 27.54 -16.57 16.87
C THR B 243 26.56 -16.51 15.69
N GLY B 244 26.28 -15.31 15.21
CA GLY B 244 25.38 -15.11 14.07
C GLY B 244 25.73 -15.93 12.85
N GLU B 245 26.99 -15.87 12.45
CA GLU B 245 27.48 -16.67 11.31
C GLU B 245 27.35 -18.17 11.57
N ARG B 246 27.61 -18.58 12.81
CA ARG B 246 27.48 -20.00 13.21
C ARG B 246 26.03 -20.48 13.09
N ILE B 247 25.11 -19.72 13.67
CA ILE B 247 23.68 -19.94 13.49
C ILE B 247 23.26 -20.07 12.01
N SER B 248 23.62 -19.07 11.20
CA SER B 248 23.25 -19.03 9.78
C SER B 248 23.82 -20.20 9.00
N GLU B 249 25.02 -20.63 9.39
CA GLU B 249 25.71 -21.74 8.74
C GLU B 249 24.94 -23.04 8.97
N LYS B 250 24.54 -23.25 10.23
CA LYS B 250 23.99 -24.51 10.73
C LYS B 250 22.49 -24.74 10.50
N ALA B 251 21.69 -23.67 10.56
CA ALA B 251 20.26 -23.73 10.27
C ALA B 251 20.02 -23.99 8.77
N LYS B 252 18.82 -24.47 8.41
CA LYS B 252 18.48 -24.72 7.00
C LYS B 252 16.97 -24.80 6.69
N MET B 253 16.57 -24.39 5.49
CA MET B 253 15.16 -24.43 5.05
C MET B 253 14.18 -23.57 5.88
N ILE B 254 14.69 -22.62 6.66
CA ILE B 254 13.83 -21.75 7.44
C ILE B 254 14.32 -20.32 7.28
N PRO B 255 13.43 -19.33 7.46
CA PRO B 255 13.92 -17.95 7.45
C PRO B 255 14.79 -17.70 8.66
N VAL B 256 15.82 -16.90 8.47
CA VAL B 256 16.65 -16.48 9.60
C VAL B 256 16.99 -15.00 9.53
N VAL B 257 16.74 -14.32 10.64
CA VAL B 257 16.98 -12.91 10.81
C VAL B 257 18.05 -12.66 11.89
N LEU B 258 19.12 -11.97 11.48
CA LEU B 258 20.24 -11.65 12.38
C LEU B 258 20.43 -10.15 12.51
N GLU B 259 20.56 -9.71 13.75
CA GLU B 259 21.08 -8.39 14.09
C GLU B 259 22.40 -8.63 14.83
N LEU B 260 23.50 -8.29 14.17
CA LEU B 260 24.83 -8.64 14.64
C LEU B 260 25.58 -7.43 15.19
N GLY B 261 26.91 -7.48 15.20
CA GLY B 261 27.71 -6.35 15.61
C GLY B 261 27.77 -5.25 14.57
N GLY B 262 28.31 -4.09 14.99
CA GLY B 262 28.57 -2.96 14.11
C GLY B 262 29.79 -2.12 14.53
N LYS B 263 30.34 -1.38 13.59
CA LYS B 263 31.36 -0.39 13.88
C LYS B 263 30.90 0.91 13.24
N ASP B 264 29.91 1.54 13.86
CA ASP B 264 29.24 2.70 13.27
C ASP B 264 30.20 3.87 13.22
N PRO B 265 30.47 4.36 11.98
CA PRO B 265 31.27 5.53 11.67
C PRO B 265 30.50 6.82 11.84
N ALA B 266 31.15 7.84 12.42
CA ALA B 266 30.68 9.23 12.32
C ALA B 266 31.62 10.00 11.39
N ILE B 267 31.07 10.46 10.26
CA ILE B 267 31.81 11.35 9.36
C ILE B 267 31.52 12.84 9.65
N VAL B 268 32.57 13.56 10.03
CA VAL B 268 32.47 14.96 10.42
C VAL B 268 33.23 15.83 9.41
N LEU B 269 32.50 16.72 8.74
CA LEU B 269 33.05 17.53 7.63
C LEU B 269 33.25 19.02 7.94
N ASP B 270 34.04 19.69 7.08
CA ASP B 270 34.42 21.12 7.21
C ASP B 270 33.35 22.03 7.79
N ASP B 271 32.15 21.96 7.20
CA ASP B 271 31.02 22.79 7.60
C ASP B 271 30.20 22.24 8.79
N ALA B 272 30.64 21.13 9.37
CA ALA B 272 29.91 20.55 10.51
C ALA B 272 29.72 21.54 11.63
N ASP B 273 28.53 21.51 12.25
CA ASP B 273 28.32 22.20 13.51
C ASP B 273 28.93 21.31 14.59
N LEU B 274 30.13 21.71 15.00
CA LEU B 274 30.98 20.89 15.85
C LEU B 274 30.49 20.73 17.29
N LYS B 275 29.60 21.61 17.74
CA LYS B 275 29.06 21.54 19.10
C LYS B 275 28.02 20.42 19.15
N LEU B 276 27.07 20.48 18.22
CA LEU B 276 26.04 19.45 18.04
C LEU B 276 26.68 18.08 17.77
N THR B 277 27.68 18.07 16.89
CA THR B 277 28.41 16.86 16.55
C THR B 277 29.04 16.23 17.79
N ALA B 278 29.92 16.96 18.47
CA ALA B 278 30.53 16.46 19.70
C ALA B 278 29.48 15.82 20.60
N SER B 279 28.42 16.57 20.85
CA SER B 279 27.28 16.16 21.67
C SER B 279 26.70 14.83 21.20
N GLN B 280 26.30 14.77 19.93
CA GLN B 280 25.72 13.56 19.33
C GLN B 280 26.64 12.34 19.42
N ILE B 281 27.94 12.57 19.22
CA ILE B 281 28.95 11.52 19.19
C ILE B 281 29.24 10.94 20.58
N VAL B 282 29.42 11.80 21.58
CA VAL B 282 29.66 11.33 22.95
C VAL B 282 28.43 10.60 23.53
N SER B 283 27.23 11.07 23.19
CA SER B 283 25.97 10.45 23.64
C SER B 283 25.77 9.09 23.00
N GLY B 284 26.09 9.03 21.70
CA GLY B 284 25.88 7.84 20.91
C GLY B 284 26.92 6.77 21.14
N ALA B 285 28.14 7.19 21.46
CA ALA B 285 29.23 6.26 21.64
C ALA B 285 29.22 5.61 23.01
N PHE B 286 28.88 6.39 24.04
CA PHE B 286 29.12 5.99 25.42
C PHE B 286 27.91 5.56 26.21
N SER B 287 26.73 5.54 25.58
CA SER B 287 25.55 4.98 26.22
C SER B 287 25.83 3.54 26.62
N TYR B 288 25.48 3.21 27.86
CA TYR B 288 25.65 1.88 28.41
C TYR B 288 27.11 1.42 28.26
N SER B 289 28.00 2.39 28.46
CA SER B 289 29.44 2.24 28.31
C SER B 289 29.84 1.57 27.00
N GLY B 290 29.28 2.03 25.89
CA GLY B 290 29.61 1.49 24.58
C GLY B 290 29.15 0.06 24.32
N GLN B 291 28.39 -0.53 25.25
CA GLN B 291 28.00 -1.92 25.11
C GLN B 291 26.73 -2.03 24.28
N ARG B 292 26.77 -1.48 23.06
CA ARG B 292 25.63 -1.43 22.14
C ARG B 292 26.06 -1.74 20.70
N CYS B 293 25.23 -2.50 20.00
CA CYS B 293 25.49 -2.86 18.59
C CYS B 293 25.44 -1.65 17.65
N THR B 294 24.48 -0.75 17.86
CA THR B 294 24.44 0.50 17.13
C THR B 294 24.85 1.63 18.07
N ALA B 295 25.95 2.28 17.71
CA ALA B 295 26.61 3.31 18.50
C ALA B 295 27.77 3.75 17.64
N ILE B 296 28.07 5.05 17.66
CA ILE B 296 29.26 5.53 16.96
C ILE B 296 30.45 4.89 17.65
N LYS B 297 31.27 4.19 16.86
CA LYS B 297 32.41 3.46 17.40
C LYS B 297 33.72 3.92 16.75
N ARG B 298 33.61 4.70 15.68
CA ARG B 298 34.79 5.31 15.08
C ARG B 298 34.43 6.68 14.52
N VAL B 299 35.38 7.61 14.52
CA VAL B 299 35.12 8.92 13.94
C VAL B 299 36.09 9.25 12.79
N PHE B 300 35.51 9.47 11.61
CA PHE B 300 36.28 10.00 10.51
C PHE B 300 36.04 11.49 10.48
N VAL B 301 37.08 12.25 10.81
CA VAL B 301 36.99 13.70 10.93
C VAL B 301 37.96 14.38 9.97
N GLN B 302 37.48 15.39 9.26
CA GLN B 302 38.34 16.18 8.41
C GLN B 302 39.35 16.94 9.28
N ASP B 303 40.64 16.74 9.01
CA ASP B 303 41.73 17.25 9.86
C ASP B 303 41.75 18.78 9.98
N SER B 304 41.02 19.43 9.08
CA SER B 304 40.81 20.87 9.11
C SER B 304 40.11 21.34 10.40
N VAL B 305 39.19 20.52 10.91
CA VAL B 305 38.39 20.86 12.10
C VAL B 305 38.57 19.88 13.25
N ALA B 306 39.49 18.93 13.07
CA ALA B 306 39.73 17.84 14.01
C ALA B 306 40.04 18.26 15.45
N ASP B 307 41.04 19.13 15.62
CA ASP B 307 41.53 19.53 16.95
C ASP B 307 40.42 20.18 17.76
N GLN B 308 39.54 20.89 17.07
CA GLN B 308 38.39 21.53 17.69
C GLN B 308 37.32 20.51 18.13
N LEU B 309 36.99 19.57 17.26
CA LEU B 309 36.01 18.53 17.61
C LEU B 309 36.43 17.74 18.86
N VAL B 310 37.66 17.26 18.84
CA VAL B 310 38.24 16.46 19.91
C VAL B 310 38.26 17.19 21.25
N ALA B 311 38.45 18.51 21.21
CA ALA B 311 38.37 19.35 22.41
C ALA B 311 36.95 19.32 22.97
N ASN B 312 35.98 19.63 22.13
CA ASN B 312 34.56 19.57 22.48
C ASN B 312 34.18 18.20 23.00
N ILE B 313 34.60 17.17 22.26
CA ILE B 313 34.36 15.78 22.63
C ILE B 313 34.97 15.50 24.00
N LYS B 314 36.19 15.99 24.23
CA LYS B 314 36.92 15.75 25.47
C LYS B 314 36.21 16.36 26.68
N GLU B 315 35.70 17.59 26.51
CA GLU B 315 35.02 18.28 27.61
C GLU B 315 33.82 17.47 28.09
N LEU B 316 33.05 16.96 27.14
CA LEU B 316 31.87 16.15 27.42
C LEU B 316 32.25 14.80 28.00
N VAL B 317 33.31 14.21 27.45
CA VAL B 317 33.81 12.90 27.89
C VAL B 317 34.27 12.89 29.36
N GLU B 318 35.09 13.87 29.71
CA GLU B 318 35.59 14.03 31.08
C GLU B 318 34.47 14.42 32.05
N GLN B 319 33.28 14.59 31.49
CA GLN B 319 32.12 15.04 32.22
C GLN B 319 31.10 13.91 32.35
N LEU B 320 31.46 12.73 31.87
CA LEU B 320 30.59 11.56 32.03
C LEU B 320 30.88 10.95 33.38
N THR B 321 29.81 10.59 34.10
CA THR B 321 29.97 10.03 35.44
C THR B 321 30.31 8.55 35.36
N VAL B 322 31.24 8.15 36.22
CA VAL B 322 31.75 6.79 36.24
C VAL B 322 31.41 6.21 37.59
N GLY B 323 30.68 5.09 37.59
CA GLY B 323 30.34 4.43 38.84
C GLY B 323 29.27 3.38 38.74
N SER B 324 28.65 3.08 39.88
CA SER B 324 27.68 2.01 39.97
C SER B 324 26.39 2.35 39.22
N PRO B 325 25.75 1.32 38.64
CA PRO B 325 24.43 1.38 37.99
C PRO B 325 23.30 1.88 38.91
N GLU B 326 23.44 1.64 40.22
CA GLU B 326 22.45 2.10 41.18
C GLU B 326 22.44 3.62 41.28
N ASP B 327 23.59 4.23 41.01
CA ASP B 327 23.76 5.68 41.07
C ASP B 327 23.57 6.38 39.74
N ASP B 328 23.03 5.68 38.75
CA ASP B 328 22.77 6.24 37.41
C ASP B 328 23.97 6.95 36.77
N ALA B 329 25.15 6.40 36.98
CA ALA B 329 26.35 6.89 36.34
C ALA B 329 26.22 6.61 34.83
N ASP B 330 26.75 7.51 34.01
CA ASP B 330 26.74 7.31 32.55
C ASP B 330 27.56 6.07 32.19
N ILE B 331 28.69 5.91 32.87
CA ILE B 331 29.59 4.81 32.61
C ILE B 331 29.50 3.81 33.76
N THR B 332 29.09 2.59 33.41
CA THR B 332 28.93 1.53 34.39
C THR B 332 29.90 0.40 34.06
N PRO B 333 30.18 -0.51 35.03
CA PRO B 333 31.10 -1.63 34.81
C PRO B 333 30.66 -2.48 33.62
N VAL B 334 31.61 -2.93 32.80
CA VAL B 334 31.29 -3.76 31.65
C VAL B 334 30.86 -5.16 32.10
N ILE B 335 30.28 -5.92 31.16
CA ILE B 335 29.55 -7.14 31.49
C ILE B 335 30.32 -8.24 32.25
N ASP B 336 31.56 -8.50 31.85
CA ASP B 336 32.45 -9.45 32.56
C ASP B 336 33.94 -9.18 32.31
N GLU B 337 34.79 -9.97 32.95
CA GLU B 337 36.26 -9.81 32.85
C GLU B 337 36.83 -10.10 31.46
N LYS B 338 36.25 -11.08 30.76
CA LYS B 338 36.59 -11.35 29.37
C LYS B 338 36.51 -10.05 28.57
N SER B 339 35.41 -9.32 28.79
CA SER B 339 35.12 -8.09 28.09
C SER B 339 36.17 -7.04 28.43
N ALA B 340 36.36 -6.80 29.73
CA ALA B 340 37.35 -5.83 30.21
C ALA B 340 38.77 -6.06 29.66
N ALA B 341 39.10 -7.31 29.35
CA ALA B 341 40.43 -7.62 28.87
C ALA B 341 40.53 -7.44 27.36
N PHE B 342 39.48 -7.80 26.63
CA PHE B 342 39.46 -7.58 25.17
C PHE B 342 39.52 -6.08 24.86
N ILE B 343 38.96 -5.28 25.77
CA ILE B 343 38.98 -3.84 25.64
C ILE B 343 40.39 -3.30 25.93
N GLN B 344 40.94 -3.64 27.10
CA GLN B 344 42.35 -3.35 27.43
C GLN B 344 43.28 -3.66 26.25
N GLY B 345 43.16 -4.84 25.65
CA GLY B 345 43.96 -5.21 24.49
C GLY B 345 43.97 -4.17 23.37
N LEU B 346 42.78 -3.63 23.09
CA LEU B 346 42.55 -2.66 22.02
C LEU B 346 43.16 -1.28 22.28
N ILE B 347 43.09 -0.83 23.52
CA ILE B 347 43.74 0.42 23.92
C ILE B 347 45.25 0.28 23.75
N ASP B 348 45.83 -0.69 24.45
CA ASP B 348 47.26 -1.05 24.34
C ASP B 348 47.76 -1.07 22.91
N ASP B 349 47.14 -1.88 22.07
CA ASP B 349 47.47 -1.94 20.65
C ASP B 349 47.56 -0.55 20.00
N ALA B 350 46.60 0.32 20.34
CA ALA B 350 46.57 1.68 19.77
C ALA B 350 47.71 2.56 20.27
N LEU B 351 47.90 2.60 21.59
CA LEU B 351 48.98 3.36 22.21
C LEU B 351 50.34 2.85 21.74
N GLU B 352 50.54 1.53 21.83
CA GLU B 352 51.76 0.86 21.38
C GLU B 352 51.99 1.03 19.87
N ASN B 353 51.05 1.69 19.19
CA ASN B 353 51.23 2.06 17.79
C ASN B 353 51.18 3.58 17.53
N GLY B 354 51.14 4.36 18.60
CA GLY B 354 51.31 5.82 18.47
C GLY B 354 50.18 6.75 18.87
N ALA B 355 48.95 6.24 18.91
CA ALA B 355 47.77 7.08 19.14
C ALA B 355 47.85 7.90 20.43
N THR B 356 47.18 9.06 20.42
CA THR B 356 47.16 9.95 21.57
C THR B 356 46.02 9.65 22.55
N LEU B 357 46.38 9.40 23.79
CA LEU B 357 45.40 9.24 24.86
C LEU B 357 45.04 10.64 25.35
N LEU B 358 43.76 11.00 25.22
CA LEU B 358 43.29 12.32 25.59
C LEU B 358 42.45 12.26 26.86
N SER B 359 41.84 11.09 27.09
CA SER B 359 41.14 10.82 28.33
C SER B 359 41.17 9.35 28.79
N GLY B 360 40.98 9.18 30.09
CA GLY B 360 41.38 8.00 30.87
C GLY B 360 41.49 6.63 30.23
N ASN B 361 42.62 5.98 30.47
CA ASN B 361 42.74 4.52 30.29
C ASN B 361 42.97 3.93 31.69
N LYS B 362 41.91 3.93 32.49
CA LYS B 362 42.04 3.62 33.91
C LYS B 362 40.95 2.67 34.39
N ARG B 363 41.32 1.70 35.21
CA ARG B 363 40.42 0.62 35.63
C ARG B 363 40.22 0.50 37.13
N GLN B 364 39.07 -0.04 37.49
CA GLN B 364 38.88 -0.72 38.78
C GLN B 364 38.03 -1.95 38.57
N GLY B 365 38.69 -3.08 38.39
CA GLY B 365 38.03 -4.31 37.98
C GLY B 365 37.40 -4.08 36.63
N ASN B 366 36.11 -4.36 36.53
CA ASN B 366 35.40 -4.25 35.25
C ASN B 366 34.88 -2.84 34.96
N LEU B 367 35.02 -1.96 35.94
CA LEU B 367 34.66 -0.55 35.81
C LEU B 367 35.76 0.22 35.06
N LEU B 368 35.52 0.44 33.78
CA LEU B 368 36.47 1.18 32.95
C LEU B 368 36.02 2.63 32.77
N SER B 369 36.98 3.54 32.70
CA SER B 369 36.71 4.91 32.36
C SER B 369 36.45 5.03 30.86
N PRO B 370 35.68 6.06 30.45
CA PRO B 370 35.57 6.34 29.03
C PRO B 370 36.93 6.72 28.49
N THR B 371 37.41 5.95 27.51
CA THR B 371 38.68 6.23 26.88
C THR B 371 38.44 6.86 25.52
N LEU B 372 39.11 7.97 25.28
CA LEU B 372 39.10 8.65 23.99
C LEU B 372 40.49 8.53 23.42
N LEU B 373 40.55 8.25 22.11
CA LEU B 373 41.81 8.03 21.42
C LEU B 373 41.85 8.81 20.11
N ASP B 374 42.86 9.66 20.00
CA ASP B 374 43.13 10.43 18.81
C ASP B 374 44.28 9.77 18.06
N ASP B 375 44.49 10.18 16.82
CA ASP B 375 45.61 9.70 15.99
C ASP B 375 45.57 8.19 15.79
N VAL B 376 44.37 7.69 15.56
CA VAL B 376 44.13 6.29 15.21
C VAL B 376 44.31 6.10 13.69
N THR B 377 44.86 4.95 13.32
CA THR B 377 45.22 4.63 11.94
C THR B 377 44.61 3.30 11.51
N PRO B 378 44.49 3.08 10.18
CA PRO B 378 43.93 1.82 9.66
C PRO B 378 44.80 0.60 9.94
N ALA B 379 45.78 0.76 10.82
CA ALA B 379 46.69 -0.32 11.21
C ALA B 379 46.45 -0.78 12.66
N MET B 380 45.74 0.04 13.43
CA MET B 380 45.36 -0.34 14.80
C MET B 380 44.09 -1.17 14.81
N ARG B 381 44.05 -2.15 15.70
CA ARG B 381 42.90 -3.04 15.85
C ARG B 381 41.61 -2.28 16.20
N VAL B 382 41.76 -1.26 17.05
CA VAL B 382 40.63 -0.44 17.50
C VAL B 382 40.02 0.43 16.39
N ALA B 383 40.67 0.46 15.24
CA ALA B 383 40.10 1.13 14.08
C ALA B 383 38.97 0.28 13.52
N TRP B 384 39.01 -1.01 13.82
CA TRP B 384 38.16 -2.00 13.16
C TRP B 384 37.30 -2.89 14.08
N GLU B 385 37.90 -3.42 15.14
CA GLU B 385 37.24 -4.41 15.98
C GLU B 385 36.27 -3.76 16.97
N GLU B 386 35.03 -4.22 16.93
CA GLU B 386 33.99 -3.77 17.83
C GLU B 386 34.42 -3.99 19.25
N PRO B 387 34.65 -2.90 20.01
CA PRO B 387 35.17 -3.02 21.36
C PRO B 387 34.15 -3.57 22.33
N PHE B 388 32.90 -3.19 22.12
CA PHE B 388 31.82 -3.42 23.09
C PHE B 388 32.24 -2.95 24.48
N GLY B 389 32.66 -1.69 24.53
CA GLY B 389 33.12 -1.06 25.77
C GLY B 389 33.31 0.44 25.56
N PRO B 390 33.52 1.18 26.66
CA PRO B 390 33.60 2.64 26.66
C PRO B 390 34.93 3.18 26.10
N VAL B 391 35.14 2.96 24.80
CA VAL B 391 36.36 3.36 24.11
C VAL B 391 35.97 3.99 22.79
N LEU B 392 36.51 5.19 22.48
CA LEU B 392 36.19 5.83 21.19
C LEU B 392 37.42 6.34 20.44
N PRO B 393 37.66 5.79 19.23
CA PRO B 393 38.75 6.25 18.39
C PRO B 393 38.33 7.39 17.48
N ILE B 394 39.31 8.22 17.18
CA ILE B 394 39.18 9.32 16.25
C ILE B 394 40.27 9.15 15.18
N ILE B 395 39.86 9.16 13.91
CA ILE B 395 40.80 9.05 12.79
C ILE B 395 40.81 10.33 11.97
N ARG B 396 42.00 10.81 11.64
CA ARG B 396 42.17 12.02 10.82
C ARG B 396 42.00 11.70 9.34
N VAL B 397 41.09 12.41 8.71
CA VAL B 397 40.70 12.09 7.36
C VAL B 397 40.88 13.32 6.47
N LYS B 398 41.42 13.10 5.27
CA LYS B 398 41.71 14.19 4.37
C LYS B 398 40.42 14.84 3.87
N ASP B 399 39.55 14.03 3.28
CA ASP B 399 38.25 14.49 2.80
C ASP B 399 37.23 13.37 2.91
N ALA B 400 36.06 13.60 2.34
CA ALA B 400 34.94 12.67 2.45
C ALA B 400 35.22 11.30 1.84
N ASN B 401 35.92 11.28 0.69
CA ASN B 401 36.27 10.03 0.02
C ASN B 401 37.07 9.07 0.89
N GLU B 402 37.96 9.63 1.72
CA GLU B 402 38.71 8.85 2.66
C GLU B 402 37.76 8.31 3.71
N ALA B 403 36.91 9.20 4.24
CA ALA B 403 35.89 8.86 5.21
C ALA B 403 35.00 7.70 4.71
N ILE B 404 34.48 7.85 3.48
CA ILE B 404 33.65 6.84 2.83
C ILE B 404 34.38 5.51 2.70
N SER B 405 35.61 5.57 2.17
CA SER B 405 36.34 4.38 1.82
C SER B 405 36.69 3.61 3.08
N LEU B 406 37.20 4.33 4.06
CA LEU B 406 37.55 3.72 5.34
C LEU B 406 36.33 3.09 6.02
N SER B 407 35.16 3.72 5.89
CA SER B 407 33.91 3.17 6.43
C SER B 407 33.57 1.81 5.83
N ASN B 408 33.64 1.75 4.51
CA ASN B 408 33.22 0.57 3.74
C ASN B 408 34.15 -0.64 3.86
N GLN B 409 35.44 -0.36 4.06
CA GLN B 409 36.47 -1.40 4.17
C GLN B 409 36.18 -2.32 5.36
N SER B 410 35.47 -1.79 6.34
CA SER B 410 35.01 -2.58 7.48
C SER B 410 34.01 -3.63 7.01
N ASP B 411 34.06 -4.79 7.66
CA ASP B 411 33.14 -5.90 7.40
C ASP B 411 31.71 -5.57 7.81
N TYR B 412 31.57 -4.70 8.80
CA TYR B 412 30.28 -4.32 9.35
C TYR B 412 29.56 -3.27 8.50
N GLY B 413 28.23 -3.32 8.52
CA GLY B 413 27.39 -2.33 7.80
C GLY B 413 26.05 -2.04 8.47
N LEU B 414 26.10 -1.65 9.73
CA LEU B 414 24.85 -1.44 10.45
C LEU B 414 24.33 -0.03 10.28
N GLN B 415 24.94 0.94 10.97
CA GLN B 415 24.60 2.34 10.73
C GLN B 415 25.80 3.29 10.54
N ALA B 416 25.49 4.53 10.16
CA ALA B 416 26.46 5.57 9.92
C ALA B 416 25.83 6.92 10.25
N SER B 417 26.68 7.87 10.60
CA SER B 417 26.27 9.25 10.80
C SER B 417 27.07 10.18 9.91
N ILE B 418 26.41 11.21 9.39
CA ILE B 418 27.06 12.24 8.60
C ILE B 418 26.77 13.59 9.23
N PHE B 419 27.83 14.31 9.57
CA PHE B 419 27.69 15.65 10.08
C PHE B 419 28.21 16.67 9.06
N THR B 420 27.29 17.54 8.60
CA THR B 420 27.63 18.65 7.72
C THR B 420 26.41 19.56 7.52
N LYS B 421 26.66 20.86 7.35
CA LYS B 421 25.61 21.85 7.06
C LYS B 421 24.94 21.61 5.71
N ASP B 422 25.73 21.08 4.76
CA ASP B 422 25.26 20.80 3.41
C ASP B 422 24.47 19.49 3.39
N THR B 423 23.15 19.60 3.35
CA THR B 423 22.28 18.43 3.48
C THR B 423 22.16 17.64 2.17
N ASP B 424 22.23 18.33 1.04
CA ASP B 424 22.34 17.62 -0.24
C ASP B 424 23.55 16.69 -0.17
N ARG B 425 24.71 17.28 0.11
CA ARG B 425 25.97 16.55 0.15
C ARG B 425 25.94 15.34 1.11
N ALA B 426 25.38 15.54 2.29
CA ALA B 426 25.23 14.48 3.31
C ALA B 426 24.34 13.31 2.84
N ILE B 427 23.48 13.59 1.86
CA ILE B 427 22.60 12.59 1.24
C ILE B 427 23.37 11.70 0.25
N ASN B 428 24.16 12.31 -0.64
CA ASN B 428 24.95 11.55 -1.61
C ASN B 428 26.10 10.79 -0.99
N ILE B 429 26.70 11.36 0.04
CA ILE B 429 27.67 10.63 0.87
C ILE B 429 26.97 9.43 1.51
N GLY B 430 25.76 9.64 2.01
CA GLY B 430 24.90 8.56 2.51
C GLY B 430 24.73 7.43 1.53
N LYS B 431 24.37 7.78 0.28
CA LYS B 431 24.15 6.80 -0.80
C LYS B 431 25.34 5.83 -0.92
N HIS B 432 26.53 6.39 -1.09
CA HIS B 432 27.77 5.63 -1.31
C HIS B 432 28.21 4.79 -0.09
N LEU B 433 27.55 4.97 1.05
CA LEU B 433 27.88 4.18 2.24
C LEU B 433 27.12 2.86 2.28
N GLU B 434 27.84 1.76 2.49
CA GLU B 434 27.22 0.43 2.48
C GLU B 434 26.72 0.06 3.88
N VAL B 435 25.63 0.69 4.33
CA VAL B 435 25.02 0.37 5.65
C VAL B 435 23.48 0.26 5.66
N GLY B 436 22.92 -0.09 6.82
CA GLY B 436 21.48 -0.18 6.97
C GLY B 436 20.79 1.17 6.97
N THR B 437 21.32 2.10 7.77
CA THR B 437 20.68 3.38 8.06
C THR B 437 21.74 4.48 8.22
N VAL B 438 21.55 5.58 7.47
CA VAL B 438 22.40 6.77 7.51
C VAL B 438 21.63 7.88 8.25
N HIS B 439 22.25 8.45 9.30
CA HIS B 439 21.65 9.53 10.09
C HIS B 439 22.35 10.86 9.82
N ILE B 440 21.61 11.85 9.31
CA ILE B 440 22.13 13.20 9.05
C ILE B 440 22.17 14.06 10.34
N ASN B 441 23.33 14.60 10.67
CA ASN B 441 23.51 15.51 11.81
C ASN B 441 22.93 14.96 13.13
N ALA B 442 23.00 13.65 13.29
CA ALA B 442 22.51 12.98 14.50
C ALA B 442 23.20 11.63 14.65
N LYS B 443 23.26 11.14 15.89
CA LYS B 443 23.87 9.85 16.20
C LYS B 443 23.13 8.67 15.55
N THR B 444 23.79 7.52 15.49
CA THR B 444 23.15 6.26 15.10
C THR B 444 22.24 5.77 16.21
N GLU B 445 21.18 5.06 15.84
CA GLU B 445 20.28 4.42 16.80
C GLU B 445 19.30 3.45 16.18
N ARG B 446 18.77 2.56 17.01
CA ARG B 446 17.75 1.60 16.59
C ARG B 446 16.39 2.31 16.44
N GLY B 447 16.02 3.08 17.47
CA GLY B 447 14.75 3.82 17.50
C GLY B 447 14.63 4.95 16.48
N PRO B 448 13.42 5.51 16.33
CA PRO B 448 12.17 5.05 16.93
C PRO B 448 11.73 3.71 16.35
N ASP B 449 11.09 2.88 17.17
CA ASP B 449 10.92 1.45 16.88
C ASP B 449 10.06 1.06 15.68
N HIS B 450 9.40 2.02 15.04
CA HIS B 450 8.67 1.78 13.79
C HIS B 450 9.53 1.97 12.55
N PHE B 451 10.70 2.56 12.74
CA PHE B 451 11.68 2.77 11.67
C PHE B 451 12.25 1.43 11.27
N PRO B 452 12.46 1.21 9.96
CA PRO B 452 13.17 0.00 9.59
C PRO B 452 14.54 -0.10 10.27
N PHE B 453 14.89 -1.28 10.76
CA PHE B 453 16.17 -1.50 11.38
C PHE B 453 16.81 -2.74 10.79
N LEU B 454 18.02 -2.58 10.26
CA LEU B 454 18.74 -3.67 9.64
C LEU B 454 20.24 -3.41 9.59
N GLY B 455 21.02 -4.48 9.66
CA GLY B 455 22.42 -4.45 9.27
C GLY B 455 22.57 -5.10 7.90
N VAL B 456 23.52 -4.61 7.11
CA VAL B 456 23.97 -5.36 5.93
C VAL B 456 25.35 -5.98 6.20
N LYS B 457 25.93 -6.62 5.18
CA LYS B 457 27.16 -7.41 5.31
C LYS B 457 27.22 -8.28 6.60
N LYS B 458 28.25 -8.07 7.41
CA LYS B 458 28.44 -8.87 8.61
C LYS B 458 27.56 -8.36 9.74
N SER B 459 26.80 -7.31 9.49
CA SER B 459 26.02 -6.67 10.53
C SER B 459 24.62 -7.25 10.64
N GLY B 460 24.08 -7.78 9.56
CA GLY B 460 22.75 -8.36 9.68
C GLY B 460 22.26 -9.19 8.53
N LEU B 461 21.09 -9.78 8.74
CA LEU B 461 20.39 -10.49 7.68
C LEU B 461 18.90 -10.27 7.91
N GLY B 462 18.21 -9.82 6.87
CA GLY B 462 16.80 -9.49 7.00
C GLY B 462 16.55 -8.21 7.78
N VAL B 463 15.28 -7.95 8.11
CA VAL B 463 14.88 -6.65 8.60
C VAL B 463 14.06 -6.73 9.88
N GLN B 464 14.24 -5.74 10.75
CA GLN B 464 13.48 -5.58 11.98
C GLN B 464 12.77 -4.21 11.95
N GLY B 465 12.25 -3.80 13.11
CA GLY B 465 11.27 -2.72 13.20
C GLY B 465 9.90 -3.33 13.47
N ILE B 466 8.93 -2.51 13.85
CA ILE B 466 7.60 -3.03 14.21
C ILE B 466 6.91 -3.76 13.05
N LYS B 467 6.61 -3.05 11.97
CA LYS B 467 5.88 -3.69 10.88
C LYS B 467 6.76 -4.67 10.09
N PRO B 468 8.07 -4.39 9.95
CA PRO B 468 8.85 -5.35 9.16
C PRO B 468 9.09 -6.68 9.85
N SER B 469 9.05 -6.68 11.19
CA SER B 469 9.04 -7.91 11.99
C SER B 469 7.80 -8.75 11.69
N LEU B 470 6.63 -8.11 11.74
CA LEU B 470 5.35 -8.76 11.41
C LEU B 470 5.39 -9.49 10.08
N LEU B 471 5.99 -8.86 9.07
CA LEU B 471 6.11 -9.42 7.71
C LEU B 471 7.13 -10.59 7.72
N SER B 472 8.15 -10.49 8.56
CA SER B 472 9.23 -11.49 8.54
C SER B 472 8.87 -12.74 9.35
N MET B 473 7.74 -12.69 10.03
CA MET B 473 7.30 -13.82 10.83
C MET B 473 5.98 -14.41 10.31
N THR B 474 5.73 -14.17 9.01
CA THR B 474 4.57 -14.66 8.31
C THR B 474 4.94 -14.86 6.85
N ARG B 475 4.00 -15.41 6.08
CA ARG B 475 4.14 -15.60 4.66
C ARG B 475 2.76 -15.51 4.04
N GLU B 476 2.70 -15.31 2.72
CA GLU B 476 1.42 -15.29 2.00
C GLU B 476 0.68 -16.63 2.01
N ARG B 477 -0.60 -16.58 2.40
CA ARG B 477 -1.52 -17.68 2.14
C ARG B 477 -2.51 -17.25 1.07
N VAL B 478 -2.49 -17.92 -0.07
CA VAL B 478 -3.36 -17.55 -1.17
C VAL B 478 -4.56 -18.49 -1.23
N THR B 479 -5.70 -17.94 -1.61
CA THR B 479 -6.92 -18.70 -1.85
C THR B 479 -7.55 -18.18 -3.13
N VAL B 480 -7.51 -19.01 -4.16
CA VAL B 480 -8.01 -18.61 -5.47
C VAL B 480 -9.45 -19.09 -5.65
N LEU B 481 -10.37 -18.14 -5.69
CA LEU B 481 -11.79 -18.45 -5.91
C LEU B 481 -12.11 -18.38 -7.40
N ASN B 482 -13.21 -19.02 -7.78
CA ASN B 482 -13.55 -19.21 -9.19
C ASN B 482 -15.03 -18.89 -9.36
N LEU B 483 -15.30 -17.69 -9.90
CA LEU B 483 -16.66 -17.13 -9.93
C LEU B 483 -17.48 -17.49 -11.17
N ALA B 484 -16.87 -18.18 -12.13
CA ALA B 484 -17.58 -18.65 -13.33
C ALA B 484 -18.43 -19.90 -13.05
N GLU C 8 20.14 -28.47 -37.24
CA GLU C 8 21.62 -28.28 -37.30
C GLU C 8 22.19 -28.15 -35.89
N GLN C 9 23.40 -28.65 -35.71
CA GLN C 9 24.04 -28.63 -34.40
C GLN C 9 24.35 -27.23 -33.89
N PHE C 10 23.75 -26.89 -32.76
CA PHE C 10 24.05 -25.63 -32.08
C PHE C 10 25.14 -25.85 -31.05
N ASN C 11 26.38 -25.55 -31.42
CA ASN C 11 27.49 -25.66 -30.49
C ASN C 11 27.64 -24.39 -29.69
N ALA C 12 27.05 -24.41 -28.50
CA ALA C 12 26.87 -23.23 -27.70
C ALA C 12 28.17 -22.80 -27.07
N ASN C 13 28.32 -21.48 -26.88
CA ASN C 13 29.35 -20.92 -26.04
C ASN C 13 28.62 -20.17 -24.93
N ILE C 14 29.32 -19.83 -23.85
CA ILE C 14 28.74 -19.07 -22.73
C ILE C 14 29.29 -17.64 -22.68
N LEU C 15 28.49 -16.71 -22.14
CA LEU C 15 28.86 -15.29 -22.13
C LEU C 15 29.44 -14.85 -20.78
N ARG C 16 30.64 -14.25 -20.83
CA ARG C 16 31.29 -13.62 -19.68
C ARG C 16 31.89 -12.27 -20.05
N ASN C 17 31.66 -11.28 -19.19
CA ASN C 17 32.16 -9.90 -19.37
C ASN C 17 31.96 -9.33 -20.81
N GLY C 18 30.78 -9.59 -21.37
CA GLY C 18 30.38 -9.10 -22.69
C GLY C 18 30.86 -9.90 -23.89
N GLU C 19 31.67 -10.93 -23.61
CA GLU C 19 32.29 -11.74 -24.65
C GLU C 19 31.71 -13.15 -24.66
N TRP C 20 31.56 -13.73 -25.86
CA TRP C 20 31.14 -15.12 -26.00
C TRP C 20 32.36 -16.05 -25.99
N VAL C 21 32.56 -16.73 -24.87
CA VAL C 21 33.76 -17.53 -24.67
C VAL C 21 33.51 -19.04 -24.56
N GLU C 22 34.58 -19.80 -24.78
CA GLU C 22 34.58 -21.24 -24.64
C GLU C 22 35.23 -21.52 -23.30
N SER C 23 35.36 -22.79 -22.94
CA SER C 23 36.15 -23.15 -21.75
C SER C 23 37.63 -22.98 -22.11
N ARG C 24 38.43 -22.59 -21.13
CA ARG C 24 39.89 -22.52 -21.31
C ARG C 24 40.52 -23.89 -21.54
N THR C 25 39.99 -24.89 -20.84
CA THR C 25 40.35 -26.29 -21.05
C THR C 25 39.88 -26.84 -22.39
N GLY C 26 38.76 -26.32 -22.89
CA GLY C 26 38.19 -26.77 -24.17
C GLY C 26 37.14 -27.87 -24.02
N GLU C 27 37.00 -28.41 -22.81
CA GLU C 27 36.13 -29.56 -22.57
C GLU C 27 34.64 -29.21 -22.52
N ARG C 28 33.80 -30.13 -22.98
CA ARG C 28 32.38 -29.84 -23.19
C ARG C 28 31.44 -30.96 -22.73
N ILE C 29 30.15 -30.61 -22.61
CA ILE C 29 29.11 -31.56 -22.32
C ILE C 29 28.13 -31.65 -23.49
N SER C 30 27.99 -32.83 -24.06
CA SER C 30 27.07 -33.07 -25.16
C SER C 30 25.64 -33.15 -24.64
N ILE C 31 24.69 -32.71 -25.46
CA ILE C 31 23.28 -32.63 -25.06
C ILE C 31 22.38 -33.20 -26.13
N SER C 32 21.52 -34.15 -25.73
CA SER C 32 20.72 -34.90 -26.69
C SER C 32 19.21 -34.68 -26.56
N ALA C 33 18.50 -34.97 -27.65
CA ALA C 33 17.04 -34.98 -27.66
C ALA C 33 16.55 -36.24 -26.95
N PRO C 34 15.81 -36.06 -25.83
CA PRO C 34 15.30 -37.20 -25.04
C PRO C 34 14.23 -38.01 -25.78
N ALA C 35 13.46 -37.36 -26.65
CA ALA C 35 12.37 -38.03 -27.37
C ALA C 35 12.82 -38.67 -28.68
N SER C 36 14.09 -38.48 -29.01
CA SER C 36 14.62 -38.94 -30.28
C SER C 36 15.92 -39.70 -30.08
N GLY C 37 16.87 -39.06 -29.40
CA GLY C 37 18.20 -39.61 -29.16
C GLY C 37 19.25 -38.79 -29.86
N VAL C 38 18.82 -37.94 -30.81
CA VAL C 38 19.72 -37.16 -31.65
C VAL C 38 20.46 -36.10 -30.84
N ALA C 39 21.75 -35.93 -31.17
CA ALA C 39 22.55 -34.83 -30.63
C ALA C 39 21.99 -33.48 -31.08
N LEU C 40 21.82 -32.57 -30.11
CA LEU C 40 21.26 -31.25 -30.37
C LEU C 40 22.31 -30.15 -30.32
N GLY C 41 23.46 -30.48 -29.75
CA GLY C 41 24.56 -29.54 -29.59
C GLY C 41 25.38 -29.85 -28.35
N SER C 42 26.05 -28.84 -27.82
CA SER C 42 26.88 -28.99 -26.63
C SER C 42 27.05 -27.69 -25.86
N ILE C 43 27.68 -27.75 -24.70
CA ILE C 43 27.94 -26.57 -23.89
C ILE C 43 29.36 -26.61 -23.31
N PRO C 44 30.02 -25.45 -23.13
CA PRO C 44 31.27 -25.42 -22.39
C PRO C 44 31.13 -25.97 -20.97
N ALA C 45 32.20 -26.53 -20.43
CA ALA C 45 32.26 -27.01 -19.04
C ALA C 45 33.40 -26.30 -18.31
N LEU C 46 33.04 -25.59 -17.24
CA LEU C 46 33.89 -24.55 -16.67
C LEU C 46 34.57 -24.92 -15.39
N SER C 47 35.79 -24.39 -15.25
CA SER C 47 36.61 -24.56 -14.06
C SER C 47 36.04 -23.80 -12.86
N GLN C 48 36.54 -24.14 -11.67
CA GLN C 48 36.22 -23.43 -10.44
C GLN C 48 36.62 -21.96 -10.61
N GLU C 49 37.67 -21.74 -11.39
CA GLU C 49 38.27 -20.44 -11.59
C GLU C 49 37.61 -19.61 -12.70
N GLU C 50 36.88 -20.28 -13.61
CA GLU C 50 36.01 -19.58 -14.55
C GLU C 50 34.72 -19.09 -13.86
N VAL C 51 34.21 -19.90 -12.93
CA VAL C 51 33.16 -19.45 -12.00
C VAL C 51 33.62 -18.16 -11.30
N ASN C 52 34.85 -18.16 -10.79
CA ASN C 52 35.43 -16.98 -10.16
C ASN C 52 35.51 -15.75 -11.06
N ASP C 53 35.86 -15.95 -12.32
CA ASP C 53 35.97 -14.83 -13.27
C ASP C 53 34.60 -14.24 -13.58
N ALA C 54 33.58 -15.09 -13.61
CA ALA C 54 32.19 -14.66 -13.81
C ALA C 54 31.71 -13.76 -12.66
N ILE C 55 31.73 -14.32 -11.44
CA ILE C 55 31.29 -13.66 -10.21
C ILE C 55 31.97 -12.30 -9.96
N GLN C 56 33.30 -12.27 -10.01
CA GLN C 56 34.04 -11.01 -9.85
C GLN C 56 33.64 -10.02 -10.92
N GLY C 57 33.60 -10.49 -12.17
CA GLY C 57 33.24 -9.65 -13.32
C GLY C 57 31.83 -9.13 -13.20
N ALA C 58 31.06 -9.75 -12.30
CA ALA C 58 29.70 -9.33 -11.99
C ALA C 58 29.66 -8.34 -10.83
N LYS C 59 30.54 -8.52 -9.83
CA LYS C 59 30.67 -7.55 -8.74
C LYS C 59 31.14 -6.22 -9.30
N ASP C 60 32.12 -6.26 -10.22
CA ASP C 60 32.64 -5.06 -10.89
C ASP C 60 31.59 -4.36 -11.78
N ALA C 61 30.71 -5.17 -12.39
CA ALA C 61 29.66 -4.63 -13.25
C ALA C 61 28.57 -3.94 -12.42
N GLN C 62 28.11 -4.62 -11.37
CA GLN C 62 27.02 -4.17 -10.50
C GLN C 62 27.20 -2.77 -9.95
N LYS C 63 28.45 -2.36 -9.71
CA LYS C 63 28.71 -1.02 -9.18
C LYS C 63 28.38 0.04 -10.21
N ILE C 64 28.50 -0.29 -11.49
CA ILE C 64 28.18 0.61 -12.60
C ILE C 64 26.73 0.48 -13.09
N TRP C 65 26.06 -0.61 -12.68
CA TRP C 65 24.68 -0.89 -13.13
C TRP C 65 23.63 -0.36 -12.16
N LYS C 66 23.92 -0.41 -10.85
CA LYS C 66 23.00 0.13 -9.86
C LYS C 66 22.84 1.64 -10.00
N ILE C 67 23.87 2.30 -10.54
CA ILE C 67 23.87 3.75 -10.72
C ILE C 67 22.97 4.17 -11.89
N ARG C 68 22.90 3.34 -12.93
CA ARG C 68 22.02 3.57 -14.06
C ARG C 68 20.62 3.92 -13.54
N PRO C 69 19.96 4.91 -14.17
CA PRO C 69 18.59 5.21 -13.76
C PRO C 69 17.66 4.03 -14.05
N ILE C 70 16.56 3.95 -13.29
CA ILE C 70 15.62 2.83 -13.41
C ILE C 70 15.08 2.64 -14.83
N HIS C 71 14.70 3.73 -15.50
CA HIS C 71 14.07 3.67 -16.83
C HIS C 71 14.96 3.01 -17.88
N GLU C 72 16.27 3.08 -17.68
CA GLU C 72 17.24 2.43 -18.55
C GLU C 72 17.25 0.93 -18.33
N ARG C 73 17.16 0.52 -17.05
CA ARG C 73 17.13 -0.90 -16.73
C ARG C 73 15.85 -1.51 -17.28
N VAL C 74 14.74 -0.79 -17.09
CA VAL C 74 13.42 -1.12 -17.61
C VAL C 74 13.41 -1.20 -19.16
N ASP C 75 14.07 -0.25 -19.81
CA ASP C 75 14.15 -0.28 -21.27
C ASP C 75 14.96 -1.49 -21.77
N LEU C 76 15.80 -2.06 -20.91
CA LEU C 76 16.57 -3.24 -21.29
C LEU C 76 15.68 -4.47 -21.27
N LEU C 77 14.92 -4.61 -20.19
CA LEU C 77 13.94 -5.69 -20.07
C LEU C 77 12.96 -5.67 -21.24
N TYR C 78 12.38 -4.50 -21.50
CA TYR C 78 11.46 -4.28 -22.62
C TYR C 78 11.99 -4.70 -24.01
N ALA C 79 13.27 -4.48 -24.26
CA ALA C 79 13.89 -4.82 -25.57
C ALA C 79 14.31 -6.30 -25.64
N TRP C 80 14.62 -6.86 -24.47
CA TRP C 80 14.92 -8.28 -24.30
C TRP C 80 13.66 -9.10 -24.50
N ALA C 81 12.56 -8.65 -23.92
CA ALA C 81 11.24 -9.26 -24.15
C ALA C 81 10.87 -9.19 -25.64
N ASP C 82 11.04 -8.02 -26.26
CA ASP C 82 10.64 -7.86 -27.66
C ASP C 82 11.29 -8.90 -28.58
N LEU C 83 12.61 -9.04 -28.47
CA LEU C 83 13.36 -10.02 -29.28
C LEU C 83 12.95 -11.46 -28.98
N LEU C 84 12.64 -11.74 -27.71
CA LEU C 84 12.17 -13.06 -27.31
C LEU C 84 10.89 -13.43 -28.05
N GLU C 85 9.87 -12.58 -27.91
CA GLU C 85 8.63 -12.68 -28.67
C GLU C 85 8.91 -12.84 -30.16
N GLU C 86 9.86 -12.04 -30.66
CA GLU C 86 10.24 -12.03 -32.08
C GLU C 86 10.93 -13.33 -32.47
N ARG C 87 11.39 -14.09 -31.47
CA ARG C 87 12.14 -15.32 -31.68
C ARG C 87 11.42 -16.56 -31.16
N LYS C 88 10.18 -16.37 -30.68
CA LYS C 88 9.41 -17.43 -30.02
C LYS C 88 9.35 -18.76 -30.78
N GLU C 89 9.63 -18.71 -32.09
CA GLU C 89 9.54 -19.88 -32.96
C GLU C 89 10.81 -20.72 -32.93
N ILE C 90 11.96 -20.04 -32.92
CA ILE C 90 13.27 -20.68 -32.95
C ILE C 90 13.65 -21.11 -31.53
N ILE C 91 13.52 -20.19 -30.59
CA ILE C 91 13.70 -20.54 -29.20
C ILE C 91 12.66 -21.61 -28.88
N GLY C 92 11.42 -21.35 -29.29
CA GLY C 92 10.34 -22.32 -29.12
C GLY C 92 10.72 -23.73 -29.51
N GLU C 93 11.07 -23.91 -30.77
CA GLU C 93 11.43 -25.22 -31.30
C GLU C 93 12.59 -25.89 -30.54
N LEU C 94 13.53 -25.09 -30.06
CA LEU C 94 14.71 -25.59 -29.36
C LEU C 94 14.35 -26.24 -28.02
N ILE C 95 13.52 -25.55 -27.25
CA ILE C 95 12.98 -26.05 -25.98
C ILE C 95 12.24 -27.36 -26.26
N MET C 96 11.45 -27.37 -27.34
CA MET C 96 10.70 -28.55 -27.76
C MET C 96 11.64 -29.76 -27.84
N HIS C 97 12.81 -29.54 -28.41
CA HIS C 97 13.79 -30.59 -28.56
C HIS C 97 14.48 -30.90 -27.26
N GLU C 98 14.99 -29.88 -26.62
CA GLU C 98 15.95 -30.06 -25.53
C GLU C 98 15.36 -30.66 -24.26
N VAL C 99 14.06 -30.49 -24.06
CA VAL C 99 13.43 -30.97 -22.83
C VAL C 99 12.17 -31.79 -23.11
N ALA C 100 12.00 -32.19 -24.38
CA ALA C 100 10.90 -33.04 -24.85
C ALA C 100 9.51 -32.52 -24.52
N LYS C 101 9.27 -31.25 -24.83
CA LYS C 101 8.02 -30.57 -24.53
C LYS C 101 7.27 -30.27 -25.82
N PRO C 102 5.93 -30.47 -25.83
CA PRO C 102 5.04 -30.13 -26.94
C PRO C 102 5.34 -28.77 -27.57
N LYS C 103 5.19 -28.67 -28.88
CA LYS C 103 5.61 -27.50 -29.65
C LYS C 103 4.93 -26.19 -29.24
N LYS C 104 3.60 -26.22 -29.14
CA LYS C 104 2.83 -25.02 -28.84
C LYS C 104 3.06 -24.52 -27.40
N SER C 105 3.36 -25.42 -26.47
CA SER C 105 3.72 -25.02 -25.09
C SER C 105 5.22 -24.68 -24.96
N ALA C 106 5.99 -25.05 -25.99
CA ALA C 106 7.36 -24.60 -26.11
C ALA C 106 7.32 -23.11 -26.49
N ILE C 107 6.72 -22.80 -27.63
CA ILE C 107 6.47 -21.42 -28.02
C ILE C 107 5.72 -20.71 -26.89
N GLY C 108 4.69 -21.36 -26.38
CA GLY C 108 3.90 -20.85 -25.26
C GLY C 108 4.72 -20.45 -24.04
N GLU C 109 5.87 -21.11 -23.84
CA GLU C 109 6.79 -20.76 -22.76
C GLU C 109 7.50 -19.43 -23.05
N VAL C 110 7.86 -19.22 -24.31
CA VAL C 110 8.60 -18.04 -24.71
C VAL C 110 7.72 -16.79 -24.61
N SER C 111 6.54 -16.83 -25.22
CA SER C 111 5.53 -15.77 -25.06
C SER C 111 5.27 -15.45 -23.58
N ARG C 112 4.94 -16.46 -22.79
CA ARG C 112 4.76 -16.29 -21.31
C ARG C 112 5.94 -15.50 -20.71
N THR C 113 7.17 -15.92 -21.05
CA THR C 113 8.40 -15.28 -20.59
C THR C 113 8.46 -13.79 -20.89
N ALA C 114 8.19 -13.42 -22.15
CA ALA C 114 8.22 -12.03 -22.62
C ALA C 114 7.12 -11.19 -21.97
N ASP C 115 6.12 -11.86 -21.41
CA ASP C 115 5.05 -11.22 -20.70
C ASP C 115 5.48 -11.02 -19.26
N ILE C 116 6.13 -12.03 -18.71
CA ILE C 116 6.71 -11.96 -17.36
C ILE C 116 7.72 -10.82 -17.27
N ILE C 117 8.71 -10.83 -18.16
CA ILE C 117 9.71 -9.78 -18.22
C ILE C 117 9.04 -8.41 -18.24
N ARG C 118 8.11 -8.20 -19.19
CA ARG C 118 7.42 -6.92 -19.36
C ARG C 118 6.60 -6.48 -18.13
N HIS C 119 5.99 -7.44 -17.44
CA HIS C 119 5.18 -7.13 -16.26
C HIS C 119 6.08 -6.84 -15.08
N THR C 120 7.22 -7.55 -15.04
CA THR C 120 8.29 -7.33 -14.07
C THR C 120 8.85 -5.92 -14.22
N ALA C 121 9.08 -5.50 -15.47
CA ALA C 121 9.64 -4.18 -15.75
C ALA C 121 8.74 -3.05 -15.26
N ASP C 122 7.45 -3.17 -15.54
CA ASP C 122 6.49 -2.16 -15.14
C ASP C 122 6.24 -2.19 -13.62
N GLU C 123 6.43 -3.34 -12.99
CA GLU C 123 6.25 -3.46 -11.55
C GLU C 123 7.38 -2.84 -10.73
N ALA C 124 8.61 -2.93 -11.22
CA ALA C 124 9.76 -2.27 -10.58
C ALA C 124 9.64 -0.75 -10.72
N LEU C 125 9.16 -0.32 -11.89
CA LEU C 125 8.84 1.07 -12.19
C LEU C 125 7.88 1.72 -11.17
N ARG C 126 7.35 0.91 -10.26
CA ARG C 126 6.30 1.34 -9.32
C ARG C 126 6.65 1.11 -7.87
N LEU C 127 7.91 0.79 -7.59
CA LEU C 127 8.34 0.71 -6.21
C LEU C 127 8.61 2.12 -5.70
N ASN C 128 8.02 2.42 -4.55
CA ASN C 128 8.02 3.77 -4.02
C ASN C 128 8.58 3.82 -2.62
N GLY C 129 9.21 4.96 -2.31
CA GLY C 129 9.76 5.18 -0.99
C GLY C 129 8.69 5.58 0.00
N GLU C 130 9.00 5.43 1.28
CA GLU C 130 8.11 5.84 2.35
C GLU C 130 8.85 6.81 3.24
N THR C 131 8.10 7.76 3.81
CA THR C 131 8.64 8.65 4.81
C THR C 131 7.86 8.40 6.10
N LEU C 132 8.53 8.44 7.24
CA LEU C 132 7.89 8.27 8.53
C LEU C 132 8.43 9.32 9.50
N LYS C 133 7.58 9.84 10.37
CA LYS C 133 8.00 10.79 11.38
C LYS C 133 8.33 10.06 12.67
N GLY C 134 9.30 10.57 13.41
CA GLY C 134 9.73 9.91 14.64
C GLY C 134 8.64 9.68 15.67
N ASP C 135 7.80 10.68 15.88
CA ASP C 135 6.74 10.64 16.90
C ASP C 135 5.51 9.81 16.51
N GLN C 136 5.60 9.06 15.42
CA GLN C 136 4.58 8.06 15.11
C GLN C 136 4.65 6.94 16.14
N PHE C 137 5.86 6.52 16.48
CA PHE C 137 6.07 5.67 17.66
C PHE C 137 6.06 6.56 18.91
N LYS C 138 5.63 6.01 20.04
CA LYS C 138 5.59 6.75 21.30
C LYS C 138 6.98 7.19 21.77
N GLY C 139 7.10 8.46 22.16
CA GLY C 139 8.37 9.03 22.65
C GLY C 139 9.21 9.66 21.56
N GLY C 140 8.94 9.26 20.31
CA GLY C 140 9.71 9.69 19.14
C GLY C 140 9.79 11.18 18.91
N SER C 141 10.77 11.59 18.11
CA SER C 141 10.97 13.01 17.82
C SER C 141 10.16 13.43 16.59
N SER C 142 9.54 14.62 16.69
CA SER C 142 8.81 15.22 15.56
C SER C 142 9.77 15.88 14.56
N LYS C 143 11.05 15.97 14.93
CA LYS C 143 12.08 16.58 14.10
C LYS C 143 12.73 15.59 13.12
N LYS C 144 12.50 14.29 13.34
CA LYS C 144 13.16 13.26 12.56
C LYS C 144 12.26 12.75 11.44
N ILE C 145 12.85 12.52 10.28
CA ILE C 145 12.09 11.98 9.17
C ILE C 145 12.89 10.92 8.41
N ALA C 146 12.35 9.71 8.35
CA ALA C 146 13.02 8.60 7.68
C ALA C 146 12.55 8.54 6.25
N LEU C 147 13.50 8.54 5.33
CA LEU C 147 13.20 8.26 3.94
C LEU C 147 13.58 6.83 3.70
N VAL C 148 12.58 5.98 3.47
CA VAL C 148 12.82 4.54 3.22
C VAL C 148 12.80 4.23 1.71
N GLU C 149 13.89 3.68 1.20
CA GLU C 149 14.05 3.30 -0.20
C GLU C 149 14.42 1.82 -0.34
N ARG C 150 14.68 1.37 -1.56
CA ARG C 150 15.10 -0.02 -1.78
C ARG C 150 16.39 -0.14 -2.56
N GLU C 151 17.36 -0.80 -1.92
CA GLU C 151 18.71 -0.96 -2.46
CA GLU C 151 18.71 -0.96 -2.47
C GLU C 151 18.94 -2.39 -2.98
N PRO C 152 19.50 -2.52 -4.21
CA PRO C 152 19.85 -3.87 -4.69
C PRO C 152 20.81 -4.59 -3.74
N LEU C 153 20.78 -5.93 -3.75
CA LEU C 153 21.62 -6.72 -2.86
C LEU C 153 23.04 -6.92 -3.39
N GLY C 154 23.20 -6.80 -4.71
CA GLY C 154 24.51 -7.04 -5.33
C GLY C 154 24.46 -8.12 -6.36
N VAL C 155 25.02 -9.29 -6.05
CA VAL C 155 25.13 -10.36 -7.05
C VAL C 155 24.20 -11.54 -6.76
N VAL C 156 23.32 -11.80 -7.73
CA VAL C 156 22.31 -12.87 -7.65
C VAL C 156 22.71 -14.11 -8.43
N LEU C 157 22.68 -15.24 -7.74
CA LEU C 157 22.84 -16.54 -8.35
C LEU C 157 21.44 -17.07 -8.68
N ALA C 158 21.16 -17.16 -9.99
CA ALA C 158 19.89 -17.71 -10.48
C ALA C 158 20.06 -19.09 -11.12
N ILE C 159 19.47 -20.10 -10.46
CA ILE C 159 19.50 -21.50 -10.88
C ILE C 159 18.11 -22.00 -11.27
N SER C 160 18.02 -22.47 -12.51
CA SER C 160 16.78 -22.90 -13.10
C SER C 160 16.88 -24.38 -13.48
N PRO C 161 15.73 -25.06 -13.69
CA PRO C 161 15.66 -26.48 -14.03
C PRO C 161 15.41 -26.71 -15.53
N PHE C 162 15.09 -27.95 -15.90
CA PHE C 162 14.81 -28.31 -17.29
C PHE C 162 13.34 -28.10 -17.65
N ASN C 163 12.48 -28.11 -16.62
CA ASN C 163 11.02 -27.91 -16.74
C ASN C 163 10.62 -26.80 -17.67
N TYR C 164 11.09 -25.60 -17.33
CA TYR C 164 10.85 -24.38 -18.07
C TYR C 164 12.23 -23.74 -18.15
N PRO C 165 13.02 -24.11 -19.17
CA PRO C 165 14.42 -23.69 -19.19
C PRO C 165 14.59 -22.20 -19.49
N VAL C 166 13.58 -21.58 -20.13
CA VAL C 166 13.56 -20.14 -20.43
C VAL C 166 12.77 -19.39 -19.32
N ASN C 167 11.54 -19.82 -19.07
CA ASN C 167 10.63 -19.08 -18.23
C ASN C 167 11.12 -18.99 -16.78
N LEU C 168 11.55 -20.11 -16.20
CA LEU C 168 12.04 -20.15 -14.82
C LEU C 168 13.46 -19.62 -14.70
N ALA C 169 14.08 -19.38 -15.85
CA ALA C 169 15.35 -18.69 -15.89
C ALA C 169 15.09 -17.20 -15.79
N ALA C 170 14.23 -16.68 -16.68
CA ALA C 170 13.94 -15.24 -16.68
C ALA C 170 13.10 -14.77 -15.46
N ALA C 171 12.17 -15.59 -15.02
CA ALA C 171 11.43 -15.27 -13.79
C ALA C 171 12.39 -14.86 -12.68
N LYS C 172 13.62 -15.31 -12.77
CA LYS C 172 14.64 -14.98 -11.72
CA LYS C 172 14.67 -15.04 -11.84
C LYS C 172 15.57 -13.87 -12.24
N ILE C 173 15.96 -13.82 -13.48
CA ILE C 173 16.86 -12.82 -14.02
C ILE C 173 16.24 -11.44 -14.10
N ALA C 174 15.09 -11.33 -14.76
CA ALA C 174 14.47 -10.03 -15.04
C ALA C 174 14.20 -9.18 -13.78
N PRO C 175 13.67 -9.79 -12.71
CA PRO C 175 13.52 -8.98 -11.48
C PRO C 175 14.84 -8.67 -10.75
N ALA C 176 15.87 -9.49 -10.98
CA ALA C 176 17.18 -9.21 -10.44
C ALA C 176 17.82 -7.99 -11.10
N LEU C 177 17.85 -7.98 -12.42
CA LEU C 177 18.55 -6.96 -13.20
C LEU C 177 17.88 -5.61 -13.11
N VAL C 178 16.55 -5.62 -13.18
CA VAL C 178 15.80 -4.38 -13.24
C VAL C 178 15.91 -3.55 -11.95
N THR C 179 16.07 -4.23 -10.81
CA THR C 179 16.32 -3.57 -9.50
C THR C 179 17.77 -3.19 -9.22
N GLY C 180 18.67 -3.50 -10.15
CA GLY C 180 20.08 -3.13 -9.96
C GLY C 180 21.01 -4.18 -9.37
N ASN C 181 20.59 -5.45 -9.39
CA ASN C 181 21.52 -6.53 -9.12
C ASN C 181 22.17 -6.95 -10.45
N THR C 182 23.27 -7.70 -10.38
CA THR C 182 23.75 -8.44 -11.55
C THR C 182 23.59 -9.93 -11.33
N VAL C 183 23.69 -10.70 -12.41
CA VAL C 183 23.31 -12.11 -12.35
C VAL C 183 24.35 -13.08 -12.85
N VAL C 184 24.66 -14.04 -11.98
CA VAL C 184 25.35 -15.26 -12.38
C VAL C 184 24.29 -16.34 -12.50
N PHE C 185 24.07 -16.74 -13.75
CA PHE C 185 22.98 -17.61 -14.13
C PHE C 185 23.45 -19.04 -14.37
N LYS C 186 23.03 -19.95 -13.50
CA LYS C 186 23.29 -21.39 -13.65
C LYS C 186 22.04 -22.17 -14.10
N PRO C 187 21.93 -22.42 -15.41
CA PRO C 187 20.85 -23.25 -15.96
C PRO C 187 21.10 -24.73 -15.74
N ALA C 188 20.10 -25.57 -15.94
CA ALA C 188 20.32 -27.00 -15.93
C ALA C 188 21.05 -27.41 -17.22
N THR C 189 21.94 -28.39 -17.09
CA THR C 189 22.65 -28.97 -18.21
C THR C 189 21.68 -29.29 -19.35
N GLN C 190 20.65 -30.07 -19.03
CA GLN C 190 19.56 -30.36 -19.97
C GLN C 190 18.66 -29.14 -20.00
N GLY C 191 18.83 -28.30 -21.02
CA GLY C 191 18.21 -26.96 -21.04
C GLY C 191 19.17 -25.77 -21.10
N SER C 192 20.49 -26.02 -20.99
CA SER C 192 21.45 -24.91 -21.09
C SER C 192 21.41 -24.28 -22.47
N LEU C 193 21.13 -25.10 -23.49
CA LEU C 193 21.08 -24.60 -24.86
C LEU C 193 20.03 -23.51 -24.98
N SER C 194 18.80 -23.82 -24.60
CA SER C 194 17.70 -22.85 -24.61
C SER C 194 17.98 -21.67 -23.71
N GLY C 195 18.34 -21.94 -22.45
CA GLY C 195 18.78 -20.89 -21.53
C GLY C 195 19.82 -19.92 -22.09
N ILE C 196 20.75 -20.44 -22.91
CA ILE C 196 21.74 -19.60 -23.64
C ILE C 196 21.12 -18.85 -24.82
N LYS C 197 20.18 -19.45 -25.53
CA LYS C 197 19.52 -18.76 -26.64
C LYS C 197 18.62 -17.65 -26.08
N MET C 198 18.27 -17.80 -24.79
CA MET C 198 17.55 -16.76 -24.06
C MET C 198 18.47 -15.58 -23.75
N VAL C 199 19.70 -15.88 -23.36
CA VAL C 199 20.67 -14.85 -23.02
C VAL C 199 21.36 -14.31 -24.28
N GLU C 200 21.38 -15.08 -25.37
CA GLU C 200 21.72 -14.54 -26.71
C GLU C 200 20.79 -13.36 -27.03
N ALA C 201 19.57 -13.45 -26.52
CA ALA C 201 18.55 -12.43 -26.78
C ALA C 201 18.72 -11.19 -25.90
N LEU C 202 19.22 -11.39 -24.68
CA LEU C 202 19.49 -10.29 -23.78
C LEU C 202 20.78 -9.59 -24.24
N ALA C 203 21.73 -10.40 -24.69
CA ALA C 203 22.94 -9.88 -25.34
C ALA C 203 22.61 -8.88 -26.42
N ASP C 204 21.69 -9.24 -27.30
CA ASP C 204 21.49 -8.46 -28.55
C ASP C 204 20.62 -7.24 -28.28
N ALA C 205 19.91 -7.27 -27.14
CA ALA C 205 19.11 -6.14 -26.71
C ALA C 205 20.02 -5.02 -26.21
N GLY C 206 21.27 -5.33 -25.92
CA GLY C 206 22.25 -4.34 -25.49
C GLY C 206 22.71 -4.43 -24.03
N ALA C 207 22.51 -5.58 -23.40
CA ALA C 207 22.93 -5.72 -21.99
C ALA C 207 24.42 -5.38 -21.85
N PRO C 208 24.76 -4.56 -20.84
CA PRO C 208 26.16 -4.17 -20.61
C PRO C 208 26.98 -5.32 -20.06
N GLU C 209 28.29 -5.27 -20.28
CA GLU C 209 29.18 -6.36 -19.91
C GLU C 209 29.16 -6.67 -18.41
N GLY C 210 29.21 -7.96 -18.09
CA GLY C 210 29.25 -8.41 -16.70
C GLY C 210 27.92 -8.46 -15.98
N ILE C 211 26.89 -7.85 -16.58
CA ILE C 211 25.53 -7.76 -16.02
C ILE C 211 24.86 -9.14 -15.91
N ILE C 212 25.02 -9.91 -16.98
CA ILE C 212 24.50 -11.25 -17.08
C ILE C 212 25.65 -12.21 -17.44
N GLN C 213 26.02 -13.06 -16.48
CA GLN C 213 27.07 -14.06 -16.68
C GLN C 213 26.43 -15.44 -16.69
N VAL C 214 26.70 -16.19 -17.74
CA VAL C 214 26.26 -17.58 -17.88
C VAL C 214 27.35 -18.53 -17.42
N VAL C 215 27.04 -19.41 -16.48
CA VAL C 215 27.96 -20.50 -16.13
C VAL C 215 27.30 -21.88 -16.29
N THR C 216 28.06 -22.82 -16.84
CA THR C 216 27.56 -24.15 -17.17
C THR C 216 28.54 -25.21 -16.70
N GLY C 217 28.14 -26.47 -16.85
CA GLY C 217 28.86 -27.56 -16.22
C GLY C 217 27.87 -28.22 -15.29
N ARG C 218 28.12 -29.48 -14.96
CA ARG C 218 27.20 -30.27 -14.17
C ARG C 218 27.09 -29.67 -12.77
N GLY C 219 25.86 -29.53 -12.29
CA GLY C 219 25.61 -28.97 -10.97
C GLY C 219 26.39 -29.72 -9.92
N SER C 220 26.49 -31.04 -10.08
CA SER C 220 27.25 -31.91 -9.18
C SER C 220 28.72 -31.49 -9.06
N VAL C 221 29.27 -31.00 -10.18
CA VAL C 221 30.66 -30.54 -10.26
C VAL C 221 30.85 -29.14 -9.66
N ILE C 222 30.21 -28.15 -10.29
CA ILE C 222 30.48 -26.72 -10.00
C ILE C 222 29.51 -26.08 -9.00
N GLY C 223 28.46 -26.81 -8.67
CA GLY C 223 27.35 -26.30 -7.88
C GLY C 223 27.68 -25.76 -6.50
N ASP C 224 28.34 -26.58 -5.67
CA ASP C 224 28.69 -26.17 -4.29
C ASP C 224 29.67 -25.00 -4.23
N HIS C 225 30.62 -24.97 -5.16
CA HIS C 225 31.50 -23.82 -5.33
C HIS C 225 30.65 -22.57 -5.54
N LEU C 226 29.78 -22.57 -6.55
CA LEU C 226 28.88 -21.43 -6.80
C LEU C 226 28.09 -21.05 -5.54
N VAL C 227 27.51 -22.04 -4.86
CA VAL C 227 26.63 -21.79 -3.71
C VAL C 227 27.35 -21.16 -2.52
N GLU C 228 28.56 -21.63 -2.22
CA GLU C 228 29.33 -21.15 -1.07
C GLU C 228 30.17 -19.89 -1.35
N HIS C 229 30.18 -19.44 -2.60
CA HIS C 229 31.07 -18.33 -2.99
C HIS C 229 30.73 -16.99 -2.32
N PRO C 230 31.71 -16.39 -1.60
CA PRO C 230 31.49 -15.14 -0.86
C PRO C 230 31.15 -13.94 -1.77
N GLY C 231 31.32 -14.09 -3.08
CA GLY C 231 30.88 -13.06 -4.03
C GLY C 231 29.37 -13.03 -4.28
N ILE C 232 28.66 -14.06 -3.82
CA ILE C 232 27.23 -14.22 -4.03
C ILE C 232 26.44 -13.55 -2.92
N ASP C 233 25.42 -12.78 -3.28
CA ASP C 233 24.67 -12.00 -2.31
C ASP C 233 23.23 -12.48 -2.06
N MET C 234 22.76 -13.37 -2.93
CA MET C 234 21.39 -13.88 -2.90
C MET C 234 21.29 -15.02 -3.92
N ILE C 235 20.54 -16.05 -3.57
CA ILE C 235 20.34 -17.19 -4.47
C ILE C 235 18.86 -17.43 -4.76
N THR C 236 18.54 -17.60 -6.04
CA THR C 236 17.21 -18.09 -6.42
C THR C 236 17.29 -19.40 -7.16
N PHE C 237 16.58 -20.38 -6.62
CA PHE C 237 16.69 -21.75 -7.11
C PHE C 237 15.34 -22.37 -7.39
N THR C 238 15.25 -23.07 -8.52
CA THR C 238 14.08 -23.91 -8.82
C THR C 238 14.49 -25.30 -9.28
N GLY C 239 14.22 -26.29 -8.44
CA GLY C 239 14.49 -27.69 -8.74
C GLY C 239 14.06 -28.65 -7.66
N GLY C 240 14.77 -29.78 -7.55
CA GLY C 240 14.38 -30.88 -6.68
C GLY C 240 14.53 -30.54 -5.22
N THR C 241 13.76 -31.23 -4.39
CA THR C 241 13.79 -30.98 -2.95
C THR C 241 15.15 -31.29 -2.38
N THR C 242 15.83 -32.29 -2.95
CA THR C 242 17.15 -32.71 -2.49
C THR C 242 18.19 -31.58 -2.59
N THR C 243 18.35 -31.08 -3.82
CA THR C 243 19.32 -30.04 -4.15
C THR C 243 19.03 -28.73 -3.45
N GLY C 244 17.75 -28.37 -3.40
CA GLY C 244 17.30 -27.19 -2.67
C GLY C 244 17.69 -27.21 -1.20
N GLU C 245 17.50 -28.37 -0.55
CA GLU C 245 17.87 -28.55 0.86
C GLU C 245 19.37 -28.37 1.00
N ARG C 246 20.11 -29.07 0.16
CA ARG C 246 21.56 -29.00 0.18
C ARG C 246 22.02 -27.53 0.12
N ILE C 247 21.59 -26.81 -0.93
CA ILE C 247 21.86 -25.37 -1.12
C ILE C 247 21.61 -24.50 0.14
N SER C 248 20.44 -24.67 0.77
CA SER C 248 20.17 -23.92 2.00
C SER C 248 21.14 -24.27 3.13
N GLU C 249 21.58 -25.53 3.14
CA GLU C 249 22.53 -26.04 4.13
C GLU C 249 23.90 -25.43 3.89
N LYS C 250 24.30 -25.35 2.62
CA LYS C 250 25.62 -24.84 2.25
C LYS C 250 25.74 -23.31 2.13
N ALA C 251 24.68 -22.63 1.69
CA ALA C 251 24.64 -21.16 1.66
C ALA C 251 24.76 -20.57 3.06
N LYS C 252 25.32 -19.36 3.14
CA LYS C 252 25.62 -18.73 4.41
C LYS C 252 25.43 -17.22 4.34
N MET C 253 24.83 -16.65 5.39
CA MET C 253 24.69 -15.18 5.56
C MET C 253 23.96 -14.43 4.43
N ILE C 254 23.10 -15.13 3.72
CA ILE C 254 22.44 -14.53 2.55
C ILE C 254 20.97 -14.96 2.37
N PRO C 255 20.13 -14.07 1.81
CA PRO C 255 18.77 -14.49 1.47
C PRO C 255 18.78 -15.62 0.47
N VAL C 256 18.03 -16.68 0.78
CA VAL C 256 17.89 -17.83 -0.10
C VAL C 256 16.40 -18.05 -0.39
N VAL C 257 16.05 -17.95 -1.67
CA VAL C 257 14.71 -18.24 -2.15
C VAL C 257 14.71 -19.52 -2.98
N LEU C 258 13.85 -20.43 -2.57
CA LEU C 258 13.76 -21.77 -3.14
C LEU C 258 12.31 -22.09 -3.50
N GLU C 259 12.12 -22.65 -4.68
CA GLU C 259 10.86 -23.28 -5.02
C GLU C 259 11.19 -24.71 -5.43
N LEU C 260 10.65 -25.66 -4.68
CA LEU C 260 11.07 -27.06 -4.83
C LEU C 260 9.93 -27.96 -5.30
N GLY C 261 10.05 -29.25 -5.02
CA GLY C 261 9.03 -30.23 -5.39
C GLY C 261 7.69 -30.06 -4.70
N GLY C 262 6.69 -30.75 -5.24
CA GLY C 262 5.35 -30.71 -4.68
C GLY C 262 4.59 -32.00 -4.86
N LYS C 263 3.63 -32.24 -3.98
CA LYS C 263 2.75 -33.40 -4.03
C LYS C 263 1.32 -32.90 -3.83
N ASP C 264 0.94 -31.88 -4.62
CA ASP C 264 -0.34 -31.20 -4.47
C ASP C 264 -1.49 -32.19 -4.44
N PRO C 265 -2.31 -32.15 -3.36
CA PRO C 265 -3.50 -32.96 -3.33
C PRO C 265 -4.64 -32.27 -4.06
N ALA C 266 -5.57 -33.06 -4.57
CA ALA C 266 -6.89 -32.56 -4.95
C ALA C 266 -7.88 -33.23 -4.01
N ILE C 267 -8.53 -32.43 -3.19
CA ILE C 267 -9.53 -32.92 -2.24
C ILE C 267 -10.89 -32.78 -2.89
N VAL C 268 -11.63 -33.89 -2.93
CA VAL C 268 -12.90 -33.95 -3.66
C VAL C 268 -14.01 -34.47 -2.74
N LEU C 269 -14.81 -33.54 -2.23
CA LEU C 269 -15.92 -33.84 -1.34
C LEU C 269 -17.13 -34.37 -2.13
N ASP C 270 -18.13 -34.92 -1.42
CA ASP C 270 -19.23 -35.62 -2.10
C ASP C 270 -20.12 -34.74 -2.99
N ASP C 271 -20.39 -33.51 -2.54
CA ASP C 271 -21.25 -32.58 -3.26
C ASP C 271 -20.58 -31.88 -4.44
N ALA C 272 -19.44 -32.38 -4.90
CA ALA C 272 -18.66 -31.74 -5.97
C ALA C 272 -19.22 -32.03 -7.38
N ASP C 273 -19.15 -31.04 -8.27
CA ASP C 273 -19.42 -31.26 -9.70
C ASP C 273 -18.32 -32.14 -10.26
N LEU C 274 -18.69 -33.34 -10.68
CA LEU C 274 -17.71 -34.39 -10.95
C LEU C 274 -17.13 -34.41 -12.37
N LYS C 275 -17.81 -33.78 -13.33
CA LYS C 275 -17.25 -33.66 -14.68
C LYS C 275 -16.20 -32.56 -14.77
N LEU C 276 -16.34 -31.55 -13.91
CA LEU C 276 -15.34 -30.49 -13.79
C LEU C 276 -14.15 -30.97 -12.98
N THR C 277 -14.42 -31.54 -11.81
CA THR C 277 -13.38 -32.03 -10.90
C THR C 277 -12.39 -32.92 -11.62
N ALA C 278 -12.90 -33.88 -12.40
CA ALA C 278 -12.06 -34.78 -13.19
C ALA C 278 -11.35 -34.03 -14.32
N SER C 279 -12.07 -33.11 -14.97
CA SER C 279 -11.54 -32.34 -16.08
C SER C 279 -10.29 -31.57 -15.65
N GLN C 280 -10.37 -30.99 -14.45
CA GLN C 280 -9.29 -30.20 -13.87
C GLN C 280 -8.13 -31.05 -13.37
N ILE C 281 -8.47 -32.17 -12.73
CA ILE C 281 -7.47 -33.08 -12.17
C ILE C 281 -6.59 -33.69 -13.28
N VAL C 282 -7.23 -34.07 -14.38
CA VAL C 282 -6.52 -34.63 -15.55
C VAL C 282 -5.62 -33.59 -16.20
N SER C 283 -6.16 -32.39 -16.42
CA SER C 283 -5.39 -31.29 -16.98
C SER C 283 -4.23 -30.94 -16.05
N GLY C 284 -4.49 -31.04 -14.75
CA GLY C 284 -3.52 -30.66 -13.72
C GLY C 284 -2.43 -31.68 -13.43
N ALA C 285 -2.77 -32.96 -13.48
CA ALA C 285 -1.82 -34.02 -13.18
C ALA C 285 -0.93 -34.38 -14.36
N PHE C 286 -1.49 -34.32 -15.57
CA PHE C 286 -0.85 -34.92 -16.73
C PHE C 286 -0.26 -33.95 -17.76
N SER C 287 -0.39 -32.65 -17.53
CA SER C 287 0.26 -31.64 -18.36
C SER C 287 1.78 -31.82 -18.37
N TYR C 288 2.41 -31.63 -19.53
CA TYR C 288 3.86 -31.90 -19.71
C TYR C 288 4.23 -33.25 -19.07
N SER C 289 3.30 -34.19 -19.15
CA SER C 289 3.44 -35.55 -18.63
C SER C 289 3.80 -35.67 -17.16
N GLY C 290 3.36 -34.69 -16.36
CA GLY C 290 3.51 -34.72 -14.92
C GLY C 290 4.79 -34.10 -14.40
N GLN C 291 5.63 -33.63 -15.32
CA GLN C 291 6.93 -33.08 -14.92
C GLN C 291 6.80 -31.59 -14.62
N ARG C 292 6.14 -31.29 -13.49
CA ARG C 292 5.88 -29.93 -13.06
C ARG C 292 5.79 -29.90 -11.54
N CYS C 293 6.54 -29.00 -10.92
CA CYS C 293 6.50 -28.84 -9.45
C CYS C 293 5.06 -28.69 -8.96
N THR C 294 4.31 -27.79 -9.62
CA THR C 294 2.90 -27.59 -9.39
C THR C 294 2.10 -28.46 -10.36
N ALA C 295 1.51 -29.51 -9.79
CA ALA C 295 0.72 -30.47 -10.52
C ALA C 295 -0.08 -31.22 -9.48
N ILE C 296 -1.28 -31.66 -9.84
CA ILE C 296 -2.05 -32.53 -8.97
C ILE C 296 -1.34 -33.88 -8.94
N LYS C 297 -0.84 -34.27 -7.78
CA LYS C 297 -0.04 -35.48 -7.69
C LYS C 297 -0.68 -36.57 -6.83
N ARG C 298 -1.83 -36.24 -6.24
CA ARG C 298 -2.65 -37.19 -5.47
C ARG C 298 -4.06 -36.64 -5.30
N VAL C 299 -5.05 -37.52 -5.43
CA VAL C 299 -6.45 -37.17 -5.28
C VAL C 299 -7.03 -37.80 -4.03
N PHE C 300 -7.70 -37.00 -3.23
CA PHE C 300 -8.48 -37.50 -2.12
C PHE C 300 -9.96 -37.31 -2.47
N VAL C 301 -10.70 -38.41 -2.54
CA VAL C 301 -12.12 -38.37 -2.91
C VAL C 301 -12.95 -39.15 -1.89
N GLN C 302 -14.04 -38.54 -1.42
CA GLN C 302 -14.98 -39.20 -0.52
C GLN C 302 -15.56 -40.45 -1.16
N ASP C 303 -15.69 -41.49 -0.33
CA ASP C 303 -16.18 -42.80 -0.74
C ASP C 303 -17.47 -42.72 -1.55
N SER C 304 -18.38 -41.89 -1.07
CA SER C 304 -19.69 -41.69 -1.67
C SER C 304 -19.63 -41.54 -3.19
N VAL C 305 -18.70 -40.72 -3.67
CA VAL C 305 -18.60 -40.40 -5.10
C VAL C 305 -17.30 -40.94 -5.73
N ALA C 306 -16.59 -41.77 -4.97
CA ALA C 306 -15.27 -42.25 -5.36
C ALA C 306 -15.27 -43.03 -6.66
N ASP C 307 -16.35 -43.77 -6.92
CA ASP C 307 -16.42 -44.62 -8.10
C ASP C 307 -16.67 -43.86 -9.41
N GLN C 308 -17.64 -42.95 -9.45
CA GLN C 308 -17.91 -42.26 -10.71
C GLN C 308 -16.88 -41.18 -11.05
N LEU C 309 -16.18 -40.66 -10.04
CA LEU C 309 -15.07 -39.73 -10.28
C LEU C 309 -13.96 -40.48 -11.00
N VAL C 310 -13.46 -41.54 -10.37
CA VAL C 310 -12.38 -42.34 -10.91
C VAL C 310 -12.73 -42.89 -12.31
N ALA C 311 -14.01 -43.09 -12.56
CA ALA C 311 -14.50 -43.49 -13.88
C ALA C 311 -14.38 -42.33 -14.87
N ASN C 312 -14.75 -41.14 -14.42
CA ASN C 312 -14.62 -39.94 -15.22
C ASN C 312 -13.17 -39.67 -15.59
N ILE C 313 -12.30 -39.69 -14.57
CA ILE C 313 -10.86 -39.44 -14.74
C ILE C 313 -10.30 -40.41 -15.77
N LYS C 314 -10.67 -41.68 -15.63
CA LYS C 314 -10.23 -42.76 -16.51
C LYS C 314 -10.65 -42.53 -17.97
N GLU C 315 -11.84 -41.99 -18.18
CA GLU C 315 -12.31 -41.72 -19.54
C GLU C 315 -11.38 -40.73 -20.23
N LEU C 316 -11.10 -39.62 -19.54
CA LEU C 316 -10.30 -38.53 -20.08
C LEU C 316 -8.83 -38.90 -20.27
N VAL C 317 -8.33 -39.79 -19.44
CA VAL C 317 -6.96 -40.30 -19.55
C VAL C 317 -6.76 -41.03 -20.87
N GLU C 318 -7.79 -41.78 -21.29
CA GLU C 318 -7.73 -42.60 -22.50
C GLU C 318 -7.81 -41.80 -23.81
N GLN C 319 -8.15 -40.52 -23.71
CA GLN C 319 -8.19 -39.62 -24.86
C GLN C 319 -6.94 -38.74 -25.01
N LEU C 320 -6.06 -38.78 -24.00
CA LEU C 320 -4.78 -38.08 -24.07
C LEU C 320 -3.93 -38.69 -25.19
N THR C 321 -3.47 -37.85 -26.11
CA THR C 321 -2.55 -38.30 -27.16
C THR C 321 -1.15 -38.51 -26.60
N VAL C 322 -0.52 -39.61 -27.00
CA VAL C 322 0.79 -40.00 -26.49
C VAL C 322 1.80 -40.12 -27.64
N GLY C 323 2.98 -39.54 -27.45
CA GLY C 323 4.05 -39.68 -28.41
C GLY C 323 5.01 -38.51 -28.53
N SER C 324 4.97 -37.86 -29.70
CA SER C 324 5.99 -36.91 -30.11
C SER C 324 5.67 -35.45 -29.80
N PRO C 325 6.69 -34.68 -29.36
CA PRO C 325 6.60 -33.24 -29.15
C PRO C 325 6.18 -32.46 -30.39
N GLU C 326 6.46 -32.99 -31.57
CA GLU C 326 6.22 -32.24 -32.80
C GLU C 326 4.75 -32.27 -33.20
N ASP C 327 4.06 -33.36 -32.84
CA ASP C 327 2.63 -33.51 -33.09
C ASP C 327 1.77 -33.05 -31.90
N ASP C 328 2.38 -32.36 -30.93
CA ASP C 328 1.67 -31.93 -29.70
C ASP C 328 0.91 -33.08 -29.05
N ALA C 329 1.66 -34.04 -28.53
CA ALA C 329 1.06 -35.10 -27.73
C ALA C 329 0.86 -34.57 -26.32
N ASP C 330 -0.27 -34.95 -25.72
CA ASP C 330 -0.56 -34.56 -24.34
C ASP C 330 0.49 -35.16 -23.41
N ILE C 331 0.83 -36.42 -23.69
CA ILE C 331 1.88 -37.13 -22.98
C ILE C 331 3.10 -37.28 -23.91
N THR C 332 4.24 -36.72 -23.52
CA THR C 332 5.51 -36.92 -24.24
C THR C 332 6.54 -37.63 -23.36
N PRO C 333 7.68 -38.07 -23.94
CA PRO C 333 8.60 -38.91 -23.18
C PRO C 333 9.25 -38.14 -22.04
N VAL C 334 9.38 -38.79 -20.89
CA VAL C 334 9.97 -38.19 -19.69
C VAL C 334 11.43 -37.77 -19.92
N ILE C 335 12.05 -37.18 -18.91
CA ILE C 335 13.32 -36.48 -19.12
C ILE C 335 14.51 -37.41 -19.40
N ASP C 336 14.57 -38.55 -18.71
CA ASP C 336 15.52 -39.61 -19.05
C ASP C 336 15.17 -40.94 -18.41
N GLU C 337 16.02 -41.94 -18.65
CA GLU C 337 15.76 -43.32 -18.26
C GLU C 337 15.83 -43.50 -16.74
N LYS C 338 16.75 -42.78 -16.10
CA LYS C 338 16.85 -42.71 -14.64
C LYS C 338 15.54 -42.18 -14.07
N SER C 339 15.01 -41.15 -14.73
CA SER C 339 13.72 -40.54 -14.41
C SER C 339 12.58 -41.55 -14.54
N ALA C 340 12.60 -42.35 -15.62
CA ALA C 340 11.57 -43.34 -15.89
C ALA C 340 11.62 -44.53 -14.92
N ALA C 341 12.83 -44.89 -14.50
CA ALA C 341 13.07 -46.03 -13.61
C ALA C 341 12.59 -45.76 -12.17
N PHE C 342 12.63 -44.49 -11.77
CA PHE C 342 12.11 -44.09 -10.47
C PHE C 342 10.59 -44.19 -10.46
N ILE C 343 9.98 -43.80 -11.57
CA ILE C 343 8.53 -43.82 -11.71
C ILE C 343 8.01 -45.26 -11.62
N GLN C 344 8.65 -46.15 -12.38
CA GLN C 344 8.27 -47.56 -12.40
C GLN C 344 8.31 -48.17 -11.00
N GLY C 345 9.43 -47.97 -10.29
CA GLY C 345 9.58 -48.45 -8.92
C GLY C 345 8.47 -47.99 -7.99
N LEU C 346 7.87 -46.84 -8.31
CA LEU C 346 6.72 -46.31 -7.59
C LEU C 346 5.42 -47.00 -7.98
N ILE C 347 5.26 -47.31 -9.27
CA ILE C 347 4.11 -48.07 -9.76
C ILE C 347 4.18 -49.52 -9.27
N ASP C 348 5.37 -50.10 -9.34
CA ASP C 348 5.60 -51.50 -8.97
C ASP C 348 5.46 -51.72 -7.48
N ASP C 349 5.70 -50.68 -6.69
CA ASP C 349 5.46 -50.74 -5.25
C ASP C 349 3.96 -50.78 -4.94
N ALA C 350 3.21 -49.89 -5.61
CA ALA C 350 1.75 -49.80 -5.44
C ALA C 350 1.06 -51.10 -5.88
N LEU C 351 1.38 -51.57 -7.09
CA LEU C 351 0.84 -52.83 -7.60
C LEU C 351 1.04 -53.97 -6.61
N GLU C 352 2.28 -54.14 -6.14
CA GLU C 352 2.62 -55.19 -5.19
C GLU C 352 1.95 -54.98 -3.84
N ASN C 353 1.82 -53.73 -3.41
CA ASN C 353 1.22 -53.45 -2.09
C ASN C 353 -0.32 -53.49 -2.06
N GLY C 354 -0.94 -53.79 -3.20
CA GLY C 354 -2.38 -54.07 -3.25
C GLY C 354 -3.27 -53.13 -4.05
N ALA C 355 -2.68 -52.15 -4.74
CA ALA C 355 -3.45 -51.12 -5.45
C ALA C 355 -4.07 -51.62 -6.76
N THR C 356 -5.13 -50.94 -7.19
CA THR C 356 -5.85 -51.26 -8.42
C THR C 356 -5.27 -50.47 -9.57
N LEU C 357 -4.88 -51.15 -10.63
CA LEU C 357 -4.49 -50.47 -11.86
C LEU C 357 -5.73 -50.25 -12.69
N LEU C 358 -5.99 -49.00 -13.07
CA LEU C 358 -7.13 -48.71 -13.93
C LEU C 358 -6.72 -48.42 -15.38
N SER C 359 -5.50 -47.92 -15.57
CA SER C 359 -4.95 -47.68 -16.89
C SER C 359 -3.42 -47.58 -16.89
N GLY C 360 -2.83 -47.71 -18.07
CA GLY C 360 -1.40 -47.49 -18.26
C GLY C 360 -0.50 -48.65 -17.90
N ASN C 361 0.65 -48.30 -17.33
CA ASN C 361 1.77 -49.21 -17.10
C ASN C 361 2.36 -49.73 -18.41
N LYS C 362 1.86 -49.19 -19.52
CA LYS C 362 2.48 -49.35 -20.83
C LYS C 362 3.68 -48.41 -20.93
N ARG C 363 4.68 -48.81 -21.71
CA ARG C 363 5.85 -47.97 -21.97
C ARG C 363 6.68 -48.54 -23.11
N GLN C 364 7.30 -47.66 -23.89
CA GLN C 364 8.39 -48.05 -24.79
C GLN C 364 9.61 -47.17 -24.53
N GLY C 365 10.48 -47.65 -23.66
CA GLY C 365 11.67 -46.91 -23.21
C GLY C 365 11.30 -45.66 -22.43
N ASN C 366 11.69 -44.51 -22.98
CA ASN C 366 11.41 -43.19 -22.38
C ASN C 366 9.95 -42.78 -22.31
N LEU C 367 9.17 -43.19 -23.32
CA LEU C 367 7.80 -42.76 -23.47
C LEU C 367 6.84 -43.61 -22.62
N LEU C 368 6.55 -43.13 -21.42
CA LEU C 368 5.60 -43.79 -20.52
C LEU C 368 4.18 -43.39 -20.87
N SER C 369 3.27 -44.36 -20.96
CA SER C 369 1.85 -44.07 -21.12
C SER C 369 1.28 -43.58 -19.78
N PRO C 370 0.21 -42.75 -19.84
CA PRO C 370 -0.45 -42.23 -18.64
C PRO C 370 -0.97 -43.36 -17.76
N THR C 371 -0.75 -43.25 -16.45
CA THR C 371 -1.03 -44.34 -15.50
C THR C 371 -1.93 -43.89 -14.34
N LEU C 372 -3.06 -44.56 -14.17
CA LEU C 372 -4.02 -44.25 -13.11
C LEU C 372 -4.08 -45.35 -12.05
N LEU C 373 -4.03 -44.95 -10.78
CA LEU C 373 -3.98 -45.91 -9.68
C LEU C 373 -5.07 -45.71 -8.64
N ASP C 374 -5.99 -46.67 -8.53
CA ASP C 374 -7.06 -46.62 -7.52
C ASP C 374 -6.75 -47.51 -6.31
N ASP C 375 -7.48 -47.29 -5.21
CA ASP C 375 -7.26 -47.98 -3.93
C ASP C 375 -5.83 -47.84 -3.38
N VAL C 376 -5.25 -46.66 -3.58
CA VAL C 376 -3.91 -46.35 -3.06
C VAL C 376 -4.00 -46.02 -1.56
N THR C 377 -2.99 -46.45 -0.81
CA THR C 377 -2.98 -46.34 0.66
C THR C 377 -1.78 -45.55 1.16
N PRO C 378 -1.80 -45.11 2.44
CA PRO C 378 -0.62 -44.54 3.09
C PRO C 378 0.56 -45.52 3.22
N ALA C 379 0.29 -46.83 3.15
CA ALA C 379 1.34 -47.85 3.14
C ALA C 379 2.19 -47.82 1.85
N MET C 380 1.66 -47.21 0.78
CA MET C 380 2.37 -47.12 -0.49
C MET C 380 3.23 -45.88 -0.60
N ARG C 381 4.42 -46.05 -1.17
CA ARG C 381 5.34 -44.95 -1.43
C ARG C 381 4.73 -43.88 -2.36
N VAL C 382 4.05 -44.31 -3.42
CA VAL C 382 3.51 -43.41 -4.46
C VAL C 382 2.48 -42.40 -3.93
N ALA C 383 2.04 -42.61 -2.69
CA ALA C 383 1.13 -41.71 -2.01
C ALA C 383 1.85 -40.50 -1.43
N TRP C 384 3.18 -40.56 -1.39
CA TRP C 384 3.99 -39.51 -0.76
C TRP C 384 5.07 -38.96 -1.68
N GLU C 385 5.68 -39.85 -2.45
CA GLU C 385 6.89 -39.51 -3.17
C GLU C 385 6.59 -38.86 -4.52
N GLU C 386 7.22 -37.72 -4.77
CA GLU C 386 7.04 -36.99 -6.02
C GLU C 386 7.63 -37.80 -7.17
N PRO C 387 6.76 -38.33 -8.05
CA PRO C 387 7.25 -39.14 -9.15
C PRO C 387 7.89 -38.28 -10.22
N PHE C 388 7.37 -37.07 -10.40
CA PHE C 388 7.70 -36.20 -11.52
C PHE C 388 7.49 -36.94 -12.83
N GLY C 389 6.46 -37.78 -12.87
CA GLY C 389 6.09 -38.52 -14.07
C GLY C 389 4.59 -38.61 -14.24
N PRO C 390 4.14 -39.22 -15.35
CA PRO C 390 2.72 -39.31 -15.73
C PRO C 390 1.89 -40.36 -14.99
N VAL C 391 1.96 -40.36 -13.67
CA VAL C 391 1.19 -41.28 -12.84
C VAL C 391 0.37 -40.51 -11.79
N LEU C 392 -0.87 -40.96 -11.56
CA LEU C 392 -1.80 -40.30 -10.65
C LEU C 392 -2.51 -41.30 -9.73
N PRO C 393 -2.15 -41.32 -8.44
CA PRO C 393 -2.80 -42.20 -7.47
C PRO C 393 -4.05 -41.58 -6.89
N ILE C 394 -5.02 -42.43 -6.53
CA ILE C 394 -6.28 -42.00 -5.94
C ILE C 394 -6.42 -42.68 -4.58
N ILE C 395 -6.69 -41.89 -3.55
CA ILE C 395 -6.79 -42.40 -2.18
C ILE C 395 -8.17 -42.09 -1.65
N ARG C 396 -8.93 -43.15 -1.32
CA ARG C 396 -10.32 -43.04 -0.91
C ARG C 396 -10.43 -42.69 0.57
N VAL C 397 -11.39 -41.81 0.89
CA VAL C 397 -11.42 -41.19 2.20
C VAL C 397 -12.84 -41.02 2.75
N LYS C 398 -12.99 -41.22 4.06
CA LYS C 398 -14.27 -41.19 4.76
C LYS C 398 -14.94 -39.82 4.75
N ASP C 399 -14.14 -38.78 4.94
CA ASP C 399 -14.64 -37.39 4.97
C ASP C 399 -13.47 -36.40 4.91
N ALA C 400 -13.78 -35.11 4.97
CA ALA C 400 -12.79 -34.04 4.83
C ALA C 400 -11.72 -34.00 5.95
N ASN C 401 -12.12 -34.25 7.19
CA ASN C 401 -11.17 -34.30 8.30
C ASN C 401 -10.03 -35.30 8.10
N GLU C 402 -10.31 -36.40 7.41
CA GLU C 402 -9.28 -37.40 7.12
C GLU C 402 -8.43 -36.95 5.94
N ALA C 403 -9.06 -36.26 4.98
CA ALA C 403 -8.34 -35.71 3.82
C ALA C 403 -7.31 -34.63 4.22
N ILE C 404 -7.75 -33.65 5.01
CA ILE C 404 -6.85 -32.67 5.62
C ILE C 404 -5.66 -33.38 6.30
N SER C 405 -5.99 -34.26 7.23
CA SER C 405 -5.01 -35.00 8.01
C SER C 405 -3.96 -35.65 7.13
N LEU C 406 -4.42 -36.42 6.14
CA LEU C 406 -3.52 -37.08 5.20
C LEU C 406 -2.79 -36.12 4.28
N SER C 407 -3.39 -34.96 4.01
CA SER C 407 -2.71 -33.95 3.20
C SER C 407 -1.52 -33.38 3.97
N ASN C 408 -1.77 -32.98 5.21
CA ASN C 408 -0.76 -32.35 6.04
C ASN C 408 0.36 -33.29 6.55
N GLN C 409 0.15 -34.60 6.43
CA GLN C 409 1.16 -35.57 6.86
C GLN C 409 2.35 -35.63 5.91
N SER C 410 2.16 -35.08 4.71
CA SER C 410 3.21 -35.02 3.67
C SER C 410 4.32 -34.01 4.00
N ASP C 411 5.53 -34.28 3.51
CA ASP C 411 6.68 -33.36 3.67
C ASP C 411 6.46 -32.08 2.86
N TYR C 412 5.63 -32.18 1.83
CA TYR C 412 5.43 -31.09 0.87
C TYR C 412 4.33 -30.12 1.28
N GLY C 413 4.30 -28.96 0.65
CA GLY C 413 3.25 -27.96 0.91
C GLY C 413 3.26 -26.83 -0.10
N LEU C 414 3.22 -27.17 -1.39
CA LEU C 414 3.25 -26.15 -2.42
C LEU C 414 1.83 -25.64 -2.68
N GLN C 415 1.00 -26.46 -3.32
CA GLN C 415 -0.39 -26.08 -3.60
C GLN C 415 -1.41 -27.20 -3.36
N ALA C 416 -2.69 -26.85 -3.43
CA ALA C 416 -3.78 -27.79 -3.21
C ALA C 416 -5.01 -27.39 -4.01
N SER C 417 -5.94 -28.33 -4.19
CA SER C 417 -7.19 -28.03 -4.88
C SER C 417 -8.35 -28.57 -4.06
N ILE C 418 -9.38 -27.76 -3.84
CA ILE C 418 -10.56 -28.26 -3.12
C ILE C 418 -11.79 -28.14 -3.99
N PHE C 419 -12.35 -29.30 -4.32
CA PHE C 419 -13.52 -29.39 -5.18
C PHE C 419 -14.77 -29.68 -4.37
N THR C 420 -15.68 -28.71 -4.33
CA THR C 420 -16.97 -28.80 -3.63
C THR C 420 -17.86 -27.64 -4.03
N LYS C 421 -19.17 -27.84 -3.95
CA LYS C 421 -20.12 -26.76 -4.22
C LYS C 421 -20.22 -25.79 -3.05
N ASP C 422 -19.86 -26.25 -1.85
CA ASP C 422 -19.91 -25.39 -0.64
C ASP C 422 -18.64 -24.57 -0.45
N THR C 423 -18.58 -23.44 -1.17
CA THR C 423 -17.45 -22.50 -1.14
C THR C 423 -17.00 -22.08 0.28
N ASP C 424 -17.94 -21.69 1.13
CA ASP C 424 -17.63 -21.25 2.50
C ASP C 424 -16.82 -22.30 3.26
N ARG C 425 -17.13 -23.56 2.96
CA ARG C 425 -16.49 -24.70 3.61
C ARG C 425 -15.12 -24.96 2.97
N ALA C 426 -15.04 -24.85 1.65
CA ALA C 426 -13.79 -25.03 0.92
C ALA C 426 -12.70 -24.05 1.37
N ILE C 427 -13.10 -22.78 1.58
CA ILE C 427 -12.24 -21.77 2.18
C ILE C 427 -11.75 -22.23 3.55
N ASN C 428 -12.69 -22.60 4.40
CA ASN C 428 -12.44 -23.10 5.75
C ASN C 428 -11.53 -24.34 5.78
N ILE C 429 -11.75 -25.25 4.84
CA ILE C 429 -10.91 -26.43 4.72
C ILE C 429 -9.50 -26.06 4.28
N GLY C 430 -9.39 -25.14 3.32
CA GLY C 430 -8.11 -24.64 2.82
C GLY C 430 -7.24 -24.03 3.91
N LYS C 431 -7.85 -23.23 4.77
CA LYS C 431 -7.17 -22.63 5.93
C LYS C 431 -6.50 -23.67 6.86
N HIS C 432 -6.90 -24.93 6.72
CA HIS C 432 -6.33 -26.02 7.51
C HIS C 432 -5.25 -26.78 6.75
N LEU C 433 -5.14 -26.52 5.45
CA LEU C 433 -4.07 -27.11 4.64
C LEU C 433 -2.77 -26.32 4.71
N GLU C 434 -1.70 -26.99 5.14
CA GLU C 434 -0.40 -26.36 5.22
C GLU C 434 0.23 -26.28 3.83
N VAL C 435 -0.26 -25.34 3.02
CA VAL C 435 0.25 -25.13 1.65
C VAL C 435 0.36 -23.64 1.34
N GLY C 436 1.00 -23.31 0.20
CA GLY C 436 1.12 -21.92 -0.25
C GLY C 436 -0.17 -21.36 -0.81
N THR C 437 -0.78 -22.11 -1.71
CA THR C 437 -1.94 -21.66 -2.43
C THR C 437 -2.98 -22.77 -2.49
N VAL C 438 -4.20 -22.46 -2.08
CA VAL C 438 -5.35 -23.37 -2.19
C VAL C 438 -6.26 -22.92 -3.36
N HIS C 439 -6.51 -23.82 -4.30
CA HIS C 439 -7.38 -23.51 -5.45
C HIS C 439 -8.79 -24.11 -5.25
N ILE C 440 -9.82 -23.27 -5.32
CA ILE C 440 -11.20 -23.75 -5.14
C ILE C 440 -11.85 -24.07 -6.49
N ASN C 441 -12.25 -25.33 -6.68
CA ASN C 441 -12.90 -25.78 -7.91
C ASN C 441 -12.05 -25.55 -9.17
N ALA C 442 -10.73 -25.50 -8.97
CA ALA C 442 -9.79 -25.41 -10.09
C ALA C 442 -8.52 -26.22 -9.82
N LYS C 443 -7.78 -26.53 -10.88
CA LYS C 443 -6.48 -27.18 -10.75
C LYS C 443 -5.44 -26.24 -10.10
N THR C 444 -4.34 -26.80 -9.64
CA THR C 444 -3.26 -25.98 -9.12
C THR C 444 -2.41 -25.47 -10.27
N GLU C 445 -1.86 -24.27 -10.10
CA GLU C 445 -0.91 -23.69 -11.07
C GLU C 445 -0.05 -22.60 -10.44
N ARG C 446 1.09 -22.31 -11.06
CA ARG C 446 2.01 -21.29 -10.53
C ARG C 446 1.39 -19.90 -10.67
N GLY C 447 0.93 -19.60 -11.88
CA GLY C 447 0.34 -18.31 -12.18
C GLY C 447 -1.18 -18.26 -12.17
N PRO C 448 -1.78 -17.19 -12.78
CA PRO C 448 -1.10 -16.07 -13.44
C PRO C 448 0.04 -15.49 -12.60
N ASP C 449 1.07 -15.00 -13.28
CA ASP C 449 2.35 -14.73 -12.63
C ASP C 449 2.41 -13.61 -11.59
N HIS C 450 1.46 -12.68 -11.61
CA HIS C 450 1.37 -11.66 -10.56
C HIS C 450 0.87 -12.21 -9.22
N PHE C 451 0.34 -13.43 -9.21
CA PHE C 451 -0.08 -14.07 -7.97
C PHE C 451 1.17 -14.55 -7.25
N PRO C 452 1.22 -14.33 -5.93
CA PRO C 452 2.34 -14.79 -5.12
C PRO C 452 2.45 -16.30 -5.20
N PHE C 453 3.67 -16.79 -5.36
CA PHE C 453 3.91 -18.21 -5.52
C PHE C 453 5.02 -18.70 -4.60
N LEU C 454 4.68 -19.71 -3.79
CA LEU C 454 5.55 -20.17 -2.71
C LEU C 454 5.14 -21.57 -2.21
N GLY C 455 6.10 -22.30 -1.66
CA GLY C 455 5.81 -23.52 -0.90
C GLY C 455 6.23 -23.37 0.56
N VAL C 456 5.55 -24.08 1.45
CA VAL C 456 6.03 -24.24 2.82
C VAL C 456 6.59 -25.64 3.00
N LYS C 457 7.12 -25.90 4.20
CA LYS C 457 7.72 -27.17 4.53
C LYS C 457 8.84 -27.48 3.53
N LYS C 458 8.88 -28.65 2.92
CA LYS C 458 9.98 -28.93 1.99
C LYS C 458 9.69 -28.48 0.55
N SER C 459 8.55 -27.80 0.35
CA SER C 459 8.19 -27.29 -0.96
C SER C 459 8.92 -25.99 -1.30
N GLY C 460 9.43 -25.31 -0.27
CA GLY C 460 10.20 -24.12 -0.53
C GLY C 460 10.54 -23.25 0.65
N LEU C 461 11.02 -22.06 0.31
CA LEU C 461 11.49 -21.06 1.25
C LEU C 461 11.55 -19.74 0.49
N GLY C 462 11.06 -18.67 1.10
CA GLY C 462 10.89 -17.38 0.42
C GLY C 462 9.74 -17.39 -0.57
N VAL C 463 9.31 -16.20 -0.96
CA VAL C 463 8.18 -16.00 -1.88
C VAL C 463 8.61 -15.65 -3.32
N GLN C 464 7.75 -15.98 -4.29
CA GLN C 464 7.95 -15.62 -5.69
C GLN C 464 6.68 -14.98 -6.26
N GLY C 465 6.54 -14.98 -7.59
CA GLY C 465 5.51 -14.19 -8.26
C GLY C 465 6.12 -12.83 -8.58
N ILE C 466 5.60 -12.12 -9.58
CA ILE C 466 6.26 -10.87 -10.04
C ILE C 466 6.74 -9.93 -8.92
N LYS C 467 5.82 -9.40 -8.12
CA LYS C 467 6.17 -8.40 -7.12
C LYS C 467 6.99 -8.96 -5.95
N PRO C 468 6.54 -10.08 -5.34
CA PRO C 468 7.29 -10.62 -4.19
C PRO C 468 8.72 -11.00 -4.56
N SER C 469 8.92 -11.40 -5.82
CA SER C 469 10.25 -11.64 -6.35
C SER C 469 11.08 -10.35 -6.30
N LEU C 470 10.48 -9.25 -6.76
CA LEU C 470 11.14 -7.94 -6.75
C LEU C 470 11.64 -7.53 -5.38
N LEU C 471 10.86 -7.79 -4.35
CA LEU C 471 11.21 -7.42 -2.97
C LEU C 471 12.27 -8.31 -2.35
N SER C 472 12.38 -9.56 -2.81
CA SER C 472 13.35 -10.48 -2.22
C SER C 472 14.77 -10.16 -2.67
N MET C 473 14.87 -9.55 -3.85
CA MET C 473 16.15 -9.19 -4.44
C MET C 473 16.55 -7.74 -4.14
N THR C 474 15.90 -7.13 -3.15
CA THR C 474 16.28 -5.79 -2.66
C THR C 474 16.26 -5.78 -1.14
N ARG C 475 16.68 -4.65 -0.57
CA ARG C 475 16.71 -4.46 0.89
C ARG C 475 16.40 -2.99 1.24
N GLU C 476 15.89 -2.77 2.46
CA GLU C 476 15.56 -1.44 2.94
C GLU C 476 16.80 -0.55 3.10
N ARG C 477 16.77 0.61 2.46
CA ARG C 477 17.79 1.66 2.62
C ARG C 477 17.14 2.86 3.32
N VAL C 478 17.76 3.35 4.39
CA VAL C 478 17.09 4.31 5.27
C VAL C 478 17.96 5.53 5.61
N THR C 479 17.52 6.70 5.15
CA THR C 479 18.18 7.98 5.47
C THR C 479 17.31 8.78 6.45
N VAL C 480 17.86 9.10 7.62
CA VAL C 480 17.12 9.86 8.64
C VAL C 480 17.58 11.32 8.67
N LEU C 481 16.66 12.24 8.42
CA LEU C 481 16.99 13.68 8.48
C LEU C 481 16.44 14.31 9.76
N ASN C 482 17.20 15.25 10.32
CA ASN C 482 16.73 16.04 11.46
C ASN C 482 16.37 17.45 11.00
N LEU C 483 15.10 17.61 10.62
CA LEU C 483 14.55 18.84 10.05
C LEU C 483 14.87 20.10 10.88
N GLN D 9 -9.92 22.85 -45.00
CA GLN D 9 -8.95 21.71 -45.10
C GLN D 9 -9.31 20.52 -44.21
N PHE D 10 -9.95 20.77 -43.07
CA PHE D 10 -10.42 19.66 -42.23
C PHE D 10 -11.81 19.90 -41.68
N ASN D 11 -12.79 19.33 -42.38
CA ASN D 11 -14.18 19.44 -41.98
C ASN D 11 -14.58 18.23 -41.17
N ALA D 12 -14.18 18.28 -39.90
CA ALA D 12 -14.29 17.15 -38.99
C ALA D 12 -15.75 16.78 -38.71
N ASN D 13 -15.96 15.50 -38.46
CA ASN D 13 -17.22 14.99 -37.93
C ASN D 13 -17.05 14.67 -36.45
N ILE D 14 -18.11 14.22 -35.80
CA ILE D 14 -18.03 13.81 -34.40
C ILE D 14 -18.53 12.39 -34.19
N LEU D 15 -17.93 11.72 -33.22
CA LEU D 15 -18.24 10.33 -32.88
C LEU D 15 -19.38 10.24 -31.87
N ARG D 16 -20.51 9.71 -32.34
CA ARG D 16 -21.62 9.34 -31.47
C ARG D 16 -21.99 7.89 -31.71
N ASN D 17 -22.01 7.12 -30.62
CA ASN D 17 -22.39 5.71 -30.64
C ASN D 17 -21.72 4.86 -31.74
N GLY D 18 -20.40 5.00 -31.86
CA GLY D 18 -19.62 4.21 -32.82
C GLY D 18 -19.62 4.71 -34.26
N GLU D 19 -20.35 5.80 -34.52
CA GLU D 19 -20.45 6.33 -35.89
C GLU D 19 -19.98 7.79 -36.01
N TRP D 20 -19.10 8.04 -36.97
CA TRP D 20 -18.59 9.38 -37.30
C TRP D 20 -19.62 10.16 -38.12
N VAL D 21 -20.27 11.12 -37.48
CA VAL D 21 -21.46 11.77 -38.03
C VAL D 21 -21.42 13.30 -37.97
N GLU D 22 -22.44 13.91 -38.55
CA GLU D 22 -22.64 15.36 -38.53
C GLU D 22 -23.76 15.67 -37.55
N SER D 23 -24.07 16.96 -37.39
CA SER D 23 -25.26 17.37 -36.66
C SER D 23 -26.48 17.35 -37.59
N ARG D 24 -27.61 16.89 -37.07
CA ARG D 24 -28.90 16.94 -37.79
C ARG D 24 -29.33 18.39 -37.96
N THR D 25 -28.71 19.30 -37.21
CA THR D 25 -29.00 20.73 -37.29
C THR D 25 -28.42 21.35 -38.57
N GLY D 26 -27.41 20.69 -39.14
CA GLY D 26 -26.75 21.13 -40.37
C GLY D 26 -25.60 22.10 -40.18
N GLU D 27 -25.44 22.60 -38.95
CA GLU D 27 -24.55 23.74 -38.69
C GLU D 27 -23.13 23.38 -38.23
N ARG D 28 -22.16 24.14 -38.73
CA ARG D 28 -20.74 23.94 -38.47
C ARG D 28 -20.11 25.19 -37.86
N ILE D 29 -18.86 25.07 -37.40
CA ILE D 29 -18.11 26.21 -36.86
C ILE D 29 -16.71 26.18 -37.44
N SER D 30 -16.35 27.25 -38.14
CA SER D 30 -15.04 27.38 -38.78
C SER D 30 -13.90 27.67 -37.80
N ILE D 31 -12.79 26.98 -38.01
CA ILE D 31 -11.62 27.11 -37.15
C ILE D 31 -10.45 27.52 -38.03
N SER D 32 -9.96 28.74 -37.82
CA SER D 32 -8.81 29.26 -38.56
C SER D 32 -7.57 29.30 -37.66
N ALA D 33 -6.38 29.33 -38.27
CA ALA D 33 -5.13 29.35 -37.53
C ALA D 33 -4.83 30.71 -36.89
N PRO D 34 -4.55 30.74 -35.59
CA PRO D 34 -4.12 31.97 -34.93
C PRO D 34 -2.81 32.56 -35.47
N ALA D 35 -1.95 31.72 -36.05
CA ALA D 35 -0.66 32.20 -36.60
C ALA D 35 -0.89 33.18 -37.74
N SER D 36 -1.86 32.88 -38.58
CA SER D 36 -2.26 33.76 -39.66
C SER D 36 -3.74 34.10 -39.52
N GLY D 37 -4.57 33.13 -39.86
CA GLY D 37 -6.01 33.31 -39.99
C GLY D 37 -6.55 32.47 -41.13
N VAL D 38 -5.72 31.58 -41.67
CA VAL D 38 -6.11 30.65 -42.73
C VAL D 38 -6.97 29.54 -42.12
N ALA D 39 -7.98 29.09 -42.88
CA ALA D 39 -8.98 28.14 -42.40
C ALA D 39 -8.54 26.66 -42.39
N LEU D 40 -8.47 26.08 -41.19
CA LEU D 40 -8.11 24.67 -41.04
C LEU D 40 -9.28 23.74 -41.27
N GLY D 41 -10.48 24.16 -40.86
CA GLY D 41 -11.66 23.35 -41.07
C GLY D 41 -12.82 23.74 -40.19
N SER D 42 -13.71 22.79 -39.95
CA SER D 42 -14.93 23.06 -39.18
C SER D 42 -15.34 21.92 -38.21
N ILE D 43 -16.25 22.24 -37.29
CA ILE D 43 -16.77 21.25 -36.32
C ILE D 43 -18.29 21.35 -36.11
N PRO D 44 -18.97 20.20 -36.03
CA PRO D 44 -20.40 20.20 -35.74
C PRO D 44 -20.76 21.05 -34.51
N ALA D 45 -21.95 21.64 -34.56
CA ALA D 45 -22.51 22.33 -33.42
C ALA D 45 -23.75 21.55 -33.11
N LEU D 46 -23.78 20.93 -31.94
CA LEU D 46 -24.84 20.01 -31.59
C LEU D 46 -25.91 20.65 -30.71
N SER D 47 -27.14 20.15 -30.84
CA SER D 47 -28.27 20.62 -30.04
C SER D 47 -28.35 19.86 -28.71
N GLN D 48 -29.35 20.22 -27.90
CA GLN D 48 -29.62 19.51 -26.66
C GLN D 48 -30.19 18.10 -26.97
N GLU D 49 -30.56 17.89 -28.23
CA GLU D 49 -31.00 16.56 -28.66
C GLU D 49 -29.83 15.59 -28.80
N GLU D 50 -28.79 16.04 -29.48
CA GLU D 50 -27.64 15.20 -29.86
C GLU D 50 -26.69 14.97 -28.69
N VAL D 51 -26.78 15.85 -27.70
CA VAL D 51 -26.01 15.73 -26.46
C VAL D 51 -26.65 14.68 -25.57
N ASN D 52 -27.97 14.76 -25.40
CA ASN D 52 -28.70 13.80 -24.59
C ASN D 52 -28.63 12.41 -25.20
N ASP D 53 -28.57 12.37 -26.53
CA ASP D 53 -28.35 11.15 -27.28
C ASP D 53 -26.99 10.53 -26.94
N ALA D 54 -25.96 11.36 -26.94
CA ALA D 54 -24.62 10.93 -26.56
C ALA D 54 -24.58 10.39 -25.13
N ILE D 55 -25.14 11.15 -24.19
CA ILE D 55 -25.21 10.73 -22.78
C ILE D 55 -25.98 9.42 -22.63
N GLN D 56 -27.09 9.27 -23.35
CA GLN D 56 -27.83 8.01 -23.32
C GLN D 56 -27.00 6.87 -23.93
N GLY D 57 -26.38 7.15 -25.08
CA GLY D 57 -25.50 6.19 -25.74
C GLY D 57 -24.24 5.82 -24.98
N ALA D 58 -23.85 6.68 -24.03
CA ALA D 58 -22.68 6.43 -23.19
C ALA D 58 -23.09 5.68 -21.93
N LYS D 59 -24.22 6.07 -21.35
CA LYS D 59 -24.74 5.44 -20.14
C LYS D 59 -25.03 3.96 -20.38
N ASP D 60 -25.59 3.65 -21.55
CA ASP D 60 -25.96 2.27 -21.91
C ASP D 60 -24.77 1.41 -22.29
N ALA D 61 -23.77 1.99 -22.97
CA ALA D 61 -22.57 1.25 -23.39
C ALA D 61 -21.68 0.84 -22.22
N GLN D 62 -21.81 1.54 -21.09
CA GLN D 62 -20.95 1.29 -19.94
C GLN D 62 -21.37 0.05 -19.17
N LYS D 63 -22.57 -0.47 -19.46
CA LYS D 63 -23.08 -1.66 -18.78
C LYS D 63 -22.34 -2.89 -19.26
N ILE D 64 -21.93 -2.86 -20.53
CA ILE D 64 -21.17 -3.92 -21.17
C ILE D 64 -19.68 -3.63 -20.98
N TRP D 65 -19.30 -2.35 -21.09
CA TRP D 65 -17.92 -1.95 -20.91
C TRP D 65 -17.41 -2.25 -19.49
N LYS D 66 -18.24 -1.96 -18.49
CA LYS D 66 -17.86 -2.17 -17.09
C LYS D 66 -17.71 -3.64 -16.71
N ILE D 67 -18.32 -4.55 -17.49
CA ILE D 67 -18.20 -5.99 -17.25
C ILE D 67 -17.12 -6.64 -18.12
N ARG D 68 -16.40 -5.83 -18.90
CA ARG D 68 -15.30 -6.37 -19.71
C ARG D 68 -14.13 -6.76 -18.81
N PRO D 69 -13.38 -7.80 -19.21
CA PRO D 69 -12.15 -8.08 -18.49
C PRO D 69 -11.21 -6.86 -18.55
N ILE D 70 -10.69 -6.45 -17.39
CA ILE D 70 -9.83 -5.25 -17.30
C ILE D 70 -8.66 -5.29 -18.28
N HIS D 71 -8.19 -6.49 -18.59
CA HIS D 71 -7.09 -6.68 -19.54
C HIS D 71 -7.46 -6.26 -20.97
N GLU D 72 -8.74 -6.43 -21.34
CA GLU D 72 -9.21 -5.99 -22.65
C GLU D 72 -9.29 -4.47 -22.68
N ARG D 73 -9.63 -3.88 -21.53
CA ARG D 73 -9.76 -2.43 -21.45
C ARG D 73 -8.39 -1.78 -21.71
N VAL D 74 -7.36 -2.27 -21.02
CA VAL D 74 -6.00 -1.74 -21.14
C VAL D 74 -5.41 -1.88 -22.54
N ASP D 75 -5.79 -2.95 -23.24
CA ASP D 75 -5.30 -3.21 -24.59
C ASP D 75 -5.77 -2.13 -25.56
N LEU D 76 -7.02 -1.72 -25.41
CA LEU D 76 -7.55 -0.61 -26.19
C LEU D 76 -6.69 0.62 -26.01
N LEU D 77 -6.22 0.83 -24.77
CA LEU D 77 -5.36 1.97 -24.46
C LEU D 77 -3.97 1.82 -25.06
N TYR D 78 -3.40 0.63 -25.00
CA TYR D 78 -2.10 0.33 -25.60
CA TYR D 78 -2.09 0.39 -25.60
C TYR D 78 -2.16 0.55 -27.12
N ALA D 79 -3.23 0.01 -27.73
CA ALA D 79 -3.48 0.12 -29.18
C ALA D 79 -3.72 1.57 -29.62
N TRP D 80 -4.42 2.33 -28.78
CA TRP D 80 -4.70 3.74 -29.04
C TRP D 80 -3.44 4.61 -28.95
N ALA D 81 -2.60 4.39 -27.94
CA ALA D 81 -1.32 5.10 -27.79
C ALA D 81 -0.34 4.87 -28.94
N ASP D 82 -0.24 3.61 -29.37
CA ASP D 82 0.66 3.24 -30.43
C ASP D 82 0.25 4.00 -31.68
N LEU D 83 -1.02 3.84 -32.08
CA LEU D 83 -1.60 4.60 -33.18
C LEU D 83 -1.28 6.11 -33.14
N LEU D 84 -1.32 6.72 -31.95
CA LEU D 84 -0.98 8.13 -31.80
C LEU D 84 0.48 8.41 -32.06
N GLU D 85 1.34 7.49 -31.65
CA GLU D 85 2.78 7.62 -31.91
C GLU D 85 3.06 7.54 -33.40
N GLU D 86 2.44 6.58 -34.07
CA GLU D 86 2.53 6.47 -35.53
C GLU D 86 2.20 7.83 -36.15
N ARG D 87 1.19 8.48 -35.60
CA ARG D 87 0.65 9.72 -36.18
C ARG D 87 1.12 11.00 -35.48
N LYS D 88 2.31 10.99 -34.89
CA LYS D 88 2.86 12.21 -34.27
C LYS D 88 3.12 13.33 -35.31
N GLU D 89 3.40 12.96 -36.55
CA GLU D 89 3.65 13.93 -37.60
C GLU D 89 2.38 14.72 -37.96
N ILE D 90 1.35 14.01 -38.43
CA ILE D 90 0.10 14.62 -38.93
C ILE D 90 -0.70 15.30 -37.83
N ILE D 91 -0.71 14.68 -36.64
CA ILE D 91 -1.53 15.17 -35.54
C ILE D 91 -0.82 16.23 -34.69
N GLY D 92 0.45 15.99 -34.41
CA GLY D 92 1.29 16.99 -33.74
C GLY D 92 1.26 18.32 -34.45
N GLU D 93 1.29 18.29 -35.78
CA GLU D 93 1.28 19.49 -36.60
C GLU D 93 -0.10 20.16 -36.66
N LEU D 94 -1.15 19.35 -36.59
CA LEU D 94 -2.50 19.91 -36.46
C LEU D 94 -2.56 20.83 -35.22
N ILE D 95 -2.04 20.34 -34.09
CA ILE D 95 -1.91 21.15 -32.87
C ILE D 95 -1.28 22.53 -33.12
N MET D 96 -0.07 22.56 -33.69
CA MET D 96 0.66 23.82 -33.93
C MET D 96 -0.06 24.82 -34.86
N HIS D 97 -0.86 24.31 -35.79
CA HIS D 97 -1.66 25.21 -36.62
C HIS D 97 -2.89 25.65 -35.84
N GLU D 98 -3.46 24.74 -35.06
CA GLU D 98 -4.70 24.98 -34.35
C GLU D 98 -4.51 25.91 -33.16
N VAL D 99 -3.67 25.53 -32.20
CA VAL D 99 -3.41 26.40 -31.05
C VAL D 99 -2.11 27.23 -31.21
N ALA D 100 -1.50 27.18 -32.39
CA ALA D 100 -0.24 27.88 -32.70
C ALA D 100 0.94 27.54 -31.77
N LYS D 101 1.08 26.25 -31.44
CA LYS D 101 2.13 25.77 -30.52
C LYS D 101 3.37 25.42 -31.33
N PRO D 102 4.59 25.80 -30.85
CA PRO D 102 5.82 25.44 -31.59
C PRO D 102 5.80 24.00 -32.14
N LYS D 103 6.26 23.82 -33.38
CA LYS D 103 6.21 22.51 -34.05
C LYS D 103 6.76 21.35 -33.21
N LYS D 104 8.01 21.46 -32.78
CA LYS D 104 8.69 20.41 -31.99
C LYS D 104 7.98 20.12 -30.66
N SER D 105 7.51 21.17 -30.01
CA SER D 105 6.77 21.07 -28.76
C SER D 105 5.40 20.41 -28.99
N ALA D 106 4.77 20.75 -30.11
CA ALA D 106 3.49 20.19 -30.52
C ALA D 106 3.57 18.68 -30.79
N ILE D 107 4.47 18.26 -31.68
CA ILE D 107 4.70 16.83 -31.90
C ILE D 107 5.00 16.17 -30.57
N GLY D 108 5.86 16.81 -29.78
CA GLY D 108 6.17 16.38 -28.41
C GLY D 108 4.96 16.24 -27.50
N GLU D 109 3.92 17.05 -27.73
CA GLU D 109 2.65 16.88 -27.02
C GLU D 109 2.02 15.52 -27.30
N VAL D 110 2.00 15.14 -28.58
CA VAL D 110 1.41 13.89 -29.04
C VAL D 110 2.23 12.74 -28.50
N SER D 111 3.53 12.96 -28.33
CA SER D 111 4.45 11.98 -27.76
C SER D 111 4.10 11.67 -26.30
N ARG D 112 3.94 12.73 -25.51
CA ARG D 112 3.76 12.65 -24.06
C ARG D 112 2.43 11.96 -23.71
N THR D 113 1.45 12.14 -24.59
CA THR D 113 0.13 11.59 -24.38
C THR D 113 0.09 10.06 -24.48
N ALA D 114 0.74 9.52 -25.50
CA ALA D 114 0.87 8.06 -25.64
C ALA D 114 1.49 7.44 -24.37
N ASP D 115 2.59 8.05 -23.91
CA ASP D 115 3.23 7.70 -22.65
C ASP D 115 2.23 7.75 -21.51
N ILE D 116 1.52 8.87 -21.40
CA ILE D 116 0.50 9.02 -20.38
C ILE D 116 -0.53 7.89 -20.45
N ILE D 117 -1.02 7.60 -21.65
CA ILE D 117 -2.01 6.55 -21.84
C ILE D 117 -1.46 5.18 -21.43
N ARG D 118 -0.24 4.85 -21.88
CA ARG D 118 0.35 3.55 -21.58
C ARG D 118 0.65 3.40 -20.08
N HIS D 119 1.10 4.48 -19.46
CA HIS D 119 1.38 4.48 -18.03
C HIS D 119 0.11 4.42 -17.21
N THR D 120 -0.96 5.01 -17.73
CA THR D 120 -2.30 4.96 -17.14
C THR D 120 -2.78 3.52 -17.17
N ALA D 121 -2.65 2.89 -18.34
CA ALA D 121 -2.96 1.48 -18.53
C ALA D 121 -2.21 0.61 -17.53
N ASP D 122 -0.89 0.80 -17.48
CA ASP D 122 -0.05 -0.01 -16.60
C ASP D 122 -0.51 0.07 -15.13
N GLU D 123 -0.92 1.26 -14.69
CA GLU D 123 -1.34 1.46 -13.30
C GLU D 123 -2.69 0.82 -13.03
N ALA D 124 -3.52 0.74 -14.08
CA ALA D 124 -4.84 0.15 -13.96
C ALA D 124 -4.76 -1.31 -13.56
N LEU D 125 -3.81 -2.03 -14.15
CA LEU D 125 -3.54 -3.43 -13.82
C LEU D 125 -3.05 -3.67 -12.36
N ARG D 126 -2.46 -2.67 -11.73
CA ARG D 126 -2.00 -2.82 -10.34
C ARG D 126 -3.00 -2.30 -9.34
N LEU D 127 -4.24 -2.08 -9.78
CA LEU D 127 -5.24 -1.61 -8.87
C LEU D 127 -5.84 -2.77 -8.09
N ASN D 128 -5.11 -3.15 -7.04
CA ASN D 128 -5.47 -4.30 -6.21
C ASN D 128 -6.65 -3.98 -5.32
N GLY D 129 -7.26 -5.03 -4.78
CA GLY D 129 -8.28 -4.88 -3.76
C GLY D 129 -7.66 -5.03 -2.38
N GLU D 130 -8.49 -4.91 -1.37
CA GLU D 130 -8.05 -5.04 0.01
C GLU D 130 -9.04 -5.93 0.75
N THR D 131 -8.58 -6.65 1.78
CA THR D 131 -9.52 -7.39 2.64
C THR D 131 -9.43 -7.02 4.11
N LEU D 132 -10.59 -6.98 4.75
CA LEU D 132 -10.68 -6.56 6.14
C LEU D 132 -11.47 -7.57 6.92
N LYS D 133 -10.93 -7.97 8.08
CA LYS D 133 -11.66 -8.84 8.99
C LYS D 133 -12.35 -7.95 10.00
N GLY D 134 -13.53 -8.36 10.45
CA GLY D 134 -14.37 -7.51 11.27
C GLY D 134 -13.82 -7.15 12.63
N ASP D 135 -13.09 -8.08 13.25
CA ASP D 135 -12.56 -7.85 14.60
C ASP D 135 -11.22 -7.08 14.63
N GLN D 136 -10.81 -6.57 13.46
CA GLN D 136 -9.74 -5.58 13.36
C GLN D 136 -10.17 -4.26 14.02
N PHE D 137 -11.43 -4.19 14.45
CA PHE D 137 -11.98 -3.02 15.16
C PHE D 137 -12.67 -3.53 16.41
N LYS D 138 -12.66 -2.76 17.48
CA LYS D 138 -13.17 -3.22 18.79
C LYS D 138 -14.59 -3.77 18.73
N GLY D 139 -14.75 -5.01 19.21
CA GLY D 139 -16.05 -5.69 19.27
C GLY D 139 -16.61 -6.14 17.92
N GLY D 140 -15.80 -6.03 16.87
CA GLY D 140 -16.19 -6.45 15.53
C GLY D 140 -16.13 -7.95 15.35
N SER D 141 -16.68 -8.42 14.23
CA SER D 141 -16.85 -9.86 14.06
C SER D 141 -15.72 -10.57 13.32
N SER D 142 -15.12 -11.51 14.04
CA SER D 142 -14.13 -12.42 13.50
C SER D 142 -14.61 -13.15 12.23
N LYS D 143 -15.92 -13.35 12.11
CA LYS D 143 -16.49 -14.14 11.01
C LYS D 143 -17.08 -13.30 9.86
N LYS D 144 -16.61 -12.05 9.75
CA LYS D 144 -16.94 -11.17 8.63
C LYS D 144 -15.68 -10.72 7.92
N ILE D 145 -15.70 -10.78 6.58
CA ILE D 145 -14.61 -10.25 5.77
C ILE D 145 -15.16 -9.33 4.67
N ALA D 146 -14.64 -8.10 4.62
CA ALA D 146 -15.01 -7.20 3.56
C ALA D 146 -14.04 -7.39 2.41
N LEU D 147 -14.59 -7.71 1.25
CA LEU D 147 -13.83 -7.63 0.00
C LEU D 147 -14.04 -6.24 -0.51
N VAL D 148 -13.01 -5.42 -0.41
CA VAL D 148 -13.08 -4.07 -0.92
C VAL D 148 -12.42 -4.04 -2.30
N GLU D 149 -13.05 -3.36 -3.25
CA GLU D 149 -12.57 -3.26 -4.63
C GLU D 149 -12.88 -1.85 -5.12
N ARG D 150 -12.45 -1.53 -6.34
CA ARG D 150 -12.85 -0.27 -6.95
C ARG D 150 -13.95 -0.52 -7.98
N GLU D 151 -14.77 0.50 -8.22
CA GLU D 151 -15.87 0.41 -9.16
C GLU D 151 -15.91 1.70 -9.97
N PRO D 152 -16.19 1.60 -11.28
CA PRO D 152 -16.40 2.82 -12.06
C PRO D 152 -17.61 3.62 -11.61
N LEU D 153 -17.51 4.93 -11.75
CA LEU D 153 -18.57 5.86 -11.38
C LEU D 153 -19.70 5.92 -12.42
N GLY D 154 -19.36 5.80 -13.71
CA GLY D 154 -20.37 5.70 -14.76
C GLY D 154 -20.03 6.43 -16.03
N VAL D 155 -20.67 7.57 -16.25
CA VAL D 155 -20.36 8.42 -17.38
C VAL D 155 -19.58 9.64 -16.90
N VAL D 156 -18.41 9.81 -17.49
CA VAL D 156 -17.53 10.92 -17.17
C VAL D 156 -17.63 12.01 -18.23
N LEU D 157 -17.84 13.23 -17.78
CA LEU D 157 -17.74 14.39 -18.64
C LEU D 157 -16.32 14.91 -18.58
N ALA D 158 -15.65 14.90 -19.73
CA ALA D 158 -14.30 15.39 -19.79
C ALA D 158 -14.25 16.66 -20.63
N ILE D 159 -13.95 17.75 -19.97
CA ILE D 159 -13.84 19.04 -20.62
C ILE D 159 -12.37 19.48 -20.57
N SER D 160 -11.87 19.96 -21.69
CA SER D 160 -10.45 20.26 -21.83
C SER D 160 -10.23 21.62 -22.54
N PRO D 161 -9.07 22.24 -22.33
CA PRO D 161 -8.83 23.56 -22.85
C PRO D 161 -8.06 23.52 -24.19
N PHE D 162 -7.79 24.68 -24.76
CA PHE D 162 -7.02 24.79 -26.00
C PHE D 162 -5.53 24.59 -25.69
N ASN D 163 -5.14 24.94 -24.48
CA ASN D 163 -3.82 24.72 -23.89
C ASN D 163 -3.08 23.48 -24.37
N TYR D 164 -3.58 22.32 -23.98
CA TYR D 164 -3.04 21.05 -24.40
C TYR D 164 -4.21 20.26 -24.96
N PRO D 165 -4.46 20.44 -26.27
CA PRO D 165 -5.59 19.91 -27.01
C PRO D 165 -5.72 18.42 -26.88
N VAL D 166 -4.58 17.75 -26.86
CA VAL D 166 -4.48 16.30 -26.97
C VAL D 166 -4.05 15.73 -25.64
N ASN D 167 -2.96 16.31 -25.12
CA ASN D 167 -2.39 15.92 -23.85
C ASN D 167 -3.44 15.92 -22.77
N LEU D 168 -4.05 17.08 -22.53
CA LEU D 168 -4.94 17.27 -21.37
C LEU D 168 -6.33 16.64 -21.53
N ALA D 169 -6.63 16.25 -22.77
CA ALA D 169 -7.86 15.54 -23.09
C ALA D 169 -7.68 14.07 -22.74
N ALA D 170 -6.71 13.43 -23.39
CA ALA D 170 -6.43 12.02 -23.13
C ALA D 170 -6.00 11.75 -21.69
N ALA D 171 -5.61 12.79 -20.97
CA ALA D 171 -5.21 12.62 -19.56
C ALA D 171 -6.43 12.39 -18.68
N LYS D 172 -7.60 12.75 -19.18
CA LYS D 172 -8.85 12.59 -18.46
C LYS D 172 -9.53 11.33 -18.96
N ILE D 173 -9.54 11.19 -20.28
CA ILE D 173 -10.14 10.07 -20.99
C ILE D 173 -9.55 8.70 -20.66
N ALA D 174 -8.23 8.59 -20.64
CA ALA D 174 -7.60 7.27 -20.48
C ALA D 174 -7.87 6.65 -19.13
N PRO D 175 -7.74 7.41 -18.03
CA PRO D 175 -8.01 6.75 -16.74
C PRO D 175 -9.47 6.38 -16.58
N ALA D 176 -10.32 7.05 -17.37
CA ALA D 176 -11.75 6.97 -17.19
C ALA D 176 -12.24 5.70 -17.82
N LEU D 177 -11.74 5.45 -19.03
CA LEU D 177 -12.12 4.32 -19.85
C LEU D 177 -11.53 3.05 -19.30
N VAL D 178 -10.29 3.12 -18.88
CA VAL D 178 -9.63 1.92 -18.39
C VAL D 178 -10.30 1.34 -17.16
N THR D 179 -10.80 2.21 -16.28
CA THR D 179 -11.47 1.75 -15.07
C THR D 179 -12.92 1.39 -15.36
N GLY D 180 -13.35 1.65 -16.60
CA GLY D 180 -14.65 1.18 -17.07
C GLY D 180 -15.81 2.15 -16.90
N ASN D 181 -15.49 3.44 -16.97
CA ASN D 181 -16.50 4.44 -17.22
C ASN D 181 -16.55 4.59 -18.74
N THR D 182 -17.63 5.19 -19.24
CA THR D 182 -17.68 5.67 -20.61
C THR D 182 -17.45 7.16 -20.51
N VAL D 183 -17.24 7.82 -21.65
CA VAL D 183 -16.89 9.23 -21.66
C VAL D 183 -17.68 10.05 -22.66
N VAL D 184 -18.17 11.18 -22.19
CA VAL D 184 -18.67 12.24 -23.04
C VAL D 184 -17.60 13.31 -22.94
N PHE D 185 -17.10 13.70 -24.09
CA PHE D 185 -15.91 14.52 -24.19
C PHE D 185 -16.20 15.81 -24.91
N LYS D 186 -15.89 16.92 -24.25
CA LYS D 186 -16.09 18.28 -24.77
C LYS D 186 -14.76 19.02 -24.88
N PRO D 187 -14.17 19.02 -26.10
CA PRO D 187 -12.90 19.73 -26.30
C PRO D 187 -13.15 21.23 -26.33
N ALA D 188 -12.08 22.01 -26.24
CA ALA D 188 -12.23 23.43 -26.50
C ALA D 188 -12.43 23.62 -28.00
N THR D 189 -13.44 24.40 -28.36
CA THR D 189 -13.79 24.64 -29.77
C THR D 189 -12.56 24.90 -30.63
N GLN D 190 -11.70 25.80 -30.17
CA GLN D 190 -10.36 25.93 -30.72
C GLN D 190 -9.54 24.84 -30.01
N GLY D 191 -9.08 23.86 -30.78
CA GLY D 191 -8.38 22.72 -30.22
C GLY D 191 -9.22 21.47 -30.41
N SER D 192 -10.47 21.67 -30.83
CA SER D 192 -11.38 20.58 -31.13
C SER D 192 -10.89 19.69 -32.28
N LEU D 193 -10.54 20.28 -33.44
CA LEU D 193 -10.05 19.50 -34.59
C LEU D 193 -8.86 18.65 -34.21
N SER D 194 -8.21 19.06 -33.12
CA SER D 194 -7.03 18.42 -32.62
C SER D 194 -7.45 17.23 -31.78
N GLY D 195 -8.36 17.47 -30.82
CA GLY D 195 -8.92 16.42 -30.00
C GLY D 195 -9.67 15.39 -30.82
N ILE D 196 -10.36 15.83 -31.86
CA ILE D 196 -11.13 14.92 -32.70
C ILE D 196 -10.20 13.88 -33.34
N LYS D 197 -9.14 14.34 -34.01
CA LYS D 197 -8.15 13.44 -34.57
C LYS D 197 -7.62 12.45 -33.54
N MET D 198 -7.40 12.95 -32.32
CA MET D 198 -6.92 12.16 -31.18
C MET D 198 -7.87 11.00 -30.91
N VAL D 199 -9.17 11.30 -31.01
CA VAL D 199 -10.26 10.33 -30.91
C VAL D 199 -10.31 9.39 -32.13
N GLU D 200 -10.27 9.94 -33.35
CA GLU D 200 -10.19 9.09 -34.56
C GLU D 200 -9.31 7.86 -34.34
N ALA D 201 -8.18 8.06 -33.65
CA ALA D 201 -7.27 6.99 -33.26
C ALA D 201 -7.91 6.00 -32.31
N LEU D 202 -8.47 6.47 -31.19
CA LEU D 202 -9.13 5.59 -30.21
C LEU D 202 -10.18 4.70 -30.89
N ALA D 203 -10.89 5.26 -31.87
CA ALA D 203 -11.91 4.53 -32.63
C ALA D 203 -11.28 3.54 -33.62
N ASP D 204 -10.13 3.94 -34.18
CA ASP D 204 -9.37 3.09 -35.07
C ASP D 204 -8.76 1.91 -34.32
N ALA D 205 -8.37 2.14 -33.06
CA ALA D 205 -7.80 1.11 -32.19
C ALA D 205 -8.85 0.06 -31.83
N GLY D 206 -10.13 0.43 -32.00
CA GLY D 206 -11.21 -0.53 -31.96
C GLY D 206 -12.30 -0.27 -30.93
N ALA D 207 -12.26 0.89 -30.29
CA ALA D 207 -13.23 1.27 -29.24
C ALA D 207 -14.65 0.78 -29.50
N PRO D 208 -15.24 0.06 -28.51
CA PRO D 208 -16.64 -0.39 -28.58
C PRO D 208 -17.59 0.79 -28.76
N GLU D 209 -18.76 0.54 -29.33
CA GLU D 209 -19.70 1.60 -29.67
C GLU D 209 -20.27 2.31 -28.45
N GLY D 210 -20.01 3.61 -28.36
CA GLY D 210 -20.64 4.45 -27.34
C GLY D 210 -19.80 4.77 -26.11
N ILE D 211 -18.71 4.02 -25.90
CA ILE D 211 -17.83 4.24 -24.75
C ILE D 211 -17.12 5.61 -24.79
N ILE D 212 -16.94 6.16 -25.98
CA ILE D 212 -16.39 7.51 -26.13
C ILE D 212 -17.30 8.36 -27.03
N GLN D 213 -17.94 9.34 -26.42
CA GLN D 213 -18.81 10.25 -27.15
C GLN D 213 -18.15 11.61 -27.25
N VAL D 214 -18.08 12.14 -28.48
CA VAL D 214 -17.47 13.44 -28.74
C VAL D 214 -18.53 14.49 -29.03
N VAL D 215 -18.63 15.47 -28.13
CA VAL D 215 -19.58 16.56 -28.29
C VAL D 215 -18.86 17.87 -28.62
N THR D 216 -19.44 18.63 -29.52
CA THR D 216 -18.83 19.86 -30.00
C THR D 216 -19.91 20.91 -30.24
N GLY D 217 -19.55 22.15 -29.96
CA GLY D 217 -20.47 23.27 -30.02
C GLY D 217 -19.88 24.43 -29.23
N ARG D 218 -20.58 25.56 -29.23
CA ARG D 218 -20.02 26.83 -28.77
C ARG D 218 -19.58 26.91 -27.31
N GLY D 219 -19.97 25.93 -26.49
CA GLY D 219 -19.54 25.90 -25.09
C GLY D 219 -20.30 26.87 -24.22
N SER D 220 -20.37 28.13 -24.66
CA SER D 220 -21.15 29.16 -24.00
C SER D 220 -22.65 28.94 -24.28
N VAL D 221 -22.94 28.11 -25.29
CA VAL D 221 -24.31 27.82 -25.71
C VAL D 221 -24.83 26.48 -25.16
N ILE D 222 -23.99 25.45 -25.23
CA ILE D 222 -24.39 24.08 -24.89
C ILE D 222 -23.76 23.52 -23.60
N GLY D 223 -22.85 24.28 -23.00
CA GLY D 223 -22.08 23.81 -21.86
C GLY D 223 -22.82 23.60 -20.56
N ASP D 224 -23.83 24.43 -20.30
CA ASP D 224 -24.60 24.37 -19.04
C ASP D 224 -25.58 23.20 -19.00
N HIS D 225 -26.14 22.85 -20.16
CA HIS D 225 -26.99 21.67 -20.27
C HIS D 225 -26.16 20.43 -19.94
N LEU D 226 -25.03 20.29 -20.63
CA LEU D 226 -24.01 19.29 -20.31
C LEU D 226 -23.67 19.16 -18.82
N VAL D 227 -23.24 20.27 -18.22
CA VAL D 227 -22.82 20.29 -16.81
C VAL D 227 -23.89 19.78 -15.84
N GLU D 228 -25.14 20.21 -16.05
CA GLU D 228 -26.26 19.89 -15.15
C GLU D 228 -27.03 18.61 -15.52
N HIS D 229 -26.65 17.94 -16.59
CA HIS D 229 -27.41 16.81 -17.08
C HIS D 229 -27.32 15.57 -16.21
N PRO D 230 -28.46 15.07 -15.76
CA PRO D 230 -28.50 14.06 -14.70
C PRO D 230 -27.85 12.71 -15.11
N GLY D 231 -27.49 12.58 -16.38
CA GLY D 231 -26.84 11.38 -16.91
C GLY D 231 -25.32 11.37 -16.73
N ILE D 232 -24.76 12.52 -16.37
CA ILE D 232 -23.34 12.64 -16.07
C ILE D 232 -23.09 12.25 -14.62
N ASP D 233 -22.05 11.44 -14.40
CA ASP D 233 -21.75 10.90 -13.08
C ASP D 233 -20.55 11.58 -12.41
N MET D 234 -19.73 12.23 -13.23
CA MET D 234 -18.46 12.84 -12.79
C MET D 234 -17.92 13.85 -13.79
N ILE D 235 -17.48 15.01 -13.29
CA ILE D 235 -16.90 16.06 -14.16
C ILE D 235 -15.41 16.20 -13.93
N THR D 236 -14.63 16.21 -15.01
CA THR D 236 -13.25 16.65 -14.94
C THR D 236 -12.94 17.75 -15.96
N PHE D 237 -12.47 18.86 -15.43
CA PHE D 237 -12.35 20.08 -16.19
C PHE D 237 -11.00 20.70 -15.99
N THR D 238 -10.42 21.17 -17.10
CA THR D 238 -9.29 22.07 -17.07
C THR D 238 -9.60 23.23 -18.01
N GLY D 239 -9.57 24.44 -17.47
CA GLY D 239 -9.75 25.64 -18.27
C GLY D 239 -9.62 26.90 -17.46
N GLY D 240 -10.23 27.97 -17.97
CA GLY D 240 -10.25 29.26 -17.29
C GLY D 240 -10.91 29.16 -15.93
N THR D 241 -10.45 30.00 -15.00
CA THR D 241 -10.91 29.96 -13.61
C THR D 241 -12.38 30.41 -13.45
N THR D 242 -12.82 31.34 -14.29
CA THR D 242 -14.22 31.75 -14.36
C THR D 242 -15.16 30.57 -14.64
N THR D 243 -14.88 29.84 -15.72
CA THR D 243 -15.71 28.69 -16.13
C THR D 243 -15.67 27.55 -15.11
N GLY D 244 -14.55 27.40 -14.42
CA GLY D 244 -14.41 26.43 -13.34
C GLY D 244 -15.45 26.74 -12.30
N GLU D 245 -15.43 27.97 -11.81
CA GLU D 245 -16.44 28.47 -10.89
C GLU D 245 -17.88 28.13 -11.30
N ARG D 246 -18.23 28.44 -12.55
CA ARG D 246 -19.54 28.09 -13.13
C ARG D 246 -19.87 26.62 -12.83
N ILE D 247 -19.00 25.74 -13.32
CA ILE D 247 -19.16 24.28 -13.23
C ILE D 247 -19.40 23.78 -11.80
N SER D 248 -18.52 24.13 -10.88
CA SER D 248 -18.63 23.72 -9.47
C SER D 248 -19.98 24.11 -8.90
N GLU D 249 -20.48 25.27 -9.30
CA GLU D 249 -21.72 25.82 -8.77
C GLU D 249 -22.95 25.24 -9.46
N LYS D 250 -22.84 24.94 -10.76
CA LYS D 250 -23.97 24.40 -11.54
C LYS D 250 -24.12 22.87 -11.48
N ALA D 251 -23.01 22.17 -11.29
CA ALA D 251 -23.05 20.75 -10.97
C ALA D 251 -23.51 20.58 -9.52
N LYS D 252 -24.03 19.40 -9.20
CA LYS D 252 -24.18 18.94 -7.80
C LYS D 252 -24.40 17.42 -7.73
N MET D 253 -24.11 16.86 -6.56
CA MET D 253 -24.29 15.44 -6.24
C MET D 253 -23.42 14.49 -7.09
N ILE D 254 -22.33 15.02 -7.65
CA ILE D 254 -21.33 14.19 -8.34
C ILE D 254 -19.91 14.60 -7.96
N PRO D 255 -18.92 13.70 -8.16
CA PRO D 255 -17.53 14.15 -7.99
C PRO D 255 -17.19 15.20 -9.04
N VAL D 256 -16.44 16.22 -8.65
CA VAL D 256 -16.00 17.26 -9.59
C VAL D 256 -14.52 17.57 -9.46
N VAL D 257 -13.81 17.39 -10.55
CA VAL D 257 -12.42 17.67 -10.61
C VAL D 257 -12.16 18.80 -11.52
N LEU D 258 -11.50 19.82 -11.01
CA LEU D 258 -11.23 21.03 -11.70
C LEU D 258 -9.79 21.37 -11.65
N GLU D 259 -9.23 21.69 -12.77
CA GLU D 259 -7.90 22.22 -12.78
C GLU D 259 -7.94 23.55 -13.45
N LEU D 260 -7.57 24.56 -12.69
CA LEU D 260 -7.76 25.92 -13.06
C LEU D 260 -6.48 26.70 -13.02
N GLY D 261 -6.56 28.00 -13.18
CA GLY D 261 -5.39 28.83 -13.33
C GLY D 261 -4.37 28.96 -12.21
N GLY D 262 -3.26 29.62 -12.52
CA GLY D 262 -2.22 29.78 -11.52
C GLY D 262 -1.48 31.09 -11.63
N LYS D 263 -1.07 31.61 -10.48
CA LYS D 263 -0.08 32.67 -10.44
C LYS D 263 1.16 32.12 -9.69
N ASP D 264 1.84 31.15 -10.30
CA ASP D 264 3.00 30.48 -9.69
C ASP D 264 4.14 31.45 -9.39
N PRO D 265 4.52 31.55 -8.11
CA PRO D 265 5.62 32.41 -7.69
C PRO D 265 6.98 31.70 -7.71
N ALA D 266 8.02 32.46 -8.02
CA ALA D 266 9.40 32.03 -7.82
C ALA D 266 10.02 32.88 -6.74
N ILE D 267 10.58 32.26 -5.71
CA ILE D 267 11.23 33.02 -4.64
C ILE D 267 12.74 32.80 -4.73
N VAL D 268 13.47 33.89 -4.91
CA VAL D 268 14.91 33.82 -5.10
C VAL D 268 15.62 34.50 -3.95
N LEU D 269 16.36 33.70 -3.18
CA LEU D 269 17.13 34.24 -2.06
C LEU D 269 18.52 34.73 -2.48
N ASP D 270 19.26 35.30 -1.53
CA ASP D 270 20.63 35.78 -1.74
C ASP D 270 21.58 34.63 -2.07
N ASP D 271 21.52 33.57 -1.25
CA ASP D 271 22.41 32.42 -1.38
C ASP D 271 21.94 31.46 -2.48
N ALA D 272 21.66 32.00 -3.66
CA ALA D 272 21.15 31.19 -4.77
C ALA D 272 22.08 31.21 -5.98
N ASP D 273 22.06 30.12 -6.74
CA ASP D 273 22.76 30.04 -8.02
C ASP D 273 21.99 30.89 -9.02
N LEU D 274 22.51 32.08 -9.31
CA LEU D 274 21.75 33.04 -10.09
C LEU D 274 21.64 32.70 -11.59
N LYS D 275 22.50 31.79 -12.07
CA LYS D 275 22.44 31.35 -13.46
C LYS D 275 21.35 30.30 -13.63
N LEU D 276 21.38 29.27 -12.80
CA LEU D 276 20.37 28.20 -12.80
C LEU D 276 18.99 28.79 -12.58
N THR D 277 18.86 29.59 -11.52
CA THR D 277 17.62 30.29 -11.18
C THR D 277 17.05 31.07 -12.36
N ALA D 278 17.89 31.87 -13.01
CA ALA D 278 17.45 32.66 -14.16
C ALA D 278 16.98 31.78 -15.31
N SER D 279 17.73 30.71 -15.56
CA SER D 279 17.46 29.80 -16.67
C SER D 279 16.16 29.03 -16.47
N GLN D 280 15.88 28.65 -15.22
CA GLN D 280 14.66 27.95 -14.87
C GLN D 280 13.43 28.83 -15.13
N ILE D 281 13.51 30.09 -14.71
CA ILE D 281 12.44 31.07 -14.86
C ILE D 281 12.07 31.28 -16.33
N VAL D 282 13.08 31.55 -17.16
CA VAL D 282 12.84 31.83 -18.57
C VAL D 282 12.32 30.59 -19.31
N SER D 283 12.77 29.42 -18.86
CA SER D 283 12.25 28.14 -19.35
C SER D 283 10.76 27.97 -18.99
N GLY D 284 10.41 28.32 -17.76
CA GLY D 284 9.08 28.05 -17.21
C GLY D 284 7.99 29.09 -17.37
N ALA D 285 8.38 30.36 -17.48
CA ALA D 285 7.42 31.45 -17.66
C ALA D 285 7.06 31.63 -19.13
N PHE D 286 8.05 31.50 -20.02
CA PHE D 286 7.90 31.82 -21.44
C PHE D 286 7.64 30.65 -22.36
N SER D 287 7.62 29.44 -21.79
CA SER D 287 7.21 28.24 -22.51
C SER D 287 5.78 28.42 -23.01
N TYR D 288 5.56 28.07 -24.28
CA TYR D 288 4.30 28.29 -24.98
C TYR D 288 3.73 29.69 -24.69
N SER D 289 4.63 30.66 -24.70
CA SER D 289 4.29 32.07 -24.46
C SER D 289 3.56 32.31 -23.14
N GLY D 290 3.82 31.47 -22.15
CA GLY D 290 3.20 31.58 -20.82
C GLY D 290 1.74 31.20 -20.78
N GLN D 291 1.27 30.57 -21.86
CA GLN D 291 -0.12 30.17 -21.99
C GLN D 291 -0.36 28.82 -21.33
N ARG D 292 0.28 28.64 -20.19
CA ARG D 292 0.20 27.42 -19.42
C ARG D 292 -0.36 27.77 -18.06
N CYS D 293 -1.05 26.81 -17.45
CA CYS D 293 -1.58 26.98 -16.10
C CYS D 293 -0.44 26.89 -15.11
N THR D 294 0.42 25.87 -15.28
CA THR D 294 1.59 25.70 -14.44
C THR D 294 2.76 26.41 -15.12
N ALA D 295 3.13 27.55 -14.55
CA ALA D 295 4.13 28.42 -15.11
C ALA D 295 4.45 29.45 -14.07
N ILE D 296 5.75 29.73 -13.95
CA ILE D 296 6.23 30.81 -13.13
C ILE D 296 5.71 32.13 -13.72
N LYS D 297 4.85 32.80 -12.95
CA LYS D 297 4.19 34.00 -13.46
C LYS D 297 4.61 35.29 -12.75
N ARG D 298 5.37 35.16 -11.66
CA ARG D 298 5.83 36.29 -10.87
C ARG D 298 7.06 35.90 -10.05
N VAL D 299 8.08 36.76 -10.04
CA VAL D 299 9.29 36.43 -9.31
C VAL D 299 9.47 37.36 -8.13
N PHE D 300 9.61 36.79 -6.93
CA PHE D 300 9.97 37.56 -5.75
C PHE D 300 11.45 37.37 -5.50
N VAL D 301 12.22 38.41 -5.83
CA VAL D 301 13.67 38.36 -5.71
C VAL D 301 14.15 39.23 -4.54
N GLN D 302 15.11 38.72 -3.78
CA GLN D 302 15.73 39.50 -2.72
C GLN D 302 16.56 40.59 -3.41
N ASP D 303 16.50 41.80 -2.87
CA ASP D 303 17.10 42.96 -3.55
C ASP D 303 18.62 42.98 -3.49
N SER D 304 19.20 42.21 -2.58
CA SER D 304 20.66 42.07 -2.54
C SER D 304 21.19 41.40 -3.82
N VAL D 305 20.37 40.56 -4.44
CA VAL D 305 20.72 39.93 -5.72
C VAL D 305 19.81 40.35 -6.88
N ALA D 306 18.86 41.26 -6.61
CA ALA D 306 17.88 41.69 -7.60
C ALA D 306 18.53 42.19 -8.88
N ASP D 307 19.54 43.05 -8.73
CA ASP D 307 20.33 43.59 -9.84
C ASP D 307 20.94 42.46 -10.67
N GLN D 308 21.47 41.46 -9.98
CA GLN D 308 22.15 40.35 -10.63
C GLN D 308 21.16 39.38 -11.30
N LEU D 309 20.04 39.09 -10.63
CA LEU D 309 19.05 38.18 -11.21
C LEU D 309 18.38 38.82 -12.42
N VAL D 310 17.97 40.08 -12.29
CA VAL D 310 17.26 40.77 -13.35
C VAL D 310 18.09 40.82 -14.63
N ALA D 311 19.40 41.02 -14.46
CA ALA D 311 20.36 41.05 -15.56
C ALA D 311 20.45 39.70 -16.27
N ASN D 312 20.65 38.63 -15.49
CA ASN D 312 20.69 37.28 -16.04
C ASN D 312 19.45 37.02 -16.90
N ILE D 313 18.28 37.35 -16.35
CA ILE D 313 17.01 37.12 -17.01
C ILE D 313 16.81 38.01 -18.24
N LYS D 314 17.25 39.26 -18.16
CA LYS D 314 17.14 40.17 -19.29
C LYS D 314 17.87 39.62 -20.51
N GLU D 315 19.00 38.96 -20.26
CA GLU D 315 19.86 38.39 -21.29
C GLU D 315 19.19 37.23 -22.03
N LEU D 316 18.73 36.22 -21.28
CA LEU D 316 18.13 35.01 -21.87
C LEU D 316 16.85 35.31 -22.64
N VAL D 317 16.03 36.21 -22.11
CA VAL D 317 14.79 36.63 -22.75
C VAL D 317 15.06 37.23 -24.13
N GLU D 318 16.08 38.09 -24.21
CA GLU D 318 16.52 38.66 -25.48
C GLU D 318 16.97 37.60 -26.50
N GLN D 319 17.31 36.41 -26.01
CA GLN D 319 17.77 35.33 -26.88
C GLN D 319 16.63 34.46 -27.43
N LEU D 320 15.41 34.70 -26.95
CA LEU D 320 14.22 33.98 -27.42
C LEU D 320 13.82 34.49 -28.81
N THR D 321 13.43 33.56 -29.68
CA THR D 321 13.04 33.89 -31.06
C THR D 321 11.54 34.19 -31.16
N VAL D 322 11.20 35.19 -31.97
CA VAL D 322 9.81 35.58 -32.19
C VAL D 322 9.34 35.24 -33.61
N GLY D 323 8.30 34.41 -33.70
CA GLY D 323 7.71 34.04 -34.99
C GLY D 323 6.64 32.96 -34.97
N SER D 324 6.52 32.27 -36.10
CA SER D 324 5.47 31.27 -36.32
C SER D 324 5.86 29.87 -35.81
N PRO D 325 4.88 29.11 -35.27
CA PRO D 325 5.08 27.72 -34.82
C PRO D 325 5.71 26.81 -35.90
N GLU D 326 5.32 27.01 -37.15
CA GLU D 326 5.92 26.27 -38.26
C GLU D 326 7.45 26.38 -38.20
N ASP D 327 7.93 27.52 -37.74
CA ASP D 327 9.35 27.81 -37.64
C ASP D 327 9.95 27.51 -36.27
N ASP D 328 9.16 26.89 -35.38
CA ASP D 328 9.64 26.47 -34.05
C ASP D 328 10.12 27.57 -33.09
N ALA D 329 9.70 28.81 -33.33
CA ALA D 329 10.08 29.94 -32.46
C ALA D 329 9.81 29.67 -30.98
N ASP D 330 10.53 30.38 -30.10
CA ASP D 330 10.32 30.28 -28.65
C ASP D 330 9.03 30.98 -28.23
N ILE D 331 8.81 32.17 -28.82
CA ILE D 331 7.64 32.98 -28.57
C ILE D 331 6.72 32.96 -29.78
N THR D 332 5.54 32.39 -29.57
CA THR D 332 4.53 32.21 -30.60
C THR D 332 3.34 33.12 -30.32
N PRO D 333 2.52 33.41 -31.36
CA PRO D 333 1.33 34.24 -31.12
C PRO D 333 0.41 33.67 -30.04
N VAL D 334 -0.18 34.54 -29.23
CA VAL D 334 -1.20 34.13 -28.28
C VAL D 334 -2.51 33.75 -28.98
N ILE D 335 -3.40 33.09 -28.23
CA ILE D 335 -4.53 32.35 -28.78
C ILE D 335 -5.47 33.15 -29.71
N ASP D 336 -5.92 34.30 -29.28
CA ASP D 336 -6.72 35.21 -30.14
C ASP D 336 -6.51 36.69 -29.76
N GLU D 337 -7.15 37.59 -30.51
CA GLU D 337 -6.99 39.03 -30.23
C GLU D 337 -7.58 39.51 -28.89
N LYS D 338 -8.63 38.84 -28.41
CA LYS D 338 -9.15 39.09 -27.06
C LYS D 338 -8.01 38.96 -26.05
N SER D 339 -7.44 37.76 -25.97
CA SER D 339 -6.26 37.50 -25.13
C SER D 339 -5.15 38.53 -25.37
N ALA D 340 -4.81 38.79 -26.64
CA ALA D 340 -3.79 39.78 -26.97
C ALA D 340 -4.04 41.11 -26.28
N ALA D 341 -5.28 41.61 -26.40
CA ALA D 341 -5.69 42.87 -25.78
C ALA D 341 -5.62 42.88 -24.25
N PHE D 342 -6.02 41.79 -23.62
CA PHE D 342 -6.04 41.70 -22.15
C PHE D 342 -4.64 41.75 -21.53
N ILE D 343 -3.67 41.16 -22.23
CA ILE D 343 -2.27 41.13 -21.82
C ILE D 343 -1.64 42.55 -21.89
N GLN D 344 -1.92 43.25 -22.99
CA GLN D 344 -1.41 44.61 -23.21
C GLN D 344 -1.92 45.55 -22.13
N GLY D 345 -3.17 45.35 -21.73
CA GLY D 345 -3.77 46.12 -20.66
C GLY D 345 -3.13 45.85 -19.32
N LEU D 346 -2.50 44.68 -19.18
CA LEU D 346 -1.76 44.34 -17.96
C LEU D 346 -0.41 45.04 -17.94
N ILE D 347 0.23 45.13 -19.11
CA ILE D 347 1.50 45.84 -19.25
C ILE D 347 1.31 47.35 -19.02
N ASP D 348 0.33 47.93 -19.71
CA ASP D 348 0.04 49.38 -19.66
C ASP D 348 -0.23 49.88 -18.25
N ASP D 349 -0.98 49.09 -17.48
CA ASP D 349 -1.28 49.41 -16.08
C ASP D 349 -0.01 49.38 -15.22
N ALA D 350 0.82 48.36 -15.41
CA ALA D 350 2.08 48.28 -14.70
C ALA D 350 2.93 49.51 -15.02
N LEU D 351 3.07 49.79 -16.32
CA LEU D 351 3.94 50.88 -16.78
C LEU D 351 3.41 52.26 -16.38
N GLU D 352 2.09 52.42 -16.39
CA GLU D 352 1.46 53.66 -15.95
C GLU D 352 1.61 53.84 -14.44
N ASN D 353 1.79 52.74 -13.72
CA ASN D 353 2.00 52.77 -12.27
C ASN D 353 3.47 52.78 -11.86
N GLY D 354 4.35 52.99 -12.84
CA GLY D 354 5.78 53.20 -12.60
C GLY D 354 6.68 51.98 -12.65
N ALA D 355 6.31 50.98 -13.45
CA ALA D 355 7.15 49.80 -13.65
C ALA D 355 8.23 50.05 -14.71
N THR D 356 9.25 49.18 -14.72
CA THR D 356 10.37 49.30 -15.63
C THR D 356 10.28 48.27 -16.75
N LEU D 357 10.28 48.75 -17.99
CA LEU D 357 10.29 47.87 -19.15
C LEU D 357 11.71 47.50 -19.49
N LEU D 358 12.01 46.20 -19.39
CA LEU D 358 13.35 45.68 -19.66
C LEU D 358 13.52 45.01 -21.02
N SER D 359 12.44 44.44 -21.54
CA SER D 359 12.50 43.76 -22.84
C SER D 359 11.19 43.90 -23.60
N GLY D 360 11.30 43.83 -24.93
CA GLY D 360 10.20 44.07 -25.87
C GLY D 360 8.77 44.14 -25.37
N ASN D 361 8.21 45.35 -25.43
CA ASN D 361 6.77 45.56 -25.25
C ASN D 361 6.06 45.39 -26.59
N LYS D 362 6.84 45.31 -27.66
CA LYS D 362 6.35 45.23 -29.04
C LYS D 362 5.41 44.04 -29.30
N ARG D 363 4.60 44.16 -30.32
CA ARG D 363 3.73 43.08 -30.71
C ARG D 363 3.43 43.17 -32.18
N GLN D 364 3.24 42.05 -32.83
CA GLN D 364 2.87 42.07 -34.22
C GLN D 364 1.66 41.25 -34.47
N GLY D 365 0.52 41.83 -34.15
CA GLY D 365 -0.75 41.25 -34.47
C GLY D 365 -1.22 40.53 -33.27
N ASN D 366 -1.17 39.22 -33.36
CA ASN D 366 -1.40 38.34 -32.20
C ASN D 366 -0.07 37.87 -31.61
N LEU D 367 1.00 38.02 -32.41
CA LEU D 367 2.36 37.78 -31.97
C LEU D 367 2.78 38.93 -31.06
N LEU D 368 3.28 38.58 -29.88
CA LEU D 368 3.57 39.55 -28.84
C LEU D 368 4.96 39.28 -28.30
N SER D 369 5.87 40.22 -28.51
CA SER D 369 7.25 40.10 -28.02
C SER D 369 7.25 39.78 -26.53
N PRO D 370 8.19 38.91 -26.07
CA PRO D 370 8.21 38.56 -24.65
C PRO D 370 8.54 39.78 -23.82
N THR D 371 7.79 39.97 -22.75
CA THR D 371 7.86 41.21 -21.98
C THR D 371 8.41 40.98 -20.57
N LEU D 372 9.49 41.69 -20.25
CA LEU D 372 10.07 41.65 -18.92
C LEU D 372 9.78 42.96 -18.20
N LEU D 373 9.22 42.86 -16.99
CA LEU D 373 8.88 44.03 -16.19
C LEU D 373 9.50 44.00 -14.79
N ASP D 374 10.28 45.03 -14.48
CA ASP D 374 10.94 45.17 -13.18
C ASP D 374 10.24 46.20 -12.30
N ASP D 375 10.58 46.17 -11.00
CA ASP D 375 10.03 47.10 -10.00
C ASP D 375 8.51 47.14 -10.07
N VAL D 376 7.92 45.95 -10.03
CA VAL D 376 6.48 45.76 -9.99
C VAL D 376 6.03 45.75 -8.52
N THR D 377 4.88 46.39 -8.25
CA THR D 377 4.36 46.55 -6.90
C THR D 377 3.11 45.67 -6.70
N PRO D 378 2.67 45.52 -5.43
CA PRO D 378 1.33 44.98 -5.17
C PRO D 378 0.22 45.85 -5.76
N ALA D 379 0.54 47.09 -6.12
CA ALA D 379 -0.42 48.02 -6.71
C ALA D 379 -0.78 47.65 -8.17
N MET D 380 0.15 46.99 -8.85
CA MET D 380 -0.02 46.67 -10.27
C MET D 380 -0.85 45.41 -10.48
N ARG D 381 -1.66 45.40 -11.53
CA ARG D 381 -2.55 44.27 -11.80
C ARG D 381 -1.78 43.00 -12.17
N VAL D 382 -0.72 43.19 -12.95
CA VAL D 382 0.13 42.09 -13.44
C VAL D 382 0.80 41.30 -12.31
N ALA D 383 0.76 41.84 -11.10
CA ALA D 383 1.33 41.16 -9.94
C ALA D 383 0.40 40.05 -9.46
N TRP D 384 -0.85 40.11 -9.90
CA TRP D 384 -1.90 39.24 -9.37
C TRP D 384 -2.65 38.48 -10.46
N GLU D 385 -3.10 39.21 -11.48
CA GLU D 385 -3.93 38.64 -12.54
C GLU D 385 -3.13 37.72 -13.47
N GLU D 386 -3.71 36.56 -13.80
CA GLU D 386 -3.06 35.59 -14.67
C GLU D 386 -3.11 36.04 -16.13
N PRO D 387 -1.96 36.49 -16.67
CA PRO D 387 -1.90 37.06 -18.01
C PRO D 387 -2.26 36.06 -19.11
N PHE D 388 -1.78 34.83 -18.95
CA PHE D 388 -1.86 33.81 -19.98
C PHE D 388 -1.26 34.35 -21.28
N GLY D 389 -0.04 34.87 -21.16
CA GLY D 389 0.71 35.51 -22.23
C GLY D 389 2.16 35.76 -21.84
N PRO D 390 3.00 36.22 -22.81
CA PRO D 390 4.45 36.29 -22.62
C PRO D 390 4.90 37.54 -21.87
N VAL D 391 4.50 37.62 -20.62
CA VAL D 391 4.83 38.75 -19.75
C VAL D 391 5.32 38.19 -18.43
N LEU D 392 6.39 38.76 -17.91
CA LEU D 392 6.93 38.32 -16.63
C LEU D 392 7.31 39.49 -15.73
N PRO D 393 6.68 39.59 -14.56
CA PRO D 393 6.94 40.65 -13.60
C PRO D 393 7.91 40.23 -12.50
N ILE D 394 8.95 41.04 -12.31
CA ILE D 394 9.89 40.87 -11.22
C ILE D 394 9.47 41.79 -10.10
N ILE D 395 9.24 41.22 -8.93
CA ILE D 395 8.93 42.01 -7.76
C ILE D 395 10.08 41.90 -6.76
N ARG D 396 10.74 43.02 -6.50
CA ARG D 396 11.83 43.08 -5.54
C ARG D 396 11.30 42.98 -4.11
N VAL D 397 11.91 42.08 -3.35
CA VAL D 397 11.51 41.80 -1.97
C VAL D 397 12.75 41.91 -1.05
N LYS D 398 12.52 42.04 0.26
CA LYS D 398 13.61 42.20 1.24
C LYS D 398 14.08 40.87 1.85
N ASP D 399 13.14 39.96 2.10
CA ASP D 399 13.46 38.65 2.69
C ASP D 399 12.44 37.57 2.29
N ALA D 400 12.60 36.38 2.87
CA ALA D 400 11.74 35.24 2.59
C ALA D 400 10.32 35.45 3.11
N ASN D 401 10.21 36.07 4.28
CA ASN D 401 8.93 36.24 4.97
C ASN D 401 7.96 37.13 4.19
N GLU D 402 8.49 38.18 3.59
CA GLU D 402 7.68 39.08 2.75
C GLU D 402 7.31 38.39 1.45
N ALA D 403 8.22 37.55 0.94
CA ALA D 403 7.95 36.77 -0.27
C ALA D 403 6.83 35.72 -0.09
N ILE D 404 6.80 35.08 1.09
CA ILE D 404 5.72 34.15 1.47
C ILE D 404 4.40 34.90 1.50
N SER D 405 4.38 35.97 2.30
CA SER D 405 3.21 36.81 2.52
C SER D 405 2.45 37.12 1.23
N LEU D 406 3.15 37.73 0.28
CA LEU D 406 2.60 38.14 -1.01
C LEU D 406 2.18 36.93 -1.84
N SER D 407 3.07 35.95 -1.94
CA SER D 407 2.77 34.68 -2.59
C SER D 407 1.42 34.16 -2.09
N ASN D 408 1.33 34.04 -0.77
CA ASN D 408 0.13 33.55 -0.11
C ASN D 408 -1.09 34.45 -0.20
N GLN D 409 -0.85 35.74 -0.47
CA GLN D 409 -1.93 36.73 -0.63
C GLN D 409 -2.81 36.53 -1.87
N SER D 410 -2.33 35.71 -2.81
CA SER D 410 -3.10 35.39 -4.01
C SER D 410 -4.28 34.45 -3.72
N ASP D 411 -5.25 34.45 -4.62
CA ASP D 411 -6.35 33.48 -4.62
C ASP D 411 -5.90 32.15 -5.26
N TYR D 412 -4.73 32.18 -5.89
CA TYR D 412 -4.14 30.99 -6.51
C TYR D 412 -3.16 30.28 -5.58
N GLY D 413 -2.97 28.99 -5.84
CA GLY D 413 -2.04 28.17 -5.06
C GLY D 413 -1.85 26.84 -5.74
N LEU D 414 -1.32 26.90 -6.96
CA LEU D 414 -1.05 25.73 -7.75
C LEU D 414 0.35 25.22 -7.37
N GLN D 415 1.39 25.87 -7.89
CA GLN D 415 2.78 25.46 -7.67
C GLN D 415 3.72 26.63 -7.36
N ALA D 416 4.87 26.34 -6.75
CA ALA D 416 5.87 27.36 -6.45
C ALA D 416 7.31 26.86 -6.70
N SER D 417 8.26 27.79 -6.77
CA SER D 417 9.68 27.48 -6.89
C SER D 417 10.49 28.31 -5.89
N ILE D 418 11.26 27.64 -5.04
CA ILE D 418 12.13 28.32 -4.09
C ILE D 418 13.57 28.05 -4.46
N PHE D 419 14.31 29.11 -4.79
CA PHE D 419 15.69 28.99 -5.23
C PHE D 419 16.69 29.44 -4.18
N THR D 420 17.49 28.49 -3.72
CA THR D 420 18.51 28.74 -2.71
C THR D 420 19.48 27.56 -2.68
N LYS D 421 20.73 27.81 -2.29
CA LYS D 421 21.68 26.73 -2.06
C LYS D 421 21.34 26.01 -0.77
N ASP D 422 20.75 26.75 0.18
CA ASP D 422 20.27 26.18 1.43
C ASP D 422 18.97 25.43 1.15
N THR D 423 19.01 24.11 1.29
CA THR D 423 17.86 23.26 0.96
C THR D 423 16.94 23.04 2.17
N ASP D 424 17.48 23.06 3.37
CA ASP D 424 16.67 22.96 4.60
C ASP D 424 15.69 24.12 4.76
N ARG D 425 16.17 25.34 4.46
CA ARG D 425 15.33 26.54 4.54
C ARG D 425 14.22 26.54 3.48
N ALA D 426 14.55 26.09 2.27
CA ALA D 426 13.60 25.98 1.16
C ALA D 426 12.45 25.00 1.45
N ILE D 427 12.75 23.94 2.19
CA ILE D 427 11.74 23.00 2.65
C ILE D 427 10.90 23.66 3.74
N ASN D 428 11.56 24.40 4.62
CA ASN D 428 10.89 25.15 5.69
C ASN D 428 10.01 26.26 5.14
N ILE D 429 10.46 26.94 4.08
CA ILE D 429 9.62 27.93 3.41
C ILE D 429 8.44 27.22 2.75
N GLY D 430 8.76 26.22 1.93
CA GLY D 430 7.77 25.44 1.19
C GLY D 430 6.57 25.01 2.01
N LYS D 431 6.83 24.65 3.26
CA LYS D 431 5.78 24.22 4.18
C LYS D 431 4.83 25.36 4.52
N HIS D 432 5.27 26.57 4.30
CA HIS D 432 4.49 27.72 4.69
C HIS D 432 3.72 28.29 3.53
N LEU D 433 3.91 27.72 2.37
CA LEU D 433 3.23 28.17 1.17
C LEU D 433 1.94 27.40 0.93
N GLU D 434 0.86 28.15 0.66
CA GLU D 434 -0.43 27.54 0.35
C GLU D 434 -0.52 27.19 -1.15
N VAL D 435 0.26 26.18 -1.55
CA VAL D 435 0.24 25.65 -2.92
C VAL D 435 0.09 24.13 -2.89
N GLY D 436 -0.03 23.51 -4.06
CA GLY D 436 -0.10 22.05 -4.14
C GLY D 436 1.28 21.43 -4.15
N THR D 437 2.15 22.01 -4.97
CA THR D 437 3.48 21.47 -5.25
C THR D 437 4.55 22.55 -5.15
N VAL D 438 5.64 22.22 -4.46
CA VAL D 438 6.76 23.12 -4.29
C VAL D 438 7.94 22.54 -5.07
N HIS D 439 8.61 23.37 -5.86
CA HIS D 439 9.78 22.97 -6.64
C HIS D 439 11.06 23.60 -6.11
N ILE D 440 11.92 22.82 -5.47
CA ILE D 440 13.22 23.32 -5.01
C ILE D 440 14.19 23.45 -6.20
N ASN D 441 14.79 24.63 -6.34
CA ASN D 441 15.83 24.89 -7.35
C ASN D 441 15.45 24.44 -8.76
N ALA D 442 14.16 24.48 -9.05
CA ALA D 442 13.65 24.16 -10.38
C ALA D 442 12.32 24.84 -10.64
N LYS D 443 12.02 25.07 -11.91
CA LYS D 443 10.74 25.67 -12.32
C LYS D 443 9.56 24.79 -11.96
N THR D 444 8.36 25.34 -12.13
CA THR D 444 7.13 24.60 -11.91
C THR D 444 6.69 23.91 -13.19
N GLU D 445 6.18 22.68 -13.04
CA GLU D 445 5.62 21.92 -14.16
C GLU D 445 4.65 20.85 -13.72
N ARG D 446 3.70 20.53 -14.61
CA ARG D 446 2.76 19.45 -14.38
C ARG D 446 3.51 18.12 -14.43
N GLY D 447 4.40 17.96 -15.42
CA GLY D 447 5.23 16.75 -15.55
C GLY D 447 6.17 16.52 -14.38
N PRO D 448 6.66 15.27 -14.19
CA PRO D 448 6.26 14.03 -14.88
C PRO D 448 4.93 13.52 -14.33
N ASP D 449 4.11 12.96 -15.22
CA ASP D 449 2.68 12.81 -14.97
C ASP D 449 2.27 11.78 -13.89
N HIS D 450 3.25 11.09 -13.30
CA HIS D 450 2.98 10.16 -12.21
C HIS D 450 3.16 10.85 -10.86
N PHE D 451 3.55 12.13 -10.93
CA PHE D 451 3.58 12.99 -9.76
C PHE D 451 2.19 13.51 -9.50
N PRO D 452 1.74 13.51 -8.23
CA PRO D 452 0.47 14.12 -7.88
C PRO D 452 0.40 15.53 -8.42
N PHE D 453 -0.78 15.91 -8.92
CA PHE D 453 -1.00 17.26 -9.40
C PHE D 453 -2.29 17.83 -8.84
N LEU D 454 -2.19 18.96 -8.13
CA LEU D 454 -3.35 19.63 -7.55
C LEU D 454 -3.06 21.11 -7.27
N GLY D 455 -4.07 21.95 -7.46
CA GLY D 455 -4.03 23.32 -6.98
C GLY D 455 -4.93 23.47 -5.78
N VAL D 456 -4.59 24.39 -4.87
CA VAL D 456 -5.47 24.71 -3.74
C VAL D 456 -6.05 26.11 -3.91
N LYS D 457 -6.94 26.50 -2.99
CA LYS D 457 -7.81 27.67 -3.16
C LYS D 457 -8.46 27.71 -4.57
N LYS D 458 -8.43 28.85 -5.24
CA LYS D 458 -9.15 28.98 -6.51
C LYS D 458 -8.48 28.30 -7.71
N SER D 459 -7.36 27.63 -7.47
CA SER D 459 -6.57 27.03 -8.56
C SER D 459 -7.05 25.65 -9.04
N GLY D 460 -7.84 24.99 -8.22
CA GLY D 460 -8.30 23.68 -8.59
C GLY D 460 -9.13 23.03 -7.51
N LEU D 461 -9.58 21.81 -7.80
CA LEU D 461 -10.39 21.04 -6.89
C LEU D 461 -10.09 19.57 -7.20
N GLY D 462 -9.76 18.81 -6.16
CA GLY D 462 -9.37 17.41 -6.31
C GLY D 462 -7.92 17.23 -6.75
N VAL D 463 -7.56 16.00 -7.07
CA VAL D 463 -6.17 15.65 -7.36
C VAL D 463 -6.06 14.88 -8.65
N GLN D 464 -4.89 14.99 -9.26
CA GLN D 464 -4.57 14.23 -10.44
C GLN D 464 -3.17 13.71 -10.49
N GLY D 465 -2.77 13.25 -11.65
CA GLY D 465 -1.58 12.45 -11.81
C GLY D 465 -2.12 11.16 -12.37
N ILE D 466 -1.25 10.19 -12.62
CA ILE D 466 -1.70 8.89 -13.13
C ILE D 466 -2.56 8.16 -12.09
N LYS D 467 -1.93 7.72 -10.99
CA LYS D 467 -2.62 6.98 -9.93
C LYS D 467 -3.83 7.76 -9.38
N PRO D 468 -3.64 9.04 -8.96
CA PRO D 468 -4.76 9.75 -8.29
C PRO D 468 -5.96 10.08 -9.19
N SER D 469 -5.72 10.24 -10.49
CA SER D 469 -6.79 10.34 -11.47
C SER D 469 -7.59 9.04 -11.49
N LEU D 470 -6.90 7.90 -11.46
CA LEU D 470 -7.57 6.61 -11.47
C LEU D 470 -8.53 6.45 -10.28
N LEU D 471 -8.10 6.84 -9.08
CA LEU D 471 -8.90 6.75 -7.85
C LEU D 471 -10.11 7.67 -7.94
N SER D 472 -9.91 8.85 -8.52
CA SER D 472 -10.96 9.84 -8.63
C SER D 472 -12.06 9.43 -9.64
N MET D 473 -11.72 8.51 -10.54
CA MET D 473 -12.71 8.02 -11.50
C MET D 473 -13.45 6.76 -11.01
N THR D 474 -13.30 6.45 -9.71
CA THR D 474 -13.77 5.20 -9.11
C THR D 474 -14.25 5.37 -7.64
N ARG D 475 -14.89 4.33 -7.11
CA ARG D 475 -15.34 4.37 -5.71
C ARG D 475 -15.15 3.00 -5.11
N GLU D 476 -15.08 2.95 -3.78
CA GLU D 476 -15.06 1.69 -3.07
C GLU D 476 -16.31 0.87 -3.38
N ARG D 477 -16.08 -0.42 -3.58
CA ARG D 477 -17.14 -1.37 -3.77
C ARG D 477 -16.87 -2.47 -2.78
N VAL D 478 -17.62 -2.48 -1.68
CA VAL D 478 -17.42 -3.45 -0.60
C VAL D 478 -18.38 -4.65 -0.68
N THR D 479 -17.82 -5.86 -0.58
CA THR D 479 -18.63 -7.07 -0.37
C THR D 479 -18.23 -7.70 0.96
N VAL D 480 -19.21 -7.98 1.81
CA VAL D 480 -18.97 -8.49 3.16
C VAL D 480 -19.52 -9.92 3.27
N LEU D 481 -18.64 -10.88 3.58
CA LEU D 481 -19.04 -12.29 3.65
C LEU D 481 -19.04 -12.80 5.09
N ASN D 482 -19.75 -13.90 5.32
CA ASN D 482 -19.56 -14.69 6.53
C ASN D 482 -18.50 -15.75 6.27
N LEU D 483 -17.67 -16.02 7.27
CA LEU D 483 -16.73 -17.13 7.18
C LEU D 483 -17.22 -18.21 8.11
N ALA D 484 -17.12 -19.47 7.67
CA ALA D 484 -17.34 -20.62 8.54
C ALA D 484 -16.27 -20.64 9.64
N GLU D 485 -16.61 -21.16 10.80
CA GLU D 485 -15.66 -21.17 11.92
C GLU D 485 -15.17 -22.57 12.32
N ASN D 486 -16.05 -23.56 12.20
CA ASN D 486 -15.75 -24.95 12.53
C ASN D 486 -16.20 -25.94 11.46
N LEU D 487 -15.27 -26.82 11.08
CA LEU D 487 -15.62 -28.03 10.36
C LEU D 487 -15.22 -29.18 11.29
N TYR D 488 -14.03 -29.05 11.89
CA TYR D 488 -13.46 -30.05 12.78
C TYR D 488 -14.22 -30.13 14.10
PA NAP E . -32.36 17.23 7.62
O1A NAP E . -33.28 18.35 7.31
O2A NAP E . -31.44 16.96 6.50
O5B NAP E . -31.55 17.54 8.96
C5B NAP E . -30.22 17.08 9.09
C4B NAP E . -29.23 18.14 9.61
O4B NAP E . -29.05 19.21 8.69
C3B NAP E . -29.65 18.76 10.91
O3B NAP E . -28.46 18.96 11.64
C2B NAP E . -30.26 20.08 10.44
O2B NAP E . -30.40 21.05 11.45
C1B NAP E . -29.31 20.45 9.32
N9A NAP E . -29.89 21.33 8.30
C8A NAP E . -31.21 21.55 8.03
N7A NAP E . -31.30 22.42 6.99
C5A NAP E . -30.05 22.73 6.60
C6A NAP E . -29.58 23.57 5.59
N6A NAP E . -30.44 24.22 4.82
N1A NAP E . -28.22 23.69 5.41
C2A NAP E . -27.34 23.00 6.23
N3A NAP E . -27.82 22.18 7.23
C4A NAP E . -29.15 22.05 7.41
O3 NAP E . -33.18 15.89 7.94
PN NAP E . -33.36 15.10 9.31
O1N NAP E . -34.72 14.25 9.11
O2N NAP E . -32.22 14.15 9.46
O5D NAP E . -33.63 16.15 10.32
P2B NAP E . -31.79 21.10 12.26
O1X NAP E . -31.76 22.31 13.17
O2X NAP E . -31.96 19.88 13.12
O3X NAP E . -32.95 21.17 11.30
S SO4 F . -24.66 0.44 12.31
O1 SO4 F . -24.51 1.89 12.43
O2 SO4 F . -25.25 0.13 11.02
O3 SO4 F . -23.34 -0.19 12.44
O4 SO4 F . -25.53 -0.04 13.37
PA NAP G . 26.57 -13.53 21.96
O1A NAP G . 27.76 -13.94 22.74
O2A NAP G . 26.68 -13.94 20.55
O5B NAP G . 25.24 -14.16 22.61
C5B NAP G . 24.00 -13.97 21.95
C4B NAP G . 23.03 -15.13 22.22
O4B NAP G . 23.38 -16.30 21.48
C3B NAP G . 23.03 -15.51 23.68
O3B NAP G . 21.68 -15.68 24.05
C2B NAP G . 23.78 -16.83 23.69
O2B NAP G . 23.51 -17.68 24.78
C1B NAP G . 23.36 -17.41 22.36
N9A NAP G . 24.29 -18.47 21.91
C8A NAP G . 25.56 -18.73 22.37
N7A NAP G . 26.06 -19.78 21.69
C5A NAP G . 25.14 -20.20 20.79
C6A NAP G . 25.15 -21.23 19.85
N6A NAP G . 26.20 -22.01 19.71
N1A NAP G . 24.03 -21.42 19.06
C2A NAP G . 22.93 -20.60 19.20
N3A NAP G . 22.92 -19.59 20.14
C4A NAP G . 24.02 -19.39 20.91
O3 NAP G . 26.36 -11.93 22.13
PN NAP G . 26.11 -11.03 23.45
O1N NAP G . 27.59 -10.94 24.08
O2N NAP G . 25.71 -9.66 23.09
O5D NAP G . 25.25 -11.81 24.39
P2B NAP G . 24.51 -17.66 26.05
O1X NAP G . 24.12 -18.72 27.05
O2X NAP G . 24.43 -16.31 26.70
O3X NAP G . 25.92 -17.92 25.59
S SO4 H . 18.43 2.90 20.89
O1 SO4 H . 18.97 4.21 21.25
O2 SO4 H . 17.14 3.11 20.23
O3 SO4 H . 19.34 2.22 19.98
O4 SO4 H . 18.26 2.09 22.10
PA NAP I . 17.87 -30.63 -10.03
O1A NAP I . 18.37 -31.91 -10.56
O2A NAP I . 17.93 -30.61 -8.57
O5B NAP I . 18.76 -29.43 -10.64
C5B NAP I . 18.33 -28.09 -10.58
C4B NAP I . 19.46 -27.14 -10.96
O4B NAP I . 20.49 -27.15 -9.98
C3B NAP I . 20.13 -27.51 -12.26
O3B NAP I . 20.54 -26.31 -12.90
C2B NAP I . 21.34 -28.30 -11.79
O2B NAP I . 22.34 -28.39 -12.76
C1B NAP I . 21.74 -27.55 -10.53
N9A NAP I . 22.45 -28.33 -9.49
C8A NAP I . 22.60 -29.70 -9.38
N7A NAP I . 23.32 -29.96 -8.26
C5A NAP I . 23.64 -28.80 -7.66
C6A NAP I . 24.35 -28.49 -6.50
N6A NAP I . 24.88 -29.44 -5.75
N1A NAP I . 24.51 -27.17 -6.12
C2A NAP I . 23.95 -26.16 -6.89
N3A NAP I . 23.25 -26.47 -8.04
C4A NAP I . 23.09 -27.76 -8.42
O3 NAP I . 16.38 -30.35 -10.56
PN NAP I . 15.57 -30.95 -11.81
O1N NAP I . 15.81 -32.54 -11.61
O2N NAP I . 14.13 -30.67 -11.61
O5D NAP I . 16.22 -30.52 -13.07
P2B NAP I . 22.52 -29.79 -13.51
O1X NAP I . 23.96 -29.87 -13.92
O2X NAP I . 21.64 -29.84 -14.74
O3X NAP I . 22.20 -30.94 -12.60
S SO4 J . 1.67 -23.11 -14.75
O1 SO4 J . 1.12 -21.92 -14.12
O2 SO4 J . 1.66 -22.92 -16.20
O3 SO4 J . 3.02 -23.38 -14.29
O4 SO4 J . 0.83 -24.26 -14.43
PA NAP K . -12.27 28.31 -20.85
O1A NAP K . -13.32 29.27 -21.29
O2A NAP K . -12.41 28.03 -19.41
O5B NAP K . -12.39 26.95 -21.71
C5B NAP K . -12.32 25.71 -21.05
C4B NAP K . -13.37 24.77 -21.63
O4B NAP K . -14.63 24.95 -21.03
C3B NAP K . -13.56 25.01 -23.12
O3B NAP K . -13.65 23.73 -23.69
C2B NAP K . -14.90 25.69 -23.21
O2B NAP K . -15.56 25.43 -24.44
C1B NAP K . -15.62 25.08 -22.03
N9A NAP K . -16.74 25.91 -21.55
C8A NAP K . -16.96 27.24 -21.75
N7A NAP K . -18.12 27.59 -21.14
C5A NAP K . -18.64 26.49 -20.54
C6A NAP K . -19.79 26.28 -19.79
N6A NAP K . -20.63 27.26 -19.52
N1A NAP K . -20.05 25.01 -19.31
C2A NAP K . -19.18 23.97 -19.58
N3A NAP K . -18.05 24.19 -20.33
C4A NAP K . -17.79 25.43 -20.80
O3 NAP K . -10.80 28.86 -21.22
PN NAP K . -9.50 28.12 -21.79
O1N NAP K . -8.79 29.28 -22.67
O2N NAP K . -8.59 27.77 -20.67
O5D NAP K . -9.90 27.06 -22.75
P2B NAP K . -15.45 26.45 -25.67
O1X NAP K . -15.85 25.74 -26.93
O2X NAP K . -14.02 26.93 -25.79
O3X NAP K . -16.33 27.64 -25.46
S SO4 L . 4.52 20.58 -18.44
O1 SO4 L . 3.08 20.50 -18.33
O2 SO4 L . 4.88 21.07 -19.78
O3 SO4 L . 4.98 21.51 -17.42
O4 SO4 L . 5.16 19.29 -18.22
#